data_6UAB
# 
_entry.id   6UAB 
# 
_audit_conform.dict_name       mmcif_pdbx.dic 
_audit_conform.dict_version    5.399 
_audit_conform.dict_location   http://mmcif.pdb.org/dictionaries/ascii/mmcif_pdbx.dic 
# 
loop_
_database_2.database_id 
_database_2.database_code 
_database_2.pdbx_database_accession 
_database_2.pdbx_DOI 
PDB   6UAB         pdb_00006uab 10.2210/pdb6uab/pdb 
WWPDB D_1000244271 ?            ?                   
# 
loop_
_pdbx_audit_revision_history.ordinal 
_pdbx_audit_revision_history.data_content_type 
_pdbx_audit_revision_history.major_revision 
_pdbx_audit_revision_history.minor_revision 
_pdbx_audit_revision_history.revision_date 
1 'Structure model' 1 0 2020-09-16 
2 'Structure model' 1 1 2024-12-25 
# 
_pdbx_audit_revision_details.ordinal             1 
_pdbx_audit_revision_details.revision_ordinal    1 
_pdbx_audit_revision_details.data_content_type   'Structure model' 
_pdbx_audit_revision_details.provider            repository 
_pdbx_audit_revision_details.type                'Initial release' 
_pdbx_audit_revision_details.description         ? 
_pdbx_audit_revision_details.details             ? 
# 
loop_
_pdbx_audit_revision_group.ordinal 
_pdbx_audit_revision_group.revision_ordinal 
_pdbx_audit_revision_group.data_content_type 
_pdbx_audit_revision_group.group 
1 2 'Structure model' Advisory               
2 2 'Structure model' 'Data collection'      
3 2 'Structure model' 'Database references'  
4 2 'Structure model' 'Derived calculations' 
5 2 'Structure model' 'Structure summary'    
# 
loop_
_pdbx_audit_revision_category.ordinal 
_pdbx_audit_revision_category.revision_ordinal 
_pdbx_audit_revision_category.data_content_type 
_pdbx_audit_revision_category.category 
1 2 'Structure model' chem_comp_atom              
2 2 'Structure model' chem_comp_bond              
3 2 'Structure model' database_2                  
4 2 'Structure model' pdbx_entry_details          
5 2 'Structure model' pdbx_modification_feature   
6 2 'Structure model' pdbx_validate_close_contact 
7 2 'Structure model' struct_conn                 
# 
loop_
_pdbx_audit_revision_item.ordinal 
_pdbx_audit_revision_item.revision_ordinal 
_pdbx_audit_revision_item.data_content_type 
_pdbx_audit_revision_item.item 
1 2 'Structure model' '_database_2.pdbx_DOI'                         
2 2 'Structure model' '_database_2.pdbx_database_accession'          
3 2 'Structure model' '_pdbx_entry_details.has_protein_modification' 
# 
_pdbx_database_status.status_code                     REL 
_pdbx_database_status.status_code_sf                  REL 
_pdbx_database_status.status_code_mr                  ? 
_pdbx_database_status.entry_id                        6UAB 
_pdbx_database_status.recvd_initial_deposition_date   2019-09-10 
_pdbx_database_status.SG_entry                        N 
_pdbx_database_status.deposit_site                    RCSB 
_pdbx_database_status.process_site                    RCSB 
_pdbx_database_status.status_code_cs                  ? 
_pdbx_database_status.methods_development_category    ? 
_pdbx_database_status.pdb_format_compatible           Y 
_pdbx_database_status.status_code_nmr_data            ? 
# 
loop_
_audit_author.name 
_audit_author.pdbx_ordinal 
_audit_author.identifier_ORCID 
'Mandal, T.'    1 ? 
'Grant, R.A.'   2 ? 
'Keating, A.E.' 3 ? 
# 
_citation.abstract                  ? 
_citation.abstract_id_CAS           ? 
_citation.book_id_ISBN              ? 
_citation.book_publisher            ? 
_citation.book_publisher_city       ? 
_citation.book_title                ? 
_citation.coordinate_linkage        ? 
_citation.country                   ? 
_citation.database_id_Medline       ? 
_citation.details                   ? 
_citation.id                        primary 
_citation.journal_abbrev            'To Be Published' 
_citation.journal_id_ASTM           ? 
_citation.journal_id_CSD            0353 
_citation.journal_id_ISSN           ? 
_citation.journal_full              ? 
_citation.journal_issue             ? 
_citation.journal_volume            ? 
_citation.language                  ? 
_citation.page_first                ? 
_citation.page_last                 ? 
_citation.title                     
'Inhibitor peptides against Mcl-1 containing non-natural amino acids show potent apoptotic response.' 
_citation.year                      ? 
_citation.database_id_CSD           ? 
_citation.pdbx_database_id_DOI      ? 
_citation.pdbx_database_id_PubMed   ? 
_citation.unpublished_flag          ? 
# 
loop_
_citation_author.citation_id 
_citation_author.name 
_citation_author.ordinal 
_citation_author.identifier_ORCID 
primary 'Mandal, T.'    1 ? 
primary 'Grant, R.A.'   2 ? 
primary 'Keating, A.E.' 3 ? 
# 
loop_
_entity.id 
_entity.type 
_entity.src_method 
_entity.pdbx_description 
_entity.formula_weight 
_entity.pdbx_number_of_molecules 
_entity.pdbx_ec 
_entity.pdbx_mutation 
_entity.pdbx_fragment 
_entity.details 
1 polymer     man 'Induced myeloid leukemia cell differentiation protein Mcl-1' 17823.258 1  ? ? ? ? 
2 polymer     syn 'modified unnatural Bim BH3 peptide'                          2520.874  1  ? ? ? ? 
3 non-polymer syn ADAMANTANE                                                    136.234   1  ? ? ? ? 
4 water       nat water                                                         18.015    67 ? ? ? ? 
# 
_entity_name_com.entity_id   1 
_entity_name_com.name        'Bcl-2-like protein 3,Bcl2-L-3,Bcl-2-related protein EAT/mcl1,mcl1/EAT' 
# 
loop_
_entity_poly.entity_id 
_entity_poly.type 
_entity_poly.nstd_linkage 
_entity_poly.nstd_monomer 
_entity_poly.pdbx_seq_one_letter_code 
_entity_poly.pdbx_seq_one_letter_code_can 
_entity_poly.pdbx_strand_id 
_entity_poly.pdbx_target_identifier 
1 'polypeptide(L)' no no  
;GSDELYRQSLEIISRYLREQATGAKDTKPMGRSGATSRKALETLRRVGDGVQRNHETAFQGMLRKLDIKNEDDVKSLSRV
MIHVFSDGVTNWGRIVTLISFGAFVAKHLKTINQESCIEPLAESITDVLVRTKRDWLVKQRGWDGFVEFFHVEDLE
;
;GSDELYRQSLEIISRYLREQATGAKDTKPMGRSGATSRKALETLRRVGDGVQRNHETAFQGMLRKLDIKNEDDVKSLSRV
MIHVFSDGVTNWGRIVTLISFGAFVAKHLKTINQESCIEPLAESITDVLVRTKRDWLVKQRGWDGFVEFFHVEDLE
;
A ? 
2 'polypeptide(L)' no yes '(ACE)IW(NLE)(AIB)QGGRRLGDEINAYYARR(NH2)' XIWLAQGGRRLGDEINAYYARRX B ? 
# 
loop_
_pdbx_entity_nonpoly.entity_id 
_pdbx_entity_nonpoly.name 
_pdbx_entity_nonpoly.comp_id 
3 ADAMANTANE ADM 
4 water      HOH 
# 
loop_
_entity_poly_seq.entity_id 
_entity_poly_seq.num 
_entity_poly_seq.mon_id 
_entity_poly_seq.hetero 
1 1   GLY n 
1 2   SER n 
1 3   ASP n 
1 4   GLU n 
1 5   LEU n 
1 6   TYR n 
1 7   ARG n 
1 8   GLN n 
1 9   SER n 
1 10  LEU n 
1 11  GLU n 
1 12  ILE n 
1 13  ILE n 
1 14  SER n 
1 15  ARG n 
1 16  TYR n 
1 17  LEU n 
1 18  ARG n 
1 19  GLU n 
1 20  GLN n 
1 21  ALA n 
1 22  THR n 
1 23  GLY n 
1 24  ALA n 
1 25  LYS n 
1 26  ASP n 
1 27  THR n 
1 28  LYS n 
1 29  PRO n 
1 30  MET n 
1 31  GLY n 
1 32  ARG n 
1 33  SER n 
1 34  GLY n 
1 35  ALA n 
1 36  THR n 
1 37  SER n 
1 38  ARG n 
1 39  LYS n 
1 40  ALA n 
1 41  LEU n 
1 42  GLU n 
1 43  THR n 
1 44  LEU n 
1 45  ARG n 
1 46  ARG n 
1 47  VAL n 
1 48  GLY n 
1 49  ASP n 
1 50  GLY n 
1 51  VAL n 
1 52  GLN n 
1 53  ARG n 
1 54  ASN n 
1 55  HIS n 
1 56  GLU n 
1 57  THR n 
1 58  ALA n 
1 59  PHE n 
1 60  GLN n 
1 61  GLY n 
1 62  MET n 
1 63  LEU n 
1 64  ARG n 
1 65  LYS n 
1 66  LEU n 
1 67  ASP n 
1 68  ILE n 
1 69  LYS n 
1 70  ASN n 
1 71  GLU n 
1 72  ASP n 
1 73  ASP n 
1 74  VAL n 
1 75  LYS n 
1 76  SER n 
1 77  LEU n 
1 78  SER n 
1 79  ARG n 
1 80  VAL n 
1 81  MET n 
1 82  ILE n 
1 83  HIS n 
1 84  VAL n 
1 85  PHE n 
1 86  SER n 
1 87  ASP n 
1 88  GLY n 
1 89  VAL n 
1 90  THR n 
1 91  ASN n 
1 92  TRP n 
1 93  GLY n 
1 94  ARG n 
1 95  ILE n 
1 96  VAL n 
1 97  THR n 
1 98  LEU n 
1 99  ILE n 
1 100 SER n 
1 101 PHE n 
1 102 GLY n 
1 103 ALA n 
1 104 PHE n 
1 105 VAL n 
1 106 ALA n 
1 107 LYS n 
1 108 HIS n 
1 109 LEU n 
1 110 LYS n 
1 111 THR n 
1 112 ILE n 
1 113 ASN n 
1 114 GLN n 
1 115 GLU n 
1 116 SER n 
1 117 CYS n 
1 118 ILE n 
1 119 GLU n 
1 120 PRO n 
1 121 LEU n 
1 122 ALA n 
1 123 GLU n 
1 124 SER n 
1 125 ILE n 
1 126 THR n 
1 127 ASP n 
1 128 VAL n 
1 129 LEU n 
1 130 VAL n 
1 131 ARG n 
1 132 THR n 
1 133 LYS n 
1 134 ARG n 
1 135 ASP n 
1 136 TRP n 
1 137 LEU n 
1 138 VAL n 
1 139 LYS n 
1 140 GLN n 
1 141 ARG n 
1 142 GLY n 
1 143 TRP n 
1 144 ASP n 
1 145 GLY n 
1 146 PHE n 
1 147 VAL n 
1 148 GLU n 
1 149 PHE n 
1 150 PHE n 
1 151 HIS n 
1 152 VAL n 
1 153 GLU n 
1 154 ASP n 
1 155 LEU n 
1 156 GLU n 
2 1   ACE n 
2 2   ILE n 
2 3   TRP n 
2 4   NLE n 
2 5   AIB n 
2 6   GLN n 
2 7   GLY n 
2 8   GLY n 
2 9   ARG n 
2 10  ARG n 
2 11  LEU n 
2 12  GLY n 
2 13  ASP n 
2 14  GLU n 
2 15  ILE n 
2 16  ASN n 
2 17  ALA n 
2 18  TYR n 
2 19  TYR n 
2 20  ALA n 
2 21  ARG n 
2 22  ARG n 
2 23  NH2 n 
# 
_entity_src_gen.entity_id                          1 
_entity_src_gen.pdbx_src_id                        1 
_entity_src_gen.pdbx_alt_source_flag               sample 
_entity_src_gen.pdbx_seq_type                      'Biological sequence' 
_entity_src_gen.pdbx_beg_seq_num                   1 
_entity_src_gen.pdbx_end_seq_num                   156 
_entity_src_gen.gene_src_common_name               Human 
_entity_src_gen.gene_src_genus                     ? 
_entity_src_gen.pdbx_gene_src_gene                 'MCL1, BCL2L3' 
_entity_src_gen.gene_src_species                   ? 
_entity_src_gen.gene_src_strain                    ? 
_entity_src_gen.gene_src_tissue                    ? 
_entity_src_gen.gene_src_tissue_fraction           ? 
_entity_src_gen.gene_src_details                   ? 
_entity_src_gen.pdbx_gene_src_fragment             ? 
_entity_src_gen.pdbx_gene_src_scientific_name      'Homo sapiens' 
_entity_src_gen.pdbx_gene_src_ncbi_taxonomy_id     9606 
_entity_src_gen.pdbx_gene_src_variant              ? 
_entity_src_gen.pdbx_gene_src_cell_line            ? 
_entity_src_gen.pdbx_gene_src_atcc                 ? 
_entity_src_gen.pdbx_gene_src_organ                ? 
_entity_src_gen.pdbx_gene_src_organelle            ? 
_entity_src_gen.pdbx_gene_src_cell                 ? 
_entity_src_gen.pdbx_gene_src_cellular_location    ? 
_entity_src_gen.host_org_common_name               ? 
_entity_src_gen.pdbx_host_org_scientific_name      'Escherichia coli' 
_entity_src_gen.pdbx_host_org_ncbi_taxonomy_id     562 
_entity_src_gen.host_org_genus                     ? 
_entity_src_gen.pdbx_host_org_gene                 ? 
_entity_src_gen.pdbx_host_org_organ                ? 
_entity_src_gen.host_org_species                   ? 
_entity_src_gen.pdbx_host_org_tissue               ? 
_entity_src_gen.pdbx_host_org_tissue_fraction      ? 
_entity_src_gen.pdbx_host_org_strain               ? 
_entity_src_gen.pdbx_host_org_variant              ? 
_entity_src_gen.pdbx_host_org_cell_line            ? 
_entity_src_gen.pdbx_host_org_atcc                 ? 
_entity_src_gen.pdbx_host_org_culture_collection   ? 
_entity_src_gen.pdbx_host_org_cell                 ? 
_entity_src_gen.pdbx_host_org_organelle            ? 
_entity_src_gen.pdbx_host_org_cellular_location    ? 
_entity_src_gen.pdbx_host_org_vector_type          ? 
_entity_src_gen.pdbx_host_org_vector               ? 
_entity_src_gen.host_org_details                   ? 
_entity_src_gen.expression_system_id               ? 
_entity_src_gen.plasmid_name                       ? 
_entity_src_gen.plasmid_details                    ? 
_entity_src_gen.pdbx_description                   ? 
# 
_pdbx_entity_src_syn.entity_id              2 
_pdbx_entity_src_syn.pdbx_src_id            1 
_pdbx_entity_src_syn.pdbx_alt_source_flag   sample 
_pdbx_entity_src_syn.pdbx_beg_seq_num       1 
_pdbx_entity_src_syn.pdbx_end_seq_num       23 
_pdbx_entity_src_syn.organism_scientific    'Homo sapiens' 
_pdbx_entity_src_syn.organism_common_name   ? 
_pdbx_entity_src_syn.ncbi_taxonomy_id       9606 
_pdbx_entity_src_syn.details                ? 
# 
loop_
_chem_comp.id 
_chem_comp.type 
_chem_comp.mon_nstd_flag 
_chem_comp.name 
_chem_comp.pdbx_synonyms 
_chem_comp.formula 
_chem_comp.formula_weight 
ACE non-polymer         . 'ACETYL GROUP'               ? 'C2 H4 O'        44.053  
ADM non-polymer         . ADAMANTANE                   ? 'C10 H16'        136.234 
AIB 'L-peptide linking' n 'ALPHA-AMINOISOBUTYRIC ACID' ? 'C4 H9 N O2'     103.120 
ALA 'L-peptide linking' y ALANINE                      ? 'C3 H7 N O2'     89.093  
ARG 'L-peptide linking' y ARGININE                     ? 'C6 H15 N4 O2 1' 175.209 
ASN 'L-peptide linking' y ASPARAGINE                   ? 'C4 H8 N2 O3'    132.118 
ASP 'L-peptide linking' y 'ASPARTIC ACID'              ? 'C4 H7 N O4'     133.103 
CYS 'L-peptide linking' y CYSTEINE                     ? 'C3 H7 N O2 S'   121.158 
GLN 'L-peptide linking' y GLUTAMINE                    ? 'C5 H10 N2 O3'   146.144 
GLU 'L-peptide linking' y 'GLUTAMIC ACID'              ? 'C5 H9 N O4'     147.129 
GLY 'peptide linking'   y GLYCINE                      ? 'C2 H5 N O2'     75.067  
HIS 'L-peptide linking' y HISTIDINE                    ? 'C6 H10 N3 O2 1' 156.162 
HOH non-polymer         . WATER                        ? 'H2 O'           18.015  
ILE 'L-peptide linking' y ISOLEUCINE                   ? 'C6 H13 N O2'    131.173 
LEU 'L-peptide linking' y LEUCINE                      ? 'C6 H13 N O2'    131.173 
LYS 'L-peptide linking' y LYSINE                       ? 'C6 H15 N2 O2 1' 147.195 
MET 'L-peptide linking' y METHIONINE                   ? 'C5 H11 N O2 S'  149.211 
NH2 non-polymer         . 'AMINO GROUP'                ? 'H2 N'           16.023  
NLE 'L-peptide linking' n NORLEUCINE                   ? 'C6 H13 N O2'    131.173 
PHE 'L-peptide linking' y PHENYLALANINE                ? 'C9 H11 N O2'    165.189 
PRO 'L-peptide linking' y PROLINE                      ? 'C5 H9 N O2'     115.130 
SER 'L-peptide linking' y SERINE                       ? 'C3 H7 N O3'     105.093 
THR 'L-peptide linking' y THREONINE                    ? 'C4 H9 N O3'     119.119 
TRP 'L-peptide linking' y TRYPTOPHAN                   ? 'C11 H12 N2 O2'  204.225 
TYR 'L-peptide linking' y TYROSINE                     ? 'C9 H11 N O3'    181.189 
VAL 'L-peptide linking' y VALINE                       ? 'C5 H11 N O2'    117.146 
# 
loop_
_pdbx_poly_seq_scheme.asym_id 
_pdbx_poly_seq_scheme.entity_id 
_pdbx_poly_seq_scheme.seq_id 
_pdbx_poly_seq_scheme.mon_id 
_pdbx_poly_seq_scheme.ndb_seq_num 
_pdbx_poly_seq_scheme.pdb_seq_num 
_pdbx_poly_seq_scheme.auth_seq_num 
_pdbx_poly_seq_scheme.pdb_mon_id 
_pdbx_poly_seq_scheme.auth_mon_id 
_pdbx_poly_seq_scheme.pdb_strand_id 
_pdbx_poly_seq_scheme.pdb_ins_code 
_pdbx_poly_seq_scheme.hetero 
A 1 1   GLY 1   170 ?   ?   ?   A . n 
A 1 2   SER 2   171 171 SER SER A . n 
A 1 3   ASP 3   172 172 ASP ASP A . n 
A 1 4   GLU 4   173 173 GLU GLU A . n 
A 1 5   LEU 5   174 174 LEU LEU A . n 
A 1 6   TYR 6   175 175 TYR TYR A . n 
A 1 7   ARG 7   176 176 ARG ARG A . n 
A 1 8   GLN 8   177 177 GLN GLN A . n 
A 1 9   SER 9   178 178 SER SER A . n 
A 1 10  LEU 10  179 179 LEU LEU A . n 
A 1 11  GLU 11  180 180 GLU GLU A . n 
A 1 12  ILE 12  181 181 ILE ILE A . n 
A 1 13  ILE 13  182 182 ILE ILE A . n 
A 1 14  SER 14  183 183 SER SER A . n 
A 1 15  ARG 15  184 184 ARG ARG A . n 
A 1 16  TYR 16  185 185 TYR TYR A . n 
A 1 17  LEU 17  186 186 LEU LEU A . n 
A 1 18  ARG 18  187 187 ARG ARG A . n 
A 1 19  GLU 19  188 188 GLU GLU A . n 
A 1 20  GLN 20  189 189 GLN GLN A . n 
A 1 21  ALA 21  190 190 ALA ALA A . n 
A 1 22  THR 22  191 191 THR THR A . n 
A 1 23  GLY 23  192 192 GLY GLY A . n 
A 1 24  ALA 24  193 193 ALA ALA A . n 
A 1 25  LYS 25  194 194 LYS LYS A . n 
A 1 26  ASP 26  195 195 ASP ASP A . n 
A 1 27  THR 27  196 196 THR THR A . n 
A 1 28  LYS 28  197 197 LYS LYS A . n 
A 1 29  PRO 29  198 198 PRO PRO A . n 
A 1 30  MET 30  199 199 MET MET A . n 
A 1 31  GLY 31  200 200 GLY GLY A . n 
A 1 32  ARG 32  201 201 ARG ARG A . n 
A 1 33  SER 33  202 202 SER SER A . n 
A 1 34  GLY 34  203 203 GLY GLY A . n 
A 1 35  ALA 35  204 204 ALA ALA A . n 
A 1 36  THR 36  205 205 THR THR A . n 
A 1 37  SER 37  206 206 SER SER A . n 
A 1 38  ARG 38  207 207 ARG ARG A . n 
A 1 39  LYS 39  208 208 LYS LYS A . n 
A 1 40  ALA 40  209 209 ALA ALA A . n 
A 1 41  LEU 41  210 210 LEU LEU A . n 
A 1 42  GLU 42  211 211 GLU GLU A . n 
A 1 43  THR 43  212 212 THR THR A . n 
A 1 44  LEU 44  213 213 LEU LEU A . n 
A 1 45  ARG 45  214 214 ARG ARG A . n 
A 1 46  ARG 46  215 215 ARG ARG A . n 
A 1 47  VAL 47  216 216 VAL VAL A . n 
A 1 48  GLY 48  217 217 GLY GLY A . n 
A 1 49  ASP 49  218 218 ASP ASP A . n 
A 1 50  GLY 50  219 219 GLY GLY A . n 
A 1 51  VAL 51  220 220 VAL VAL A . n 
A 1 52  GLN 52  221 221 GLN GLN A . n 
A 1 53  ARG 53  222 222 ARG ARG A . n 
A 1 54  ASN 54  223 223 ASN ASN A . n 
A 1 55  HIS 55  224 224 HIS HIS A . n 
A 1 56  GLU 56  225 225 GLU GLU A . n 
A 1 57  THR 57  226 226 THR THR A . n 
A 1 58  ALA 58  227 227 ALA ALA A . n 
A 1 59  PHE 59  228 228 PHE PHE A . n 
A 1 60  GLN 60  229 229 GLN GLN A . n 
A 1 61  GLY 61  230 230 GLY GLY A . n 
A 1 62  MET 62  231 231 MET MET A . n 
A 1 63  LEU 63  232 232 LEU LEU A . n 
A 1 64  ARG 64  233 233 ARG ARG A . n 
A 1 65  LYS 65  234 234 LYS LYS A . n 
A 1 66  LEU 66  235 235 LEU LEU A . n 
A 1 67  ASP 67  236 236 ASP ASP A . n 
A 1 68  ILE 68  237 237 ILE ILE A . n 
A 1 69  LYS 69  238 238 LYS LYS A . n 
A 1 70  ASN 70  239 239 ASN ASN A . n 
A 1 71  GLU 71  240 240 GLU GLU A . n 
A 1 72  ASP 72  241 241 ASP ASP A . n 
A 1 73  ASP 73  242 242 ASP ASP A . n 
A 1 74  VAL 74  243 243 VAL VAL A . n 
A 1 75  LYS 75  244 244 LYS LYS A . n 
A 1 76  SER 76  245 245 SER SER A . n 
A 1 77  LEU 77  246 246 LEU LEU A . n 
A 1 78  SER 78  247 247 SER SER A . n 
A 1 79  ARG 79  248 248 ARG ARG A . n 
A 1 80  VAL 80  249 249 VAL VAL A . n 
A 1 81  MET 81  250 250 MET MET A . n 
A 1 82  ILE 82  251 251 ILE ILE A . n 
A 1 83  HIS 83  252 252 HIS HIS A . n 
A 1 84  VAL 84  253 253 VAL VAL A . n 
A 1 85  PHE 85  254 254 PHE PHE A . n 
A 1 86  SER 86  255 255 SER SER A . n 
A 1 87  ASP 87  256 256 ASP ASP A . n 
A 1 88  GLY 88  257 257 GLY GLY A . n 
A 1 89  VAL 89  258 258 VAL VAL A . n 
A 1 90  THR 90  259 259 THR THR A . n 
A 1 91  ASN 91  260 260 ASN ASN A . n 
A 1 92  TRP 92  261 261 TRP TRP A . n 
A 1 93  GLY 93  262 262 GLY GLY A . n 
A 1 94  ARG 94  263 263 ARG ARG A . n 
A 1 95  ILE 95  264 264 ILE ILE A . n 
A 1 96  VAL 96  265 265 VAL VAL A . n 
A 1 97  THR 97  266 266 THR THR A . n 
A 1 98  LEU 98  267 267 LEU LEU A . n 
A 1 99  ILE 99  268 268 ILE ILE A . n 
A 1 100 SER 100 269 269 SER SER A . n 
A 1 101 PHE 101 270 270 PHE PHE A . n 
A 1 102 GLY 102 271 271 GLY GLY A . n 
A 1 103 ALA 103 272 272 ALA ALA A . n 
A 1 104 PHE 104 273 273 PHE PHE A . n 
A 1 105 VAL 105 274 274 VAL VAL A . n 
A 1 106 ALA 106 275 275 ALA ALA A . n 
A 1 107 LYS 107 276 276 LYS LYS A . n 
A 1 108 HIS 108 277 277 HIS HIS A . n 
A 1 109 LEU 109 278 278 LEU LEU A . n 
A 1 110 LYS 110 279 279 LYS LYS A . n 
A 1 111 THR 111 280 280 THR THR A . n 
A 1 112 ILE 112 281 281 ILE ILE A . n 
A 1 113 ASN 113 282 282 ASN ASN A . n 
A 1 114 GLN 114 283 283 GLN GLN A . n 
A 1 115 GLU 115 284 284 GLU GLU A . n 
A 1 116 SER 116 285 285 SER SER A . n 
A 1 117 CYS 117 286 286 CYS CYS A . n 
A 1 118 ILE 118 287 287 ILE ILE A . n 
A 1 119 GLU 119 288 288 GLU GLU A . n 
A 1 120 PRO 120 289 289 PRO PRO A . n 
A 1 121 LEU 121 290 290 LEU LEU A . n 
A 1 122 ALA 122 291 291 ALA ALA A . n 
A 1 123 GLU 123 292 292 GLU GLU A . n 
A 1 124 SER 124 293 293 SER SER A . n 
A 1 125 ILE 125 294 294 ILE ILE A . n 
A 1 126 THR 126 295 295 THR THR A . n 
A 1 127 ASP 127 296 296 ASP ASP A . n 
A 1 128 VAL 128 297 297 VAL VAL A . n 
A 1 129 LEU 129 298 298 LEU LEU A . n 
A 1 130 VAL 130 299 299 VAL VAL A . n 
A 1 131 ARG 131 300 300 ARG ARG A . n 
A 1 132 THR 132 301 301 THR THR A . n 
A 1 133 LYS 133 302 302 LYS LYS A . n 
A 1 134 ARG 134 303 303 ARG ARG A . n 
A 1 135 ASP 135 304 304 ASP ASP A . n 
A 1 136 TRP 136 305 305 TRP TRP A . n 
A 1 137 LEU 137 306 306 LEU LEU A . n 
A 1 138 VAL 138 307 307 VAL VAL A . n 
A 1 139 LYS 139 308 308 LYS LYS A . n 
A 1 140 GLN 140 309 309 GLN GLN A . n 
A 1 141 ARG 141 310 310 ARG ARG A . n 
A 1 142 GLY 142 311 311 GLY GLY A . n 
A 1 143 TRP 143 312 312 TRP TRP A . n 
A 1 144 ASP 144 313 313 ASP ASP A . n 
A 1 145 GLY 145 314 314 GLY GLY A . n 
A 1 146 PHE 146 315 315 PHE PHE A . n 
A 1 147 VAL 147 316 316 VAL VAL A . n 
A 1 148 GLU 148 317 317 GLU GLU A . n 
A 1 149 PHE 149 318 318 PHE PHE A . n 
A 1 150 PHE 150 319 319 PHE PHE A . n 
A 1 151 HIS 151 320 320 HIS HIS A . n 
A 1 152 VAL 152 321 321 VAL VAL A . n 
A 1 153 GLU 153 322 322 GLU GLU A . n 
A 1 154 ASP 154 323 323 ASP ASP A . n 
A 1 155 LEU 155 324 324 LEU LEU A . n 
A 1 156 GLU 156 325 325 GLU GLU A . n 
B 2 1   ACE 1   3   3   ACE ACE B . n 
B 2 2   ILE 2   4   4   ILE ILE B . n 
B 2 3   TRP 3   5   5   TRP TRP B . n 
B 2 4   NLE 4   6   6   NLE NLE B . n 
B 2 5   AIB 5   7   7   AIB AIB B . n 
B 2 6   GLN 6   8   8   GLN GLN B . n 
B 2 7   GLY 7   9   9   GLY GLY B . n 
B 2 8   GLY 8   10  10  GLY GLY B . n 
B 2 9   ARG 9   11  11  ARG ARG B . n 
B 2 10  ARG 10  12  12  ARG ARG B . n 
B 2 11  LEU 11  13  13  LEU LEU B . n 
B 2 12  GLY 12  14  14  GLY GLY B . n 
B 2 13  ASP 13  15  15  ASP ASP B . n 
B 2 14  GLU 14  16  16  GLU GLU B . n 
B 2 15  ILE 15  17  17  ILE ILE B . n 
B 2 16  ASN 16  18  18  ASN ASN B . n 
B 2 17  ALA 17  19  19  ALA ALA B . n 
B 2 18  TYR 18  20  20  TYR TYR B . n 
B 2 19  TYR 19  21  21  TYR TYR B . n 
B 2 20  ALA 20  22  22  ALA ALA B . n 
B 2 21  ARG 21  23  23  ARG ARG B . n 
B 2 22  ARG 22  24  24  ARG ARG B . n 
B 2 23  NH2 23  25  25  NH2 NH2 B . n 
# 
_pdbx_entity_instance_feature.ordinal        1 
_pdbx_entity_instance_feature.comp_id        ADM 
_pdbx_entity_instance_feature.asym_id        ? 
_pdbx_entity_instance_feature.seq_num        ? 
_pdbx_entity_instance_feature.auth_comp_id   ADM 
_pdbx_entity_instance_feature.auth_asym_id   ? 
_pdbx_entity_instance_feature.auth_seq_num   ? 
_pdbx_entity_instance_feature.feature_type   'SUBJECT OF INVESTIGATION' 
_pdbx_entity_instance_feature.details        ? 
# 
loop_
_pdbx_nonpoly_scheme.asym_id 
_pdbx_nonpoly_scheme.entity_id 
_pdbx_nonpoly_scheme.mon_id 
_pdbx_nonpoly_scheme.ndb_seq_num 
_pdbx_nonpoly_scheme.pdb_seq_num 
_pdbx_nonpoly_scheme.auth_seq_num 
_pdbx_nonpoly_scheme.pdb_mon_id 
_pdbx_nonpoly_scheme.auth_mon_id 
_pdbx_nonpoly_scheme.pdb_strand_id 
_pdbx_nonpoly_scheme.pdb_ins_code 
C 3 ADM 1  101 1  ADM RIM B . 
D 4 HOH 1  401 11 HOH HOH A . 
D 4 HOH 2  402 31 HOH HOH A . 
D 4 HOH 3  403 39 HOH HOH A . 
D 4 HOH 4  404 26 HOH HOH A . 
D 4 HOH 5  405 4  HOH HOH A . 
D 4 HOH 6  406 52 HOH HOH A . 
D 4 HOH 7  407 21 HOH HOH A . 
D 4 HOH 8  408 48 HOH HOH A . 
D 4 HOH 9  409 24 HOH HOH A . 
D 4 HOH 10 410 37 HOH HOH A . 
D 4 HOH 11 411 46 HOH HOH A . 
D 4 HOH 12 412 18 HOH HOH A . 
D 4 HOH 13 413 5  HOH HOH A . 
D 4 HOH 14 414 34 HOH HOH A . 
D 4 HOH 15 415 27 HOH HOH A . 
D 4 HOH 16 416 12 HOH HOH A . 
D 4 HOH 17 417 8  HOH HOH A . 
D 4 HOH 18 418 54 HOH HOH A . 
D 4 HOH 19 419 3  HOH HOH A . 
D 4 HOH 20 420 9  HOH HOH A . 
D 4 HOH 21 421 42 HOH HOH A . 
D 4 HOH 22 422 50 HOH HOH A . 
D 4 HOH 23 423 13 HOH HOH A . 
D 4 HOH 24 424 16 HOH HOH A . 
D 4 HOH 25 425 58 HOH HOH A . 
D 4 HOH 26 426 10 HOH HOH A . 
D 4 HOH 27 427 2  HOH HOH A . 
D 4 HOH 28 428 56 HOH HOH A . 
D 4 HOH 29 429 53 HOH HOH A . 
D 4 HOH 30 430 40 HOH HOH A . 
D 4 HOH 31 431 14 HOH HOH A . 
D 4 HOH 32 432 57 HOH HOH A . 
D 4 HOH 33 433 19 HOH HOH A . 
D 4 HOH 34 434 36 HOH HOH A . 
D 4 HOH 35 435 1  HOH HOH A . 
D 4 HOH 36 436 6  HOH HOH A . 
D 4 HOH 37 437 63 HOH HOH A . 
D 4 HOH 38 438 33 HOH HOH A . 
D 4 HOH 39 439 65 HOH HOH A . 
D 4 HOH 40 440 38 HOH HOH A . 
D 4 HOH 41 441 7  HOH HOH A . 
D 4 HOH 42 442 44 HOH HOH A . 
D 4 HOH 43 443 64 HOH HOH A . 
D 4 HOH 44 444 55 HOH HOH A . 
D 4 HOH 45 445 47 HOH HOH A . 
D 4 HOH 46 446 49 HOH HOH A . 
D 4 HOH 47 447 25 HOH HOH A . 
D 4 HOH 48 448 66 HOH HOH A . 
D 4 HOH 49 449 62 HOH HOH A . 
D 4 HOH 50 450 43 HOH HOH A . 
D 4 HOH 51 451 59 HOH HOH A . 
D 4 HOH 52 452 41 HOH HOH A . 
D 4 HOH 53 453 35 HOH HOH A . 
D 4 HOH 54 454 51 HOH HOH A . 
D 4 HOH 55 455 45 HOH HOH A . 
D 4 HOH 56 456 67 HOH HOH A . 
D 4 HOH 57 457 60 HOH HOH A . 
E 4 HOH 1  201 32 HOH HOH B . 
E 4 HOH 2  202 22 HOH HOH B . 
E 4 HOH 3  203 15 HOH HOH B . 
E 4 HOH 4  204 23 HOH HOH B . 
E 4 HOH 5  205 30 HOH HOH B . 
E 4 HOH 6  206 20 HOH HOH B . 
E 4 HOH 7  207 61 HOH HOH B . 
E 4 HOH 8  208 17 HOH HOH B . 
E 4 HOH 9  209 28 HOH HOH B . 
E 4 HOH 10 210 29 HOH HOH B . 
# 
loop_
_pdbx_unobs_or_zero_occ_atoms.id 
_pdbx_unobs_or_zero_occ_atoms.PDB_model_num 
_pdbx_unobs_or_zero_occ_atoms.polymer_flag 
_pdbx_unobs_or_zero_occ_atoms.occupancy_flag 
_pdbx_unobs_or_zero_occ_atoms.auth_asym_id 
_pdbx_unobs_or_zero_occ_atoms.auth_comp_id 
_pdbx_unobs_or_zero_occ_atoms.auth_seq_id 
_pdbx_unobs_or_zero_occ_atoms.PDB_ins_code 
_pdbx_unobs_or_zero_occ_atoms.auth_atom_id 
_pdbx_unobs_or_zero_occ_atoms.label_alt_id 
_pdbx_unobs_or_zero_occ_atoms.label_asym_id 
_pdbx_unobs_or_zero_occ_atoms.label_comp_id 
_pdbx_unobs_or_zero_occ_atoms.label_seq_id 
_pdbx_unobs_or_zero_occ_atoms.label_atom_id 
1 1 Y 1 A ARG 201 ? CG  ? A ARG 32 CG  
2 1 Y 1 A ARG 201 ? CD  ? A ARG 32 CD  
3 1 Y 1 A ARG 201 ? NE  ? A ARG 32 NE  
4 1 Y 1 A ARG 201 ? CZ  ? A ARG 32 CZ  
5 1 Y 1 A ARG 201 ? NH1 ? A ARG 32 NH1 
6 1 Y 1 A ARG 201 ? NH2 ? A ARG 32 NH2 
# 
loop_
_software.citation_id 
_software.classification 
_software.compiler_name 
_software.compiler_version 
_software.contact_author 
_software.contact_author_email 
_software.date 
_software.description 
_software.dependencies 
_software.hardware 
_software.language 
_software.location 
_software.mods 
_software.name 
_software.os 
_software.os_version 
_software.type 
_software.version 
_software.pdbx_ordinal 
? 'data scaling'    ? ? ? ? ? ? ? ? ? ? ? HKL-2000    ? ? ? .     1 
? phasing           ? ? ? ? ? ? ? ? ? ? ? PHASER      ? ? ? 2.8.0 2 
? refinement        ? ? ? ? ? ? ? ? ? ? ? PHENIX      ? ? ? .     3 
? 'data extraction' ? ? ? ? ? ? ? ? ? ? ? PDB_EXTRACT ? ? ? 3.25  4 
? 'data reduction'  ? ? ? ? ? ? ? ? ? ? ? HKL-2000    ? ? ? .     5 
# 
_cell.angle_alpha                  90.000 
_cell.angle_alpha_esd              ? 
_cell.angle_beta                   90.000 
_cell.angle_beta_esd               ? 
_cell.angle_gamma                  90.000 
_cell.angle_gamma_esd              ? 
_cell.entry_id                     6UAB 
_cell.details                      ? 
_cell.formula_units_Z              ? 
_cell.length_a                     30.746 
_cell.length_a_esd                 ? 
_cell.length_b                     56.560 
_cell.length_b_esd                 ? 
_cell.length_c                     99.515 
_cell.length_c_esd                 ? 
_cell.volume                       ? 
_cell.volume_esd                   ? 
_cell.Z_PDB                        4 
_cell.reciprocal_angle_alpha       ? 
_cell.reciprocal_angle_beta        ? 
_cell.reciprocal_angle_gamma       ? 
_cell.reciprocal_angle_alpha_esd   ? 
_cell.reciprocal_angle_beta_esd    ? 
_cell.reciprocal_angle_gamma_esd   ? 
_cell.reciprocal_length_a          ? 
_cell.reciprocal_length_b          ? 
_cell.reciprocal_length_c          ? 
_cell.reciprocal_length_a_esd      ? 
_cell.reciprocal_length_b_esd      ? 
_cell.reciprocal_length_c_esd      ? 
_cell.pdbx_unique_axis             ? 
# 
_symmetry.entry_id                         6UAB 
_symmetry.cell_setting                     ? 
_symmetry.Int_Tables_number                19 
_symmetry.space_group_name_Hall            ? 
_symmetry.space_group_name_H-M             'P 21 21 21' 
_symmetry.pdbx_full_space_group_name_H-M   ? 
# 
_exptl.absorpt_coefficient_mu     ? 
_exptl.absorpt_correction_T_max   ? 
_exptl.absorpt_correction_T_min   ? 
_exptl.absorpt_correction_type    ? 
_exptl.absorpt_process_details    ? 
_exptl.entry_id                   6UAB 
_exptl.crystals_number            1 
_exptl.details                    ? 
_exptl.method                     'X-RAY DIFFRACTION' 
_exptl.method_details             ? 
# 
_exptl_crystal.colour                      ? 
_exptl_crystal.density_diffrn              ? 
_exptl_crystal.density_Matthews            2.13 
_exptl_crystal.density_method              ? 
_exptl_crystal.density_percent_sol         42.16 
_exptl_crystal.description                 ? 
_exptl_crystal.F_000                       ? 
_exptl_crystal.id                          1 
_exptl_crystal.preparation                 ? 
_exptl_crystal.size_max                    ? 
_exptl_crystal.size_mid                    ? 
_exptl_crystal.size_min                    ? 
_exptl_crystal.size_rad                    ? 
_exptl_crystal.colour_lustre               ? 
_exptl_crystal.colour_modifier             ? 
_exptl_crystal.colour_primary              ? 
_exptl_crystal.density_meas                ? 
_exptl_crystal.density_meas_esd            ? 
_exptl_crystal.density_meas_gt             ? 
_exptl_crystal.density_meas_lt             ? 
_exptl_crystal.density_meas_temp           ? 
_exptl_crystal.density_meas_temp_esd       ? 
_exptl_crystal.density_meas_temp_gt        ? 
_exptl_crystal.density_meas_temp_lt        ? 
_exptl_crystal.pdbx_crystal_image_url      ? 
_exptl_crystal.pdbx_crystal_image_format   ? 
_exptl_crystal.pdbx_mosaicity              ? 
_exptl_crystal.pdbx_mosaicity_esd          ? 
# 
_exptl_crystal_grow.apparatus       ? 
_exptl_crystal_grow.atmosphere      ? 
_exptl_crystal_grow.crystal_id      1 
_exptl_crystal_grow.details         ? 
_exptl_crystal_grow.method          'VAPOR DIFFUSION, HANGING DROP' 
_exptl_crystal_grow.method_ref      ? 
_exptl_crystal_grow.pH              ? 
_exptl_crystal_grow.pressure        ? 
_exptl_crystal_grow.pressure_esd    ? 
_exptl_crystal_grow.seeding         ? 
_exptl_crystal_grow.seeding_ref     ? 
_exptl_crystal_grow.temp            298 
_exptl_crystal_grow.temp_details    ? 
_exptl_crystal_grow.temp_esd        ? 
_exptl_crystal_grow.time            ? 
_exptl_crystal_grow.pdbx_details    
;1.4 M Na-citrate, pH 6.5
0.1 M HEPES, pH 7.5
;
_exptl_crystal_grow.pdbx_pH_range   ? 
# 
_diffrn.ambient_environment              ? 
_diffrn.ambient_temp                     100 
_diffrn.ambient_temp_details             ? 
_diffrn.ambient_temp_esd                 ? 
_diffrn.crystal_id                       1 
_diffrn.crystal_support                  ? 
_diffrn.crystal_treatment                ? 
_diffrn.details                          ? 
_diffrn.id                               1 
_diffrn.ambient_pressure                 ? 
_diffrn.ambient_pressure_esd             ? 
_diffrn.ambient_pressure_gt              ? 
_diffrn.ambient_pressure_lt              ? 
_diffrn.ambient_temp_gt                  ? 
_diffrn.ambient_temp_lt                  ? 
_diffrn.pdbx_serial_crystal_experiment   N 
# 
_diffrn_detector.details                      ? 
_diffrn_detector.detector                     PIXEL 
_diffrn_detector.diffrn_id                    1 
_diffrn_detector.type                         'DECTRIS PILATUS3 S 6M' 
_diffrn_detector.area_resol_mean              ? 
_diffrn_detector.dtime                        ? 
_diffrn_detector.pdbx_frames_total            ? 
_diffrn_detector.pdbx_collection_time_total   ? 
_diffrn_detector.pdbx_collection_date         2017-12-10 
_diffrn_detector.pdbx_frequency               ? 
# 
_diffrn_radiation.collimation                      ? 
_diffrn_radiation.diffrn_id                        1 
_diffrn_radiation.filter_edge                      ? 
_diffrn_radiation.inhomogeneity                    ? 
_diffrn_radiation.monochromator                    ? 
_diffrn_radiation.polarisn_norm                    ? 
_diffrn_radiation.polarisn_ratio                   ? 
_diffrn_radiation.probe                            ? 
_diffrn_radiation.type                             ? 
_diffrn_radiation.xray_symbol                      ? 
_diffrn_radiation.wavelength_id                    1 
_diffrn_radiation.pdbx_monochromatic_or_laue_m_l   M 
_diffrn_radiation.pdbx_wavelength_list             ? 
_diffrn_radiation.pdbx_wavelength                  ? 
_diffrn_radiation.pdbx_diffrn_protocol             'SINGLE WAVELENGTH' 
_diffrn_radiation.pdbx_analyzer                    ? 
_diffrn_radiation.pdbx_scattering_type             x-ray 
# 
_diffrn_radiation_wavelength.id           1 
_diffrn_radiation_wavelength.wavelength   0.97910 
_diffrn_radiation_wavelength.wt           1.0 
# 
_diffrn_source.current                     ? 
_diffrn_source.details                     ? 
_diffrn_source.diffrn_id                   1 
_diffrn_source.power                       ? 
_diffrn_source.size                        ? 
_diffrn_source.source                      SYNCHROTRON 
_diffrn_source.target                      ? 
_diffrn_source.type                        'APS BEAMLINE 24-ID-C' 
_diffrn_source.voltage                     ? 
_diffrn_source.take-off_angle              ? 
_diffrn_source.pdbx_wavelength_list        0.97910 
_diffrn_source.pdbx_wavelength             ? 
_diffrn_source.pdbx_synchrotron_beamline   24-ID-C 
_diffrn_source.pdbx_synchrotron_site       APS 
# 
_reflns.B_iso_Wilson_estimate            ? 
_reflns.entry_id                         6UAB 
_reflns.data_reduction_details           ? 
_reflns.data_reduction_method            ? 
_reflns.d_resolution_high                2.1 
_reflns.d_resolution_low                 100.000 
_reflns.details                          ? 
_reflns.limit_h_max                      ? 
_reflns.limit_h_min                      ? 
_reflns.limit_k_max                      ? 
_reflns.limit_k_min                      ? 
_reflns.limit_l_max                      ? 
_reflns.limit_l_min                      ? 
_reflns.number_all                       ? 
_reflns.number_obs                       10371 
_reflns.observed_criterion               ? 
_reflns.observed_criterion_F_max         ? 
_reflns.observed_criterion_F_min         ? 
_reflns.observed_criterion_I_max         ? 
_reflns.observed_criterion_I_min         ? 
_reflns.observed_criterion_sigma_F       ? 
_reflns.observed_criterion_sigma_I       ? 
_reflns.percent_possible_obs             96.700 
_reflns.R_free_details                   ? 
_reflns.Rmerge_F_all                     ? 
_reflns.Rmerge_F_obs                     ? 
_reflns.Friedel_coverage                 ? 
_reflns.number_gt                        ? 
_reflns.threshold_expression             ? 
_reflns.pdbx_redundancy                  6.600 
_reflns.pdbx_Rmerge_I_obs                0.161 
_reflns.pdbx_Rmerge_I_all                ? 
_reflns.pdbx_Rsym_value                  ? 
_reflns.pdbx_netI_over_av_sigmaI         ? 
_reflns.pdbx_netI_over_sigmaI            4.800 
_reflns.pdbx_res_netI_over_av_sigmaI_2   ? 
_reflns.pdbx_res_netI_over_sigmaI_2      ? 
_reflns.pdbx_chi_squared                 1.433 
_reflns.pdbx_scaling_rejects             ? 
_reflns.pdbx_d_res_high_opt              ? 
_reflns.pdbx_d_res_low_opt               ? 
_reflns.pdbx_d_res_opt_method            ? 
_reflns.phase_calculation_details        ? 
_reflns.pdbx_Rrim_I_all                  0.173 
_reflns.pdbx_Rpim_I_all                  0.060 
_reflns.pdbx_d_opt                       ? 
_reflns.pdbx_number_measured_all         ? 
_reflns.pdbx_diffrn_id                   1 
_reflns.pdbx_ordinal                     1 
_reflns.pdbx_CC_half                     ? 
_reflns.pdbx_R_split                     ? 
# 
loop_
_reflns_shell.d_res_high 
_reflns_shell.d_res_low 
_reflns_shell.meanI_over_sigI_all 
_reflns_shell.meanI_over_sigI_obs 
_reflns_shell.number_measured_all 
_reflns_shell.number_measured_obs 
_reflns_shell.number_possible 
_reflns_shell.number_unique_all 
_reflns_shell.number_unique_obs 
_reflns_shell.percent_possible_all 
_reflns_shell.percent_possible_obs 
_reflns_shell.Rmerge_F_all 
_reflns_shell.Rmerge_F_obs 
_reflns_shell.Rmerge_I_all 
_reflns_shell.Rmerge_I_obs 
_reflns_shell.meanI_over_sigI_gt 
_reflns_shell.meanI_over_uI_all 
_reflns_shell.meanI_over_uI_gt 
_reflns_shell.number_measured_gt 
_reflns_shell.number_unique_gt 
_reflns_shell.percent_possible_gt 
_reflns_shell.Rmerge_F_gt 
_reflns_shell.Rmerge_I_gt 
_reflns_shell.pdbx_redundancy 
_reflns_shell.pdbx_Rsym_value 
_reflns_shell.pdbx_chi_squared 
_reflns_shell.pdbx_netI_over_sigmaI_all 
_reflns_shell.pdbx_netI_over_sigmaI_obs 
_reflns_shell.pdbx_Rrim_I_all 
_reflns_shell.pdbx_Rpim_I_all 
_reflns_shell.pdbx_rejects 
_reflns_shell.pdbx_ordinal 
_reflns_shell.pdbx_diffrn_id 
_reflns_shell.pdbx_CC_half 
_reflns_shell.pdbx_R_split 
2.100 2.140   ? ? ? ? ? ? 419 80.100  ? ? ? ? 0.478 ? ? ? ? ? ? ? ? 2.200 ? 0.950 ? ? 0.586 0.331 ? 1  1 0.708 ? 
2.140 2.180   ? ? ? ? ? ? 454 86.600  ? ? ? ? 0.474 ? ? ? ? ? ? ? ? 2.300 ? 0.962 ? ? 0.580 0.327 ? 2  1 0.683 ? 
2.180 2.220   ? ? ? ? ? ? 462 87.300  ? ? ? ? 0.482 ? ? ? ? ? ? ? ? 2.900 ? 0.735 ? ? 0.574 0.303 ? 3  1 0.671 ? 
2.220 2.260   ? ? ? ? ? ? 496 94.700  ? ? ? ? 0.456 ? ? ? ? ? ? ? ? 3.400 ? 0.864 ? ? 0.531 0.264 ? 4  1 0.782 ? 
2.260 2.310   ? ? ? ? ? ? 504 97.500  ? ? ? ? 0.435 ? ? ? ? ? ? ? ? 3.800 ? 0.875 ? ? 0.501 0.241 ? 5  1 0.788 ? 
2.310 2.370   ? ? ? ? ? ? 508 94.800  ? ? ? ? 0.457 ? ? ? ? ? ? ? ? 4.200 ? 0.894 ? ? 0.515 0.231 ? 6  1 0.835 ? 
2.370 2.420   ? ? ? ? ? ? 505 98.100  ? ? ? ? 0.468 ? ? ? ? ? ? ? ? 4.400 ? 0.987 ? ? 0.528 0.238 ? 7  1 0.845 ? 
2.420 2.490   ? ? ? ? ? ? 510 98.800  ? ? ? ? 0.438 ? ? ? ? ? ? ? ? 5.800 ? 0.864 ? ? 0.480 0.190 ? 8  1 0.894 ? 
2.490 2.560   ? ? ? ? ? ? 545 99.600  ? ? ? ? 0.442 ? ? ? ? ? ? ? ? 7.300 ? 0.869 ? ? 0.475 0.171 ? 9  1 0.925 ? 
2.560 2.650   ? ? ? ? ? ? 511 100.000 ? ? ? ? 0.389 ? ? ? ? ? ? ? ? 8.000 ? 0.922 ? ? 0.414 0.140 ? 10 1 0.957 ? 
2.650 2.740   ? ? ? ? ? ? 523 100.000 ? ? ? ? 0.377 ? ? ? ? ? ? ? ? 8.700 ? 0.962 ? ? 0.400 0.130 ? 11 1 0.941 ? 
2.740 2.850   ? ? ? ? ? ? 534 100.000 ? ? ? ? 0.341 ? ? ? ? ? ? ? ? 8.600 ? 0.976 ? ? 0.361 0.118 ? 12 1 0.951 ? 
2.850 2.980   ? ? ? ? ? ? 524 99.200  ? ? ? ? 0.267 ? ? ? ? ? ? ? ? 8.800 ? 1.204 ? ? 0.284 0.093 ? 13 1 0.958 ? 
2.980 3.140   ? ? ? ? ? ? 538 99.400  ? ? ? ? 0.233 ? ? ? ? ? ? ? ? 7.900 ? 1.357 ? ? 0.250 0.086 ? 14 1 0.973 ? 
3.140 3.330   ? ? ? ? ? ? 532 99.600  ? ? ? ? 0.179 ? ? ? ? ? ? ? ? 8.700 ? 1.608 ? ? 0.190 0.062 ? 15 1 0.975 ? 
3.330 3.590   ? ? ? ? ? ? 542 99.600  ? ? ? ? 0.159 ? ? ? ? ? ? ? ? 9.200 ? 1.951 ? ? 0.169 0.055 ? 16 1 0.986 ? 
3.590 3.950   ? ? ? ? ? ? 543 99.600  ? ? ? ? 0.129 ? ? ? ? ? ? ? ? 9.000 ? 2.041 ? ? 0.137 0.044 ? 17 1 0.989 ? 
3.950 4.520   ? ? ? ? ? ? 554 99.500  ? ? ? ? 0.111 ? ? ? ? ? ? ? ? 8.200 ? 2.437 ? ? 0.119 0.040 ? 18 1 0.992 ? 
4.520 5.700   ? ? ? ? ? ? 550 99.300  ? ? ? ? 0.097 ? ? ? ? ? ? ? ? 8.500 ? 1.924 ? ? 0.103 0.034 ? 19 1 0.994 ? 
5.700 100.000 ? ? ? ? ? ? 617 98.700  ? ? ? ? 0.085 ? ? ? ? ? ? ? ? 7.900 ? 2.054 ? ? 0.091 0.031 ? 20 1 0.995 ? 
# 
_refine.aniso_B[1][1]                            ? 
_refine.aniso_B[1][2]                            ? 
_refine.aniso_B[1][3]                            ? 
_refine.aniso_B[2][2]                            ? 
_refine.aniso_B[2][3]                            ? 
_refine.aniso_B[3][3]                            ? 
_refine.B_iso_max                                90.500 
_refine.B_iso_mean                               31.5504 
_refine.B_iso_min                                11.680 
_refine.correlation_coeff_Fo_to_Fc               ? 
_refine.correlation_coeff_Fo_to_Fc_free          ? 
_refine.details                                  ? 
_refine.diff_density_max                         ? 
_refine.diff_density_max_esd                     ? 
_refine.diff_density_min                         ? 
_refine.diff_density_min_esd                     ? 
_refine.diff_density_rms                         ? 
_refine.diff_density_rms_esd                     ? 
_refine.entry_id                                 6UAB 
_refine.pdbx_refine_id                           'X-RAY DIFFRACTION' 
_refine.ls_abs_structure_details                 ? 
_refine.ls_abs_structure_Flack                   ? 
_refine.ls_abs_structure_Flack_esd               ? 
_refine.ls_abs_structure_Rogers                  ? 
_refine.ls_abs_structure_Rogers_esd              ? 
_refine.ls_d_res_high                            2.1 
_refine.ls_d_res_low                             49.1730 
_refine.ls_extinction_coef                       ? 
_refine.ls_extinction_coef_esd                   ? 
_refine.ls_extinction_expression                 ? 
_refine.ls_extinction_method                     ? 
_refine.ls_goodness_of_fit_all                   ? 
_refine.ls_goodness_of_fit_all_esd               ? 
_refine.ls_goodness_of_fit_obs                   ? 
_refine.ls_goodness_of_fit_obs_esd               ? 
_refine.ls_hydrogen_treatment                    ? 
_refine.ls_matrix_type                           ? 
_refine.ls_number_constraints                    ? 
_refine.ls_number_parameters                     ? 
_refine.ls_number_reflns_all                     ? 
_refine.ls_number_reflns_obs                     10333 
_refine.ls_number_reflns_R_free                  1034 
_refine.ls_number_reflns_R_work                  ? 
_refine.ls_number_restraints                     ? 
_refine.ls_percent_reflns_obs                    95.7000 
_refine.ls_percent_reflns_R_free                 10.0100 
_refine.ls_R_factor_all                          ? 
_refine.ls_R_factor_obs                          0.1951 
_refine.ls_R_factor_R_free                       0.2399 
_refine.ls_R_factor_R_free_error                 ? 
_refine.ls_R_factor_R_free_error_details         ? 
_refine.ls_R_factor_R_work                       0.1901 
_refine.ls_R_Fsqd_factor_obs                     ? 
_refine.ls_R_I_factor_obs                        ? 
_refine.ls_redundancy_reflns_all                 ? 
_refine.ls_redundancy_reflns_obs                 ? 
_refine.ls_restrained_S_all                      ? 
_refine.ls_restrained_S_obs                      ? 
_refine.ls_shift_over_esd_max                    ? 
_refine.ls_shift_over_esd_mean                   ? 
_refine.ls_structure_factor_coef                 ? 
_refine.ls_weighting_details                     ? 
_refine.ls_weighting_scheme                      ? 
_refine.ls_wR_factor_all                         ? 
_refine.ls_wR_factor_obs                         ? 
_refine.ls_wR_factor_R_free                      ? 
_refine.ls_wR_factor_R_work                      ? 
_refine.occupancy_max                            ? 
_refine.occupancy_min                            ? 
_refine.solvent_model_details                    ? 
_refine.solvent_model_param_bsol                 ? 
_refine.solvent_model_param_ksol                 ? 
_refine.ls_R_factor_gt                           ? 
_refine.ls_goodness_of_fit_gt                    ? 
_refine.ls_goodness_of_fit_ref                   ? 
_refine.ls_shift_over_su_max                     ? 
_refine.ls_shift_over_su_max_lt                  ? 
_refine.ls_shift_over_su_mean                    ? 
_refine.ls_shift_over_su_mean_lt                 ? 
_refine.pdbx_ls_sigma_I                          ? 
_refine.pdbx_ls_sigma_F                          1.370 
_refine.pdbx_ls_sigma_Fsqd                       ? 
_refine.pdbx_data_cutoff_high_absF               ? 
_refine.pdbx_data_cutoff_high_rms_absF           ? 
_refine.pdbx_data_cutoff_low_absF                ? 
_refine.pdbx_isotropic_thermal_model             ? 
_refine.pdbx_ls_cross_valid_method               THROUGHOUT 
_refine.pdbx_method_to_determine_struct          'MOLECULAR REPLACEMENT' 
_refine.pdbx_starting_model                      ? 
_refine.pdbx_stereochemistry_target_values       ? 
_refine.pdbx_R_Free_selection_details            ? 
_refine.pdbx_stereochem_target_val_spec_case     ? 
_refine.pdbx_overall_ESU_R                       ? 
_refine.pdbx_overall_ESU_R_Free                  ? 
_refine.pdbx_solvent_vdw_probe_radii             1.1100 
_refine.pdbx_solvent_ion_probe_radii             ? 
_refine.pdbx_solvent_shrinkage_radii             0.9000 
_refine.pdbx_real_space_R                        ? 
_refine.pdbx_density_correlation                 ? 
_refine.pdbx_pd_number_of_powder_patterns        ? 
_refine.pdbx_pd_number_of_points                 ? 
_refine.pdbx_pd_meas_number_of_points            ? 
_refine.pdbx_pd_proc_ls_prof_R_factor            ? 
_refine.pdbx_pd_proc_ls_prof_wR_factor           ? 
_refine.pdbx_pd_Marquardt_correlation_coeff      ? 
_refine.pdbx_pd_Fsqrd_R_factor                   ? 
_refine.pdbx_pd_ls_matrix_band_width             ? 
_refine.pdbx_overall_phase_error                 23.4400 
_refine.pdbx_overall_SU_R_free_Cruickshank_DPI   ? 
_refine.pdbx_overall_SU_R_free_Blow_DPI          ? 
_refine.pdbx_overall_SU_R_Blow_DPI               ? 
_refine.pdbx_TLS_residual_ADP_flag               ? 
_refine.pdbx_diffrn_id                           1 
_refine.overall_SU_B                             ? 
_refine.overall_SU_ML                            0.2500 
_refine.overall_SU_R_Cruickshank_DPI             ? 
_refine.overall_SU_R_free                        ? 
_refine.overall_FOM_free_R_set                   ? 
_refine.overall_FOM_work_R_set                   ? 
_refine.pdbx_average_fsc_overall                 ? 
_refine.pdbx_average_fsc_work                    ? 
_refine.pdbx_average_fsc_free                    ? 
# 
_refine_hist.pdbx_refine_id                   'X-RAY DIFFRACTION' 
_refine_hist.cycle_id                         final 
_refine_hist.details                          ? 
_refine_hist.d_res_high                       2.1 
_refine_hist.d_res_low                        49.1730 
_refine_hist.number_atoms_solvent             67 
_refine_hist.number_atoms_total               1514 
_refine_hist.number_reflns_all                ? 
_refine_hist.number_reflns_obs                ? 
_refine_hist.number_reflns_R_free             ? 
_refine_hist.number_reflns_R_work             ? 
_refine_hist.R_factor_all                     ? 
_refine_hist.R_factor_obs                     ? 
_refine_hist.R_factor_R_free                  ? 
_refine_hist.R_factor_R_work                  ? 
_refine_hist.pdbx_number_residues_total       178 
_refine_hist.pdbx_B_iso_mean_ligand           36.98 
_refine_hist.pdbx_B_iso_mean_solvent          36.50 
_refine_hist.pdbx_number_atoms_protein        1422 
_refine_hist.pdbx_number_atoms_nucleic_acid   0 
_refine_hist.pdbx_number_atoms_ligand         25 
_refine_hist.pdbx_number_atoms_lipid          ? 
_refine_hist.pdbx_number_atoms_carb           ? 
_refine_hist.pdbx_pseudo_atom_details         ? 
# 
loop_
_refine_ls_restr.pdbx_refine_id 
_refine_ls_restr.criterion 
_refine_ls_restr.dev_ideal 
_refine_ls_restr.dev_ideal_target 
_refine_ls_restr.number 
_refine_ls_restr.rejects 
_refine_ls_restr.type 
_refine_ls_restr.weight 
_refine_ls_restr.pdbx_restraint_function 
'X-RAY DIFFRACTION' ? 0.002  ? 1470 ? f_bond_d           ? ? 
'X-RAY DIFFRACTION' ? 0.451  ? 1986 ? f_angle_d          ? ? 
'X-RAY DIFFRACTION' ? 0.034  ? 216  ? f_chiral_restr     ? ? 
'X-RAY DIFFRACTION' ? 0.002  ? 253  ? f_plane_restr      ? ? 
'X-RAY DIFFRACTION' ? 15.841 ? 887  ? f_dihedral_angle_d ? ? 
# 
loop_
_refine_ls_shell.pdbx_refine_id 
_refine_ls_shell.d_res_high 
_refine_ls_shell.d_res_low 
_refine_ls_shell.number_reflns_all 
_refine_ls_shell.number_reflns_obs 
_refine_ls_shell.number_reflns_R_free 
_refine_ls_shell.number_reflns_R_work 
_refine_ls_shell.percent_reflns_obs 
_refine_ls_shell.percent_reflns_R_free 
_refine_ls_shell.R_factor_all 
_refine_ls_shell.R_factor_obs 
_refine_ls_shell.R_factor_R_free 
_refine_ls_shell.R_factor_R_free_error 
_refine_ls_shell.R_factor_R_work 
_refine_ls_shell.redundancy_reflns_all 
_refine_ls_shell.redundancy_reflns_obs 
_refine_ls_shell.wR_factor_all 
_refine_ls_shell.wR_factor_obs 
_refine_ls_shell.wR_factor_R_free 
_refine_ls_shell.wR_factor_R_work 
_refine_ls_shell.pdbx_total_number_of_bins_used 
_refine_ls_shell.pdbx_phase_error 
_refine_ls_shell.pdbx_fsc_work 
_refine_ls_shell.pdbx_fsc_free 
'X-RAY DIFFRACTION' 2.1    2.2028 . . 117 1053 77.0000  . . . 0.3089 0.0000 0.2307 . . . . . . . . . . 
'X-RAY DIFFRACTION' 2.2028 2.3409 . . 142 1279 96.0000  . . . 0.2606 0.0000 0.2133 . . . . . . . . . . 
'X-RAY DIFFRACTION' 2.3409 2.5216 . . 149 1344 98.0000  . . . 0.2626 0.0000 0.2048 . . . . . . . . . . 
'X-RAY DIFFRACTION' 2.5216 2.7753 . . 152 1372 100.0000 . . . 0.2472 0.0000 0.2031 . . . . . . . . . . 
'X-RAY DIFFRACTION' 2.7753 3.1769 . . 154 1370 100.0000 . . . 0.2672 0.0000 0.1988 . . . . . . . . . . 
'X-RAY DIFFRACTION' 3.1769 4.0022 . . 155 1399 100.0000 . . . 0.2350 0.0000 0.1691 . . . . . . . . . . 
'X-RAY DIFFRACTION' 4.0022 49.17  . . 165 1482 99.0000  . . . 0.2077 0.0000 0.1808 . . . . . . . . . . 
# 
_struct.entry_id                     6UAB 
_struct.title                        'Human Mcl-1 in complex with a modified unnatural Bim BH3 peptide' 
_struct.pdbx_model_details           ? 
_struct.pdbx_formula_weight          ? 
_struct.pdbx_formula_weight_method   ? 
_struct.pdbx_model_type_details      ? 
_struct.pdbx_CASP_flag               N 
# 
_struct_keywords.entry_id        6UAB 
_struct_keywords.text            'Inhibitor, PEPTIDE BINDING PROTEIN, PEPTIDE BINDING PROTEIN-Inhibitor complex' 
_struct_keywords.pdbx_keywords   'PEPTIDE BINDING PROTEIN/Inhibitor' 
# 
loop_
_struct_asym.id 
_struct_asym.pdbx_blank_PDB_chainid_flag 
_struct_asym.pdbx_modified 
_struct_asym.entity_id 
_struct_asym.details 
A N N 1 ? 
B N N 2 ? 
C N N 3 ? 
D N N 4 ? 
E N N 4 ? 
# 
loop_
_struct_ref.id 
_struct_ref.db_name 
_struct_ref.db_code 
_struct_ref.pdbx_db_accession 
_struct_ref.pdbx_db_isoform 
_struct_ref.entity_id 
_struct_ref.pdbx_seq_one_letter_code 
_struct_ref.pdbx_align_begin 
1 UNP MCL1_HUMAN Q07820 ? 1 
;DELYRQSLEIISRYLREQATGAKDTKPMGRSGATSRKALETLRRVGDGVQRNHETAFQGMLRKLDIKNEDDVKSLSRVMI
HVFSDGVTNWGRIVTLISFGAFVAKHLKTINQESCIEPLAESITDVLVRTKRDWLVKQRGWDGFVEFFHVEDLE
;
172 
2 PDB 6UAB       6UAB   ? 2 ? 1   
# 
loop_
_struct_ref_seq.align_id 
_struct_ref_seq.ref_id 
_struct_ref_seq.pdbx_PDB_id_code 
_struct_ref_seq.pdbx_strand_id 
_struct_ref_seq.seq_align_beg 
_struct_ref_seq.pdbx_seq_align_beg_ins_code 
_struct_ref_seq.seq_align_end 
_struct_ref_seq.pdbx_seq_align_end_ins_code 
_struct_ref_seq.pdbx_db_accession 
_struct_ref_seq.db_align_beg 
_struct_ref_seq.pdbx_db_align_beg_ins_code 
_struct_ref_seq.db_align_end 
_struct_ref_seq.pdbx_db_align_end_ins_code 
_struct_ref_seq.pdbx_auth_seq_align_beg 
_struct_ref_seq.pdbx_auth_seq_align_end 
1 1 6UAB A 3 ? 156 ? Q07820 172 ? 325 ? 172 325 
2 2 6UAB B 1 ? 23  ? 6UAB   3   ? 25  ? 3   25  
# 
loop_
_struct_ref_seq_dif.align_id 
_struct_ref_seq_dif.pdbx_pdb_id_code 
_struct_ref_seq_dif.mon_id 
_struct_ref_seq_dif.pdbx_pdb_strand_id 
_struct_ref_seq_dif.seq_num 
_struct_ref_seq_dif.pdbx_pdb_ins_code 
_struct_ref_seq_dif.pdbx_seq_db_name 
_struct_ref_seq_dif.pdbx_seq_db_accession_code 
_struct_ref_seq_dif.db_mon_id 
_struct_ref_seq_dif.pdbx_seq_db_seq_num 
_struct_ref_seq_dif.details 
_struct_ref_seq_dif.pdbx_auth_seq_num 
_struct_ref_seq_dif.pdbx_ordinal 
1 6UAB GLY A 1 ? UNP Q07820 ? ? 'expression tag' 170 1 
1 6UAB SER A 2 ? UNP Q07820 ? ? 'expression tag' 171 2 
# 
_pdbx_struct_assembly.id                   1 
_pdbx_struct_assembly.details              author_and_software_defined_assembly 
_pdbx_struct_assembly.method_details       PISA 
_pdbx_struct_assembly.oligomeric_details   dimeric 
_pdbx_struct_assembly.oligomeric_count     2 
# 
loop_
_pdbx_struct_assembly_prop.biol_id 
_pdbx_struct_assembly_prop.type 
_pdbx_struct_assembly_prop.value 
_pdbx_struct_assembly_prop.details 
1 'ABSA (A^2)' 2490 ? 
1 MORE         -10  ? 
1 'SSA (A^2)'  9100 ? 
# 
_pdbx_struct_assembly_gen.assembly_id       1 
_pdbx_struct_assembly_gen.oper_expression   1 
_pdbx_struct_assembly_gen.asym_id_list      A,B,C,D,E 
# 
_pdbx_struct_assembly_auth_evidence.id                     1 
_pdbx_struct_assembly_auth_evidence.assembly_id            1 
_pdbx_struct_assembly_auth_evidence.experimental_support   'gel filtration' 
_pdbx_struct_assembly_auth_evidence.details                ? 
# 
_pdbx_struct_oper_list.id                   1 
_pdbx_struct_oper_list.type                 'identity operation' 
_pdbx_struct_oper_list.name                 1_555 
_pdbx_struct_oper_list.symmetry_operation   x,y,z 
_pdbx_struct_oper_list.matrix[1][1]         1.0000000000 
_pdbx_struct_oper_list.matrix[1][2]         0.0000000000 
_pdbx_struct_oper_list.matrix[1][3]         0.0000000000 
_pdbx_struct_oper_list.vector[1]            0.0000000000 
_pdbx_struct_oper_list.matrix[2][1]         0.0000000000 
_pdbx_struct_oper_list.matrix[2][2]         1.0000000000 
_pdbx_struct_oper_list.matrix[2][3]         0.0000000000 
_pdbx_struct_oper_list.vector[2]            0.0000000000 
_pdbx_struct_oper_list.matrix[3][1]         0.0000000000 
_pdbx_struct_oper_list.matrix[3][2]         0.0000000000 
_pdbx_struct_oper_list.matrix[3][3]         1.0000000000 
_pdbx_struct_oper_list.vector[3]            0.0000000000 
# 
loop_
_struct_conf.conf_type_id 
_struct_conf.id 
_struct_conf.pdbx_PDB_helix_id 
_struct_conf.beg_label_comp_id 
_struct_conf.beg_label_asym_id 
_struct_conf.beg_label_seq_id 
_struct_conf.pdbx_beg_PDB_ins_code 
_struct_conf.end_label_comp_id 
_struct_conf.end_label_asym_id 
_struct_conf.end_label_seq_id 
_struct_conf.pdbx_end_PDB_ins_code 
_struct_conf.beg_auth_comp_id 
_struct_conf.beg_auth_asym_id 
_struct_conf.beg_auth_seq_id 
_struct_conf.end_auth_comp_id 
_struct_conf.end_auth_asym_id 
_struct_conf.end_auth_seq_id 
_struct_conf.pdbx_PDB_helix_class 
_struct_conf.details 
_struct_conf.pdbx_PDB_helix_length 
HELX_P HELX_P1  AA1 ASP A 3   ? GLY A 23  ? ASP A 172 GLY A 192 1 ? 21 
HELX_P HELX_P2  AA2 SER A 33  ? HIS A 55  ? SER A 202 HIS A 224 1 ? 23 
HELX_P HELX_P3  AA3 HIS A 55  ? ASP A 67  ? HIS A 224 ASP A 236 1 ? 13 
HELX_P HELX_P4  AA4 ASN A 70  ? HIS A 83  ? ASN A 239 HIS A 252 1 ? 14 
HELX_P HELX_P5  AA5 VAL A 84  ? SER A 86  ? VAL A 253 SER A 255 5 ? 3  
HELX_P HELX_P6  AA6 ASN A 91  ? ILE A 112 ? ASN A 260 ILE A 281 1 ? 22 
HELX_P HELX_P7  AA7 GLN A 114 ? SER A 116 ? GLN A 283 SER A 285 5 ? 3  
HELX_P HELX_P8  AA8 CYS A 117 ? LYS A 133 ? CYS A 286 LYS A 302 1 ? 17 
HELX_P HELX_P9  AA9 LYS A 133 ? GLN A 140 ? LYS A 302 GLN A 309 1 ? 8  
HELX_P HELX_P10 AB1 ARG A 141 ? HIS A 151 ? ARG A 310 HIS A 320 1 ? 11 
HELX_P HELX_P11 AB2 NLE B 4   ? ALA B 20  ? NLE B 6   ALA B 22  1 ? 17 
# 
_struct_conf_type.id          HELX_P 
_struct_conf_type.criteria    ? 
_struct_conf_type.reference   ? 
# 
loop_
_struct_conn.id 
_struct_conn.conn_type_id 
_struct_conn.pdbx_leaving_atom_flag 
_struct_conn.pdbx_PDB_id 
_struct_conn.ptnr1_label_asym_id 
_struct_conn.ptnr1_label_comp_id 
_struct_conn.ptnr1_label_seq_id 
_struct_conn.ptnr1_label_atom_id 
_struct_conn.pdbx_ptnr1_label_alt_id 
_struct_conn.pdbx_ptnr1_PDB_ins_code 
_struct_conn.pdbx_ptnr1_standard_comp_id 
_struct_conn.ptnr1_symmetry 
_struct_conn.ptnr2_label_asym_id 
_struct_conn.ptnr2_label_comp_id 
_struct_conn.ptnr2_label_seq_id 
_struct_conn.ptnr2_label_atom_id 
_struct_conn.pdbx_ptnr2_label_alt_id 
_struct_conn.pdbx_ptnr2_PDB_ins_code 
_struct_conn.ptnr1_auth_asym_id 
_struct_conn.ptnr1_auth_comp_id 
_struct_conn.ptnr1_auth_seq_id 
_struct_conn.ptnr2_auth_asym_id 
_struct_conn.ptnr2_auth_comp_id 
_struct_conn.ptnr2_auth_seq_id 
_struct_conn.ptnr2_symmetry 
_struct_conn.pdbx_ptnr3_label_atom_id 
_struct_conn.pdbx_ptnr3_label_seq_id 
_struct_conn.pdbx_ptnr3_label_comp_id 
_struct_conn.pdbx_ptnr3_label_asym_id 
_struct_conn.pdbx_ptnr3_label_alt_id 
_struct_conn.pdbx_ptnr3_PDB_ins_code 
_struct_conn.details 
_struct_conn.pdbx_dist_value 
_struct_conn.pdbx_value_order 
_struct_conn.pdbx_role 
covale1 covale both ? B ACE 1  C ? ? ? 1_555 B ILE 2  N ? ? B ACE 3  B ILE 4  1_555 ? ? ? ? ? ? ? 1.334 ? ? 
covale2 covale both ? B TRP 3  C ? ? ? 1_555 B NLE 4  N ? ? B TRP 5  B NLE 6  1_555 ? ? ? ? ? ? ? 1.328 ? ? 
covale3 covale both ? B NLE 4  C ? ? ? 1_555 B AIB 5  N ? ? B NLE 6  B AIB 7  1_555 ? ? ? ? ? ? ? 1.331 ? ? 
covale4 covale both ? B AIB 5  C ? ? ? 1_555 B GLN 6  N ? ? B AIB 7  B GLN 8  1_555 ? ? ? ? ? ? ? 1.329 ? ? 
covale5 covale both ? B ARG 22 C ? ? ? 1_555 B NH2 23 N ? ? B ARG 24 B NH2 25 1_555 ? ? ? ? ? ? ? 1.328 ? ? 
# 
_struct_conn_type.id          covale 
_struct_conn_type.criteria    ? 
_struct_conn_type.reference   ? 
# 
loop_
_pdbx_modification_feature.ordinal 
_pdbx_modification_feature.label_comp_id 
_pdbx_modification_feature.label_asym_id 
_pdbx_modification_feature.label_seq_id 
_pdbx_modification_feature.label_alt_id 
_pdbx_modification_feature.modified_residue_label_comp_id 
_pdbx_modification_feature.modified_residue_label_asym_id 
_pdbx_modification_feature.modified_residue_label_seq_id 
_pdbx_modification_feature.modified_residue_label_alt_id 
_pdbx_modification_feature.auth_comp_id 
_pdbx_modification_feature.auth_asym_id 
_pdbx_modification_feature.auth_seq_id 
_pdbx_modification_feature.PDB_ins_code 
_pdbx_modification_feature.symmetry 
_pdbx_modification_feature.modified_residue_auth_comp_id 
_pdbx_modification_feature.modified_residue_auth_asym_id 
_pdbx_modification_feature.modified_residue_auth_seq_id 
_pdbx_modification_feature.modified_residue_PDB_ins_code 
_pdbx_modification_feature.modified_residue_symmetry 
_pdbx_modification_feature.comp_id_linking_atom 
_pdbx_modification_feature.modified_residue_id_linking_atom 
_pdbx_modification_feature.modified_residue_id 
_pdbx_modification_feature.ref_pcm_id 
_pdbx_modification_feature.ref_comp_id 
_pdbx_modification_feature.type 
_pdbx_modification_feature.category 
1 NLE B 4  ? .   . .  . NLE B 6  ? 1_555 .   . .  . .     . . LEU 1 NLE Norleucine  'Named protein modification' 
2 AIB B 5  ? .   . .  . AIB B 7  ? 1_555 .   . .  . .     . . ALA 1 AIB Methylation 'Named protein modification' 
3 ACE B 1  ? ILE B 2  ? ACE B 3  ? 1_555 ILE B 4  ? 1_555 . . ILE 3 ACE None        'Terminal acetylation'       
4 NH2 B 23 ? ARG B 22 ? NH2 B 25 ? 1_555 ARG B 24 ? 1_555 . . ARG 8 NH2 None        'Terminal amidation'         
# 
loop_
_struct_site.id 
_struct_site.pdbx_evidence_code 
_struct_site.pdbx_auth_asym_id 
_struct_site.pdbx_auth_comp_id 
_struct_site.pdbx_auth_seq_id 
_struct_site.pdbx_auth_ins_code 
_struct_site.pdbx_num_residues 
_struct_site.details 
AC1 Software B ADM 101 ? 6  'binding site for residue ADM B 101'            
AC2 Software B NLE 6   ? 11 'binding site for residues NLE B 6 and AIB B 7' 
# 
loop_
_struct_site_gen.id 
_struct_site_gen.site_id 
_struct_site_gen.pdbx_num_res 
_struct_site_gen.label_comp_id 
_struct_site_gen.label_asym_id 
_struct_site_gen.label_seq_id 
_struct_site_gen.pdbx_auth_ins_code 
_struct_site_gen.auth_comp_id 
_struct_site_gen.auth_asym_id 
_struct_site_gen.auth_seq_id 
_struct_site_gen.label_atom_id 
_struct_site_gen.label_alt_id 
_struct_site_gen.symmetry 
_struct_site_gen.details 
1  AC1 6  MET A 62 ? MET A 231 . ? 1_555 ? 
2  AC1 6  VAL A 84 ? VAL A 253 . ? 1_555 ? 
3  AC1 6  THR A 97 ? THR A 266 . ? 1_555 ? 
4  AC1 6  AIB B 5  ? AIB B 7   . ? 1_555 ? 
5  AC1 6  GLY B 8  ? GLY B 10  . ? 1_555 ? 
6  AC1 6  ARG B 9  ? ARG B 11  . ? 1_555 ? 
7  AC2 11 MET A 62 ? MET A 231 . ? 1_555 ? 
8  AC2 11 HIS A 83 ? HIS A 252 . ? 1_555 ? 
9  AC2 11 ACE B 1  ? ACE B 3   . ? 1_555 ? 
10 AC2 11 ILE B 2  ? ILE B 4   . ? 1_555 ? 
11 AC2 11 TRP B 3  ? TRP B 5   . ? 1_555 ? 
12 AC2 11 GLN B 6  ? GLN B 8   . ? 1_555 ? 
13 AC2 11 GLY B 7  ? GLY B 9   . ? 1_555 ? 
14 AC2 11 GLY B 8  ? GLY B 10  . ? 1_555 ? 
15 AC2 11 ARG B 9  ? ARG B 11  . ? 1_555 ? 
16 AC2 11 GLU B 14 ? GLU B 16  . ? 4_545 ? 
17 AC2 11 ADM C .  ? ADM B 101 . ? 1_555 ? 
# 
_pdbx_entry_details.entry_id                   6UAB 
_pdbx_entry_details.has_ligand_of_interest     Y 
_pdbx_entry_details.compound_details           ? 
_pdbx_entry_details.source_details             ? 
_pdbx_entry_details.nonpolymer_details         ? 
_pdbx_entry_details.sequence_details           ? 
_pdbx_entry_details.has_protein_modification   Y 
# 
loop_
_pdbx_validate_close_contact.id 
_pdbx_validate_close_contact.PDB_model_num 
_pdbx_validate_close_contact.auth_atom_id_1 
_pdbx_validate_close_contact.auth_asym_id_1 
_pdbx_validate_close_contact.auth_comp_id_1 
_pdbx_validate_close_contact.auth_seq_id_1 
_pdbx_validate_close_contact.PDB_ins_code_1 
_pdbx_validate_close_contact.label_alt_id_1 
_pdbx_validate_close_contact.auth_atom_id_2 
_pdbx_validate_close_contact.auth_asym_id_2 
_pdbx_validate_close_contact.auth_comp_id_2 
_pdbx_validate_close_contact.auth_seq_id_2 
_pdbx_validate_close_contact.PDB_ins_code_2 
_pdbx_validate_close_contact.label_alt_id_2 
_pdbx_validate_close_contact.dist 
1 1 CA  B GLY 10  ? ? C1 B ADM 101 ? ? 1.54 
2 1 NE  A ARG 300 ? ? O  A HOH 401 ? ? 1.96 
3 1 O   A ILE 251 ? ? O  A HOH 402 ? ? 2.03 
4 1 O   A HOH 401 ? ? O  A HOH 408 ? ? 2.15 
5 1 OE2 A GLU 180 ? ? O  A HOH 403 ? ? 2.17 
# 
_pdbx_validate_torsion.id              1 
_pdbx_validate_torsion.PDB_model_num   1 
_pdbx_validate_torsion.auth_comp_id    SER 
_pdbx_validate_torsion.auth_asym_id    A 
_pdbx_validate_torsion.auth_seq_id     202 
_pdbx_validate_torsion.PDB_ins_code    ? 
_pdbx_validate_torsion.label_alt_id    ? 
_pdbx_validate_torsion.phi             73.18 
_pdbx_validate_torsion.psi             46.97 
# 
_pdbx_phasing_MR.entry_id                     6UAB 
_pdbx_phasing_MR.method_rotation              ? 
_pdbx_phasing_MR.method_translation           ? 
_pdbx_phasing_MR.model_details                ? 
_pdbx_phasing_MR.R_factor                     ? 
_pdbx_phasing_MR.R_rigid_body                 ? 
_pdbx_phasing_MR.correlation_coeff_Fo_to_Fc   ? 
_pdbx_phasing_MR.correlation_coeff_Io_to_Ic   ? 
_pdbx_phasing_MR.d_res_high_rotation          4.850 
_pdbx_phasing_MR.d_res_low_rotation           49.170 
_pdbx_phasing_MR.d_res_high_translation       4.850 
_pdbx_phasing_MR.d_res_low_translation        49.170 
_pdbx_phasing_MR.packing                      ? 
_pdbx_phasing_MR.reflns_percent_rotation      ? 
_pdbx_phasing_MR.reflns_percent_translation   ? 
_pdbx_phasing_MR.sigma_F_rotation             ? 
_pdbx_phasing_MR.sigma_F_translation          ? 
_pdbx_phasing_MR.sigma_I_rotation             ? 
_pdbx_phasing_MR.sigma_I_translation          ? 
# 
_phasing.method   MR 
# 
_pdbx_unobs_or_zero_occ_residues.id               1 
_pdbx_unobs_or_zero_occ_residues.PDB_model_num    1 
_pdbx_unobs_or_zero_occ_residues.polymer_flag     Y 
_pdbx_unobs_or_zero_occ_residues.occupancy_flag   1 
_pdbx_unobs_or_zero_occ_residues.auth_asym_id     A 
_pdbx_unobs_or_zero_occ_residues.auth_comp_id     GLY 
_pdbx_unobs_or_zero_occ_residues.auth_seq_id      170 
_pdbx_unobs_or_zero_occ_residues.PDB_ins_code     ? 
_pdbx_unobs_or_zero_occ_residues.label_asym_id    A 
_pdbx_unobs_or_zero_occ_residues.label_comp_id    GLY 
_pdbx_unobs_or_zero_occ_residues.label_seq_id     1 
# 
loop_
_chem_comp_atom.comp_id 
_chem_comp_atom.atom_id 
_chem_comp_atom.type_symbol 
_chem_comp_atom.pdbx_aromatic_flag 
_chem_comp_atom.pdbx_stereo_config 
_chem_comp_atom.pdbx_ordinal 
ACE C    C N N 1   
ACE O    O N N 2   
ACE CH3  C N N 3   
ACE H    H N N 4   
ACE H1   H N N 5   
ACE H2   H N N 6   
ACE H3   H N N 7   
ADM C1   C N N 8   
ADM C2   C N N 9   
ADM C3   C N N 10  
ADM C4   C N N 11  
ADM C5   C N N 12  
ADM C6   C N N 13  
ADM C7   C N N 14  
ADM C8   C N N 15  
ADM C9   C N N 16  
ADM C10  C N N 17  
ADM H1   H N N 18  
ADM H21  H N N 19  
ADM H22  H N N 20  
ADM H3   H N N 21  
ADM H41  H N N 22  
ADM H42  H N N 23  
ADM H5   H N N 24  
ADM H61  H N N 25  
ADM H62  H N N 26  
ADM H7   H N N 27  
ADM H81  H N N 28  
ADM H82  H N N 29  
ADM H91  H N N 30  
ADM H92  H N N 31  
ADM H101 H N N 32  
ADM H102 H N N 33  
AIB N    N N N 34  
AIB CA   C N N 35  
AIB C    C N N 36  
AIB O    O N N 37  
AIB OXT  O N N 38  
AIB CB1  C N N 39  
AIB CB2  C N N 40  
AIB H    H N N 41  
AIB H2   H N N 42  
AIB HXT  H N N 43  
AIB HB11 H N N 44  
AIB HB12 H N N 45  
AIB HB13 H N N 46  
AIB HB21 H N N 47  
AIB HB22 H N N 48  
AIB HB23 H N N 49  
ALA N    N N N 50  
ALA CA   C N S 51  
ALA C    C N N 52  
ALA O    O N N 53  
ALA CB   C N N 54  
ALA OXT  O N N 55  
ALA H    H N N 56  
ALA H2   H N N 57  
ALA HA   H N N 58  
ALA HB1  H N N 59  
ALA HB2  H N N 60  
ALA HB3  H N N 61  
ALA HXT  H N N 62  
ARG N    N N N 63  
ARG CA   C N S 64  
ARG C    C N N 65  
ARG O    O N N 66  
ARG CB   C N N 67  
ARG CG   C N N 68  
ARG CD   C N N 69  
ARG NE   N N N 70  
ARG CZ   C N N 71  
ARG NH1  N N N 72  
ARG NH2  N N N 73  
ARG OXT  O N N 74  
ARG H    H N N 75  
ARG H2   H N N 76  
ARG HA   H N N 77  
ARG HB2  H N N 78  
ARG HB3  H N N 79  
ARG HG2  H N N 80  
ARG HG3  H N N 81  
ARG HD2  H N N 82  
ARG HD3  H N N 83  
ARG HE   H N N 84  
ARG HH11 H N N 85  
ARG HH12 H N N 86  
ARG HH21 H N N 87  
ARG HH22 H N N 88  
ARG HXT  H N N 89  
ASN N    N N N 90  
ASN CA   C N S 91  
ASN C    C N N 92  
ASN O    O N N 93  
ASN CB   C N N 94  
ASN CG   C N N 95  
ASN OD1  O N N 96  
ASN ND2  N N N 97  
ASN OXT  O N N 98  
ASN H    H N N 99  
ASN H2   H N N 100 
ASN HA   H N N 101 
ASN HB2  H N N 102 
ASN HB3  H N N 103 
ASN HD21 H N N 104 
ASN HD22 H N N 105 
ASN HXT  H N N 106 
ASP N    N N N 107 
ASP CA   C N S 108 
ASP C    C N N 109 
ASP O    O N N 110 
ASP CB   C N N 111 
ASP CG   C N N 112 
ASP OD1  O N N 113 
ASP OD2  O N N 114 
ASP OXT  O N N 115 
ASP H    H N N 116 
ASP H2   H N N 117 
ASP HA   H N N 118 
ASP HB2  H N N 119 
ASP HB3  H N N 120 
ASP HD2  H N N 121 
ASP HXT  H N N 122 
CYS N    N N N 123 
CYS CA   C N R 124 
CYS C    C N N 125 
CYS O    O N N 126 
CYS CB   C N N 127 
CYS SG   S N N 128 
CYS OXT  O N N 129 
CYS H    H N N 130 
CYS H2   H N N 131 
CYS HA   H N N 132 
CYS HB2  H N N 133 
CYS HB3  H N N 134 
CYS HG   H N N 135 
CYS HXT  H N N 136 
GLN N    N N N 137 
GLN CA   C N S 138 
GLN C    C N N 139 
GLN O    O N N 140 
GLN CB   C N N 141 
GLN CG   C N N 142 
GLN CD   C N N 143 
GLN OE1  O N N 144 
GLN NE2  N N N 145 
GLN OXT  O N N 146 
GLN H    H N N 147 
GLN H2   H N N 148 
GLN HA   H N N 149 
GLN HB2  H N N 150 
GLN HB3  H N N 151 
GLN HG2  H N N 152 
GLN HG3  H N N 153 
GLN HE21 H N N 154 
GLN HE22 H N N 155 
GLN HXT  H N N 156 
GLU N    N N N 157 
GLU CA   C N S 158 
GLU C    C N N 159 
GLU O    O N N 160 
GLU CB   C N N 161 
GLU CG   C N N 162 
GLU CD   C N N 163 
GLU OE1  O N N 164 
GLU OE2  O N N 165 
GLU OXT  O N N 166 
GLU H    H N N 167 
GLU H2   H N N 168 
GLU HA   H N N 169 
GLU HB2  H N N 170 
GLU HB3  H N N 171 
GLU HG2  H N N 172 
GLU HG3  H N N 173 
GLU HE2  H N N 174 
GLU HXT  H N N 175 
GLY N    N N N 176 
GLY CA   C N N 177 
GLY C    C N N 178 
GLY O    O N N 179 
GLY OXT  O N N 180 
GLY H    H N N 181 
GLY H2   H N N 182 
GLY HA2  H N N 183 
GLY HA3  H N N 184 
GLY HXT  H N N 185 
HIS N    N N N 186 
HIS CA   C N S 187 
HIS C    C N N 188 
HIS O    O N N 189 
HIS CB   C N N 190 
HIS CG   C Y N 191 
HIS ND1  N Y N 192 
HIS CD2  C Y N 193 
HIS CE1  C Y N 194 
HIS NE2  N Y N 195 
HIS OXT  O N N 196 
HIS H    H N N 197 
HIS H2   H N N 198 
HIS HA   H N N 199 
HIS HB2  H N N 200 
HIS HB3  H N N 201 
HIS HD1  H N N 202 
HIS HD2  H N N 203 
HIS HE1  H N N 204 
HIS HE2  H N N 205 
HIS HXT  H N N 206 
HOH O    O N N 207 
HOH H1   H N N 208 
HOH H2   H N N 209 
ILE N    N N N 210 
ILE CA   C N S 211 
ILE C    C N N 212 
ILE O    O N N 213 
ILE CB   C N S 214 
ILE CG1  C N N 215 
ILE CG2  C N N 216 
ILE CD1  C N N 217 
ILE OXT  O N N 218 
ILE H    H N N 219 
ILE H2   H N N 220 
ILE HA   H N N 221 
ILE HB   H N N 222 
ILE HG12 H N N 223 
ILE HG13 H N N 224 
ILE HG21 H N N 225 
ILE HG22 H N N 226 
ILE HG23 H N N 227 
ILE HD11 H N N 228 
ILE HD12 H N N 229 
ILE HD13 H N N 230 
ILE HXT  H N N 231 
LEU N    N N N 232 
LEU CA   C N S 233 
LEU C    C N N 234 
LEU O    O N N 235 
LEU CB   C N N 236 
LEU CG   C N N 237 
LEU CD1  C N N 238 
LEU CD2  C N N 239 
LEU OXT  O N N 240 
LEU H    H N N 241 
LEU H2   H N N 242 
LEU HA   H N N 243 
LEU HB2  H N N 244 
LEU HB3  H N N 245 
LEU HG   H N N 246 
LEU HD11 H N N 247 
LEU HD12 H N N 248 
LEU HD13 H N N 249 
LEU HD21 H N N 250 
LEU HD22 H N N 251 
LEU HD23 H N N 252 
LEU HXT  H N N 253 
LYS N    N N N 254 
LYS CA   C N S 255 
LYS C    C N N 256 
LYS O    O N N 257 
LYS CB   C N N 258 
LYS CG   C N N 259 
LYS CD   C N N 260 
LYS CE   C N N 261 
LYS NZ   N N N 262 
LYS OXT  O N N 263 
LYS H    H N N 264 
LYS H2   H N N 265 
LYS HA   H N N 266 
LYS HB2  H N N 267 
LYS HB3  H N N 268 
LYS HG2  H N N 269 
LYS HG3  H N N 270 
LYS HD2  H N N 271 
LYS HD3  H N N 272 
LYS HE2  H N N 273 
LYS HE3  H N N 274 
LYS HZ1  H N N 275 
LYS HZ2  H N N 276 
LYS HZ3  H N N 277 
LYS HXT  H N N 278 
MET N    N N N 279 
MET CA   C N S 280 
MET C    C N N 281 
MET O    O N N 282 
MET CB   C N N 283 
MET CG   C N N 284 
MET SD   S N N 285 
MET CE   C N N 286 
MET OXT  O N N 287 
MET H    H N N 288 
MET H2   H N N 289 
MET HA   H N N 290 
MET HB2  H N N 291 
MET HB3  H N N 292 
MET HG2  H N N 293 
MET HG3  H N N 294 
MET HE1  H N N 295 
MET HE2  H N N 296 
MET HE3  H N N 297 
MET HXT  H N N 298 
NH2 N    N N N 299 
NH2 HN1  H N N 300 
NH2 HN2  H N N 301 
NLE N    N N N 302 
NLE CA   C N S 303 
NLE C    C N N 304 
NLE O    O N N 305 
NLE OXT  O N N 306 
NLE CB   C N N 307 
NLE CG   C N N 308 
NLE CD   C N N 309 
NLE CE   C N N 310 
NLE H    H N N 311 
NLE H2   H N N 312 
NLE HA   H N N 313 
NLE HXT  H N N 314 
NLE HB2  H N N 315 
NLE HB3  H N N 316 
NLE HG2  H N N 317 
NLE HG3  H N N 318 
NLE HD2  H N N 319 
NLE HD3  H N N 320 
NLE HE1  H N N 321 
NLE HE2  H N N 322 
NLE HE3  H N N 323 
PHE N    N N N 324 
PHE CA   C N S 325 
PHE C    C N N 326 
PHE O    O N N 327 
PHE CB   C N N 328 
PHE CG   C Y N 329 
PHE CD1  C Y N 330 
PHE CD2  C Y N 331 
PHE CE1  C Y N 332 
PHE CE2  C Y N 333 
PHE CZ   C Y N 334 
PHE OXT  O N N 335 
PHE H    H N N 336 
PHE H2   H N N 337 
PHE HA   H N N 338 
PHE HB2  H N N 339 
PHE HB3  H N N 340 
PHE HD1  H N N 341 
PHE HD2  H N N 342 
PHE HE1  H N N 343 
PHE HE2  H N N 344 
PHE HZ   H N N 345 
PHE HXT  H N N 346 
PRO N    N N N 347 
PRO CA   C N S 348 
PRO C    C N N 349 
PRO O    O N N 350 
PRO CB   C N N 351 
PRO CG   C N N 352 
PRO CD   C N N 353 
PRO OXT  O N N 354 
PRO H    H N N 355 
PRO HA   H N N 356 
PRO HB2  H N N 357 
PRO HB3  H N N 358 
PRO HG2  H N N 359 
PRO HG3  H N N 360 
PRO HD2  H N N 361 
PRO HD3  H N N 362 
PRO HXT  H N N 363 
SER N    N N N 364 
SER CA   C N S 365 
SER C    C N N 366 
SER O    O N N 367 
SER CB   C N N 368 
SER OG   O N N 369 
SER OXT  O N N 370 
SER H    H N N 371 
SER H2   H N N 372 
SER HA   H N N 373 
SER HB2  H N N 374 
SER HB3  H N N 375 
SER HG   H N N 376 
SER HXT  H N N 377 
THR N    N N N 378 
THR CA   C N S 379 
THR C    C N N 380 
THR O    O N N 381 
THR CB   C N R 382 
THR OG1  O N N 383 
THR CG2  C N N 384 
THR OXT  O N N 385 
THR H    H N N 386 
THR H2   H N N 387 
THR HA   H N N 388 
THR HB   H N N 389 
THR HG1  H N N 390 
THR HG21 H N N 391 
THR HG22 H N N 392 
THR HG23 H N N 393 
THR HXT  H N N 394 
TRP N    N N N 395 
TRP CA   C N S 396 
TRP C    C N N 397 
TRP O    O N N 398 
TRP CB   C N N 399 
TRP CG   C Y N 400 
TRP CD1  C Y N 401 
TRP CD2  C Y N 402 
TRP NE1  N Y N 403 
TRP CE2  C Y N 404 
TRP CE3  C Y N 405 
TRP CZ2  C Y N 406 
TRP CZ3  C Y N 407 
TRP CH2  C Y N 408 
TRP OXT  O N N 409 
TRP H    H N N 410 
TRP H2   H N N 411 
TRP HA   H N N 412 
TRP HB2  H N N 413 
TRP HB3  H N N 414 
TRP HD1  H N N 415 
TRP HE1  H N N 416 
TRP HE3  H N N 417 
TRP HZ2  H N N 418 
TRP HZ3  H N N 419 
TRP HH2  H N N 420 
TRP HXT  H N N 421 
TYR N    N N N 422 
TYR CA   C N S 423 
TYR C    C N N 424 
TYR O    O N N 425 
TYR CB   C N N 426 
TYR CG   C Y N 427 
TYR CD1  C Y N 428 
TYR CD2  C Y N 429 
TYR CE1  C Y N 430 
TYR CE2  C Y N 431 
TYR CZ   C Y N 432 
TYR OH   O N N 433 
TYR OXT  O N N 434 
TYR H    H N N 435 
TYR H2   H N N 436 
TYR HA   H N N 437 
TYR HB2  H N N 438 
TYR HB3  H N N 439 
TYR HD1  H N N 440 
TYR HD2  H N N 441 
TYR HE1  H N N 442 
TYR HE2  H N N 443 
TYR HH   H N N 444 
TYR HXT  H N N 445 
VAL N    N N N 446 
VAL CA   C N S 447 
VAL C    C N N 448 
VAL O    O N N 449 
VAL CB   C N N 450 
VAL CG1  C N N 451 
VAL CG2  C N N 452 
VAL OXT  O N N 453 
VAL H    H N N 454 
VAL H2   H N N 455 
VAL HA   H N N 456 
VAL HB   H N N 457 
VAL HG11 H N N 458 
VAL HG12 H N N 459 
VAL HG13 H N N 460 
VAL HG21 H N N 461 
VAL HG22 H N N 462 
VAL HG23 H N N 463 
VAL HXT  H N N 464 
# 
loop_
_chem_comp_bond.comp_id 
_chem_comp_bond.atom_id_1 
_chem_comp_bond.atom_id_2 
_chem_comp_bond.value_order 
_chem_comp_bond.pdbx_aromatic_flag 
_chem_comp_bond.pdbx_stereo_config 
_chem_comp_bond.pdbx_ordinal 
ACE C   O    doub N N 1   
ACE C   CH3  sing N N 2   
ACE C   H    sing N N 3   
ACE CH3 H1   sing N N 4   
ACE CH3 H2   sing N N 5   
ACE CH3 H3   sing N N 6   
ADM C1  C2   sing N N 7   
ADM C1  C8   sing N N 8   
ADM C1  C9   sing N N 9   
ADM C1  H1   sing N N 10  
ADM C2  C3   sing N N 11  
ADM C2  H21  sing N N 12  
ADM C2  H22  sing N N 13  
ADM C3  C4   sing N N 14  
ADM C3  C10  sing N N 15  
ADM C3  H3   sing N N 16  
ADM C4  C5   sing N N 17  
ADM C4  H41  sing N N 18  
ADM C4  H42  sing N N 19  
ADM C5  C6   sing N N 20  
ADM C5  C9   sing N N 21  
ADM C5  H5   sing N N 22  
ADM C6  C7   sing N N 23  
ADM C6  H61  sing N N 24  
ADM C6  H62  sing N N 25  
ADM C7  C8   sing N N 26  
ADM C7  C10  sing N N 27  
ADM C7  H7   sing N N 28  
ADM C8  H81  sing N N 29  
ADM C8  H82  sing N N 30  
ADM C9  H91  sing N N 31  
ADM C9  H92  sing N N 32  
ADM C10 H101 sing N N 33  
ADM C10 H102 sing N N 34  
AIB N   CA   sing N N 35  
AIB N   H    sing N N 36  
AIB N   H2   sing N N 37  
AIB CA  C    sing N N 38  
AIB CA  CB1  sing N N 39  
AIB CA  CB2  sing N N 40  
AIB C   O    doub N N 41  
AIB C   OXT  sing N N 42  
AIB OXT HXT  sing N N 43  
AIB CB1 HB11 sing N N 44  
AIB CB1 HB12 sing N N 45  
AIB CB1 HB13 sing N N 46  
AIB CB2 HB21 sing N N 47  
AIB CB2 HB22 sing N N 48  
AIB CB2 HB23 sing N N 49  
ALA N   CA   sing N N 50  
ALA N   H    sing N N 51  
ALA N   H2   sing N N 52  
ALA CA  C    sing N N 53  
ALA CA  CB   sing N N 54  
ALA CA  HA   sing N N 55  
ALA C   O    doub N N 56  
ALA C   OXT  sing N N 57  
ALA CB  HB1  sing N N 58  
ALA CB  HB2  sing N N 59  
ALA CB  HB3  sing N N 60  
ALA OXT HXT  sing N N 61  
ARG N   CA   sing N N 62  
ARG N   H    sing N N 63  
ARG N   H2   sing N N 64  
ARG CA  C    sing N N 65  
ARG CA  CB   sing N N 66  
ARG CA  HA   sing N N 67  
ARG C   O    doub N N 68  
ARG C   OXT  sing N N 69  
ARG CB  CG   sing N N 70  
ARG CB  HB2  sing N N 71  
ARG CB  HB3  sing N N 72  
ARG CG  CD   sing N N 73  
ARG CG  HG2  sing N N 74  
ARG CG  HG3  sing N N 75  
ARG CD  NE   sing N N 76  
ARG CD  HD2  sing N N 77  
ARG CD  HD3  sing N N 78  
ARG NE  CZ   sing N N 79  
ARG NE  HE   sing N N 80  
ARG CZ  NH1  sing N N 81  
ARG CZ  NH2  doub N N 82  
ARG NH1 HH11 sing N N 83  
ARG NH1 HH12 sing N N 84  
ARG NH2 HH21 sing N N 85  
ARG NH2 HH22 sing N N 86  
ARG OXT HXT  sing N N 87  
ASN N   CA   sing N N 88  
ASN N   H    sing N N 89  
ASN N   H2   sing N N 90  
ASN CA  C    sing N N 91  
ASN CA  CB   sing N N 92  
ASN CA  HA   sing N N 93  
ASN C   O    doub N N 94  
ASN C   OXT  sing N N 95  
ASN CB  CG   sing N N 96  
ASN CB  HB2  sing N N 97  
ASN CB  HB3  sing N N 98  
ASN CG  OD1  doub N N 99  
ASN CG  ND2  sing N N 100 
ASN ND2 HD21 sing N N 101 
ASN ND2 HD22 sing N N 102 
ASN OXT HXT  sing N N 103 
ASP N   CA   sing N N 104 
ASP N   H    sing N N 105 
ASP N   H2   sing N N 106 
ASP CA  C    sing N N 107 
ASP CA  CB   sing N N 108 
ASP CA  HA   sing N N 109 
ASP C   O    doub N N 110 
ASP C   OXT  sing N N 111 
ASP CB  CG   sing N N 112 
ASP CB  HB2  sing N N 113 
ASP CB  HB3  sing N N 114 
ASP CG  OD1  doub N N 115 
ASP CG  OD2  sing N N 116 
ASP OD2 HD2  sing N N 117 
ASP OXT HXT  sing N N 118 
CYS N   CA   sing N N 119 
CYS N   H    sing N N 120 
CYS N   H2   sing N N 121 
CYS CA  C    sing N N 122 
CYS CA  CB   sing N N 123 
CYS CA  HA   sing N N 124 
CYS C   O    doub N N 125 
CYS C   OXT  sing N N 126 
CYS CB  SG   sing N N 127 
CYS CB  HB2  sing N N 128 
CYS CB  HB3  sing N N 129 
CYS SG  HG   sing N N 130 
CYS OXT HXT  sing N N 131 
GLN N   CA   sing N N 132 
GLN N   H    sing N N 133 
GLN N   H2   sing N N 134 
GLN CA  C    sing N N 135 
GLN CA  CB   sing N N 136 
GLN CA  HA   sing N N 137 
GLN C   O    doub N N 138 
GLN C   OXT  sing N N 139 
GLN CB  CG   sing N N 140 
GLN CB  HB2  sing N N 141 
GLN CB  HB3  sing N N 142 
GLN CG  CD   sing N N 143 
GLN CG  HG2  sing N N 144 
GLN CG  HG3  sing N N 145 
GLN CD  OE1  doub N N 146 
GLN CD  NE2  sing N N 147 
GLN NE2 HE21 sing N N 148 
GLN NE2 HE22 sing N N 149 
GLN OXT HXT  sing N N 150 
GLU N   CA   sing N N 151 
GLU N   H    sing N N 152 
GLU N   H2   sing N N 153 
GLU CA  C    sing N N 154 
GLU CA  CB   sing N N 155 
GLU CA  HA   sing N N 156 
GLU C   O    doub N N 157 
GLU C   OXT  sing N N 158 
GLU CB  CG   sing N N 159 
GLU CB  HB2  sing N N 160 
GLU CB  HB3  sing N N 161 
GLU CG  CD   sing N N 162 
GLU CG  HG2  sing N N 163 
GLU CG  HG3  sing N N 164 
GLU CD  OE1  doub N N 165 
GLU CD  OE2  sing N N 166 
GLU OE2 HE2  sing N N 167 
GLU OXT HXT  sing N N 168 
GLY N   CA   sing N N 169 
GLY N   H    sing N N 170 
GLY N   H2   sing N N 171 
GLY CA  C    sing N N 172 
GLY CA  HA2  sing N N 173 
GLY CA  HA3  sing N N 174 
GLY C   O    doub N N 175 
GLY C   OXT  sing N N 176 
GLY OXT HXT  sing N N 177 
HIS N   CA   sing N N 178 
HIS N   H    sing N N 179 
HIS N   H2   sing N N 180 
HIS CA  C    sing N N 181 
HIS CA  CB   sing N N 182 
HIS CA  HA   sing N N 183 
HIS C   O    doub N N 184 
HIS C   OXT  sing N N 185 
HIS CB  CG   sing N N 186 
HIS CB  HB2  sing N N 187 
HIS CB  HB3  sing N N 188 
HIS CG  ND1  sing Y N 189 
HIS CG  CD2  doub Y N 190 
HIS ND1 CE1  doub Y N 191 
HIS ND1 HD1  sing N N 192 
HIS CD2 NE2  sing Y N 193 
HIS CD2 HD2  sing N N 194 
HIS CE1 NE2  sing Y N 195 
HIS CE1 HE1  sing N N 196 
HIS NE2 HE2  sing N N 197 
HIS OXT HXT  sing N N 198 
HOH O   H1   sing N N 199 
HOH O   H2   sing N N 200 
ILE N   CA   sing N N 201 
ILE N   H    sing N N 202 
ILE N   H2   sing N N 203 
ILE CA  C    sing N N 204 
ILE CA  CB   sing N N 205 
ILE CA  HA   sing N N 206 
ILE C   O    doub N N 207 
ILE C   OXT  sing N N 208 
ILE CB  CG1  sing N N 209 
ILE CB  CG2  sing N N 210 
ILE CB  HB   sing N N 211 
ILE CG1 CD1  sing N N 212 
ILE CG1 HG12 sing N N 213 
ILE CG1 HG13 sing N N 214 
ILE CG2 HG21 sing N N 215 
ILE CG2 HG22 sing N N 216 
ILE CG2 HG23 sing N N 217 
ILE CD1 HD11 sing N N 218 
ILE CD1 HD12 sing N N 219 
ILE CD1 HD13 sing N N 220 
ILE OXT HXT  sing N N 221 
LEU N   CA   sing N N 222 
LEU N   H    sing N N 223 
LEU N   H2   sing N N 224 
LEU CA  C    sing N N 225 
LEU CA  CB   sing N N 226 
LEU CA  HA   sing N N 227 
LEU C   O    doub N N 228 
LEU C   OXT  sing N N 229 
LEU CB  CG   sing N N 230 
LEU CB  HB2  sing N N 231 
LEU CB  HB3  sing N N 232 
LEU CG  CD1  sing N N 233 
LEU CG  CD2  sing N N 234 
LEU CG  HG   sing N N 235 
LEU CD1 HD11 sing N N 236 
LEU CD1 HD12 sing N N 237 
LEU CD1 HD13 sing N N 238 
LEU CD2 HD21 sing N N 239 
LEU CD2 HD22 sing N N 240 
LEU CD2 HD23 sing N N 241 
LEU OXT HXT  sing N N 242 
LYS N   CA   sing N N 243 
LYS N   H    sing N N 244 
LYS N   H2   sing N N 245 
LYS CA  C    sing N N 246 
LYS CA  CB   sing N N 247 
LYS CA  HA   sing N N 248 
LYS C   O    doub N N 249 
LYS C   OXT  sing N N 250 
LYS CB  CG   sing N N 251 
LYS CB  HB2  sing N N 252 
LYS CB  HB3  sing N N 253 
LYS CG  CD   sing N N 254 
LYS CG  HG2  sing N N 255 
LYS CG  HG3  sing N N 256 
LYS CD  CE   sing N N 257 
LYS CD  HD2  sing N N 258 
LYS CD  HD3  sing N N 259 
LYS CE  NZ   sing N N 260 
LYS CE  HE2  sing N N 261 
LYS CE  HE3  sing N N 262 
LYS NZ  HZ1  sing N N 263 
LYS NZ  HZ2  sing N N 264 
LYS NZ  HZ3  sing N N 265 
LYS OXT HXT  sing N N 266 
MET N   CA   sing N N 267 
MET N   H    sing N N 268 
MET N   H2   sing N N 269 
MET CA  C    sing N N 270 
MET CA  CB   sing N N 271 
MET CA  HA   sing N N 272 
MET C   O    doub N N 273 
MET C   OXT  sing N N 274 
MET CB  CG   sing N N 275 
MET CB  HB2  sing N N 276 
MET CB  HB3  sing N N 277 
MET CG  SD   sing N N 278 
MET CG  HG2  sing N N 279 
MET CG  HG3  sing N N 280 
MET SD  CE   sing N N 281 
MET CE  HE1  sing N N 282 
MET CE  HE2  sing N N 283 
MET CE  HE3  sing N N 284 
MET OXT HXT  sing N N 285 
NH2 N   HN1  sing N N 286 
NH2 N   HN2  sing N N 287 
NLE N   CA   sing N N 288 
NLE N   H    sing N N 289 
NLE N   H2   sing N N 290 
NLE CA  C    sing N N 291 
NLE CA  CB   sing N N 292 
NLE CA  HA   sing N N 293 
NLE C   O    doub N N 294 
NLE C   OXT  sing N N 295 
NLE OXT HXT  sing N N 296 
NLE CB  CG   sing N N 297 
NLE CB  HB2  sing N N 298 
NLE CB  HB3  sing N N 299 
NLE CG  CD   sing N N 300 
NLE CG  HG2  sing N N 301 
NLE CG  HG3  sing N N 302 
NLE CD  CE   sing N N 303 
NLE CD  HD2  sing N N 304 
NLE CD  HD3  sing N N 305 
NLE CE  HE1  sing N N 306 
NLE CE  HE2  sing N N 307 
NLE CE  HE3  sing N N 308 
PHE N   CA   sing N N 309 
PHE N   H    sing N N 310 
PHE N   H2   sing N N 311 
PHE CA  C    sing N N 312 
PHE CA  CB   sing N N 313 
PHE CA  HA   sing N N 314 
PHE C   O    doub N N 315 
PHE C   OXT  sing N N 316 
PHE CB  CG   sing N N 317 
PHE CB  HB2  sing N N 318 
PHE CB  HB3  sing N N 319 
PHE CG  CD1  doub Y N 320 
PHE CG  CD2  sing Y N 321 
PHE CD1 CE1  sing Y N 322 
PHE CD1 HD1  sing N N 323 
PHE CD2 CE2  doub Y N 324 
PHE CD2 HD2  sing N N 325 
PHE CE1 CZ   doub Y N 326 
PHE CE1 HE1  sing N N 327 
PHE CE2 CZ   sing Y N 328 
PHE CE2 HE2  sing N N 329 
PHE CZ  HZ   sing N N 330 
PHE OXT HXT  sing N N 331 
PRO N   CA   sing N N 332 
PRO N   CD   sing N N 333 
PRO N   H    sing N N 334 
PRO CA  C    sing N N 335 
PRO CA  CB   sing N N 336 
PRO CA  HA   sing N N 337 
PRO C   O    doub N N 338 
PRO C   OXT  sing N N 339 
PRO CB  CG   sing N N 340 
PRO CB  HB2  sing N N 341 
PRO CB  HB3  sing N N 342 
PRO CG  CD   sing N N 343 
PRO CG  HG2  sing N N 344 
PRO CG  HG3  sing N N 345 
PRO CD  HD2  sing N N 346 
PRO CD  HD3  sing N N 347 
PRO OXT HXT  sing N N 348 
SER N   CA   sing N N 349 
SER N   H    sing N N 350 
SER N   H2   sing N N 351 
SER CA  C    sing N N 352 
SER CA  CB   sing N N 353 
SER CA  HA   sing N N 354 
SER C   O    doub N N 355 
SER C   OXT  sing N N 356 
SER CB  OG   sing N N 357 
SER CB  HB2  sing N N 358 
SER CB  HB3  sing N N 359 
SER OG  HG   sing N N 360 
SER OXT HXT  sing N N 361 
THR N   CA   sing N N 362 
THR N   H    sing N N 363 
THR N   H2   sing N N 364 
THR CA  C    sing N N 365 
THR CA  CB   sing N N 366 
THR CA  HA   sing N N 367 
THR C   O    doub N N 368 
THR C   OXT  sing N N 369 
THR CB  OG1  sing N N 370 
THR CB  CG2  sing N N 371 
THR CB  HB   sing N N 372 
THR OG1 HG1  sing N N 373 
THR CG2 HG21 sing N N 374 
THR CG2 HG22 sing N N 375 
THR CG2 HG23 sing N N 376 
THR OXT HXT  sing N N 377 
TRP N   CA   sing N N 378 
TRP N   H    sing N N 379 
TRP N   H2   sing N N 380 
TRP CA  C    sing N N 381 
TRP CA  CB   sing N N 382 
TRP CA  HA   sing N N 383 
TRP C   O    doub N N 384 
TRP C   OXT  sing N N 385 
TRP CB  CG   sing N N 386 
TRP CB  HB2  sing N N 387 
TRP CB  HB3  sing N N 388 
TRP CG  CD1  doub Y N 389 
TRP CG  CD2  sing Y N 390 
TRP CD1 NE1  sing Y N 391 
TRP CD1 HD1  sing N N 392 
TRP CD2 CE2  doub Y N 393 
TRP CD2 CE3  sing Y N 394 
TRP NE1 CE2  sing Y N 395 
TRP NE1 HE1  sing N N 396 
TRP CE2 CZ2  sing Y N 397 
TRP CE3 CZ3  doub Y N 398 
TRP CE3 HE3  sing N N 399 
TRP CZ2 CH2  doub Y N 400 
TRP CZ2 HZ2  sing N N 401 
TRP CZ3 CH2  sing Y N 402 
TRP CZ3 HZ3  sing N N 403 
TRP CH2 HH2  sing N N 404 
TRP OXT HXT  sing N N 405 
TYR N   CA   sing N N 406 
TYR N   H    sing N N 407 
TYR N   H2   sing N N 408 
TYR CA  C    sing N N 409 
TYR CA  CB   sing N N 410 
TYR CA  HA   sing N N 411 
TYR C   O    doub N N 412 
TYR C   OXT  sing N N 413 
TYR CB  CG   sing N N 414 
TYR CB  HB2  sing N N 415 
TYR CB  HB3  sing N N 416 
TYR CG  CD1  doub Y N 417 
TYR CG  CD2  sing Y N 418 
TYR CD1 CE1  sing Y N 419 
TYR CD1 HD1  sing N N 420 
TYR CD2 CE2  doub Y N 421 
TYR CD2 HD2  sing N N 422 
TYR CE1 CZ   doub Y N 423 
TYR CE1 HE1  sing N N 424 
TYR CE2 CZ   sing Y N 425 
TYR CE2 HE2  sing N N 426 
TYR CZ  OH   sing N N 427 
TYR OH  HH   sing N N 428 
TYR OXT HXT  sing N N 429 
VAL N   CA   sing N N 430 
VAL N   H    sing N N 431 
VAL N   H2   sing N N 432 
VAL CA  C    sing N N 433 
VAL CA  CB   sing N N 434 
VAL CA  HA   sing N N 435 
VAL C   O    doub N N 436 
VAL C   OXT  sing N N 437 
VAL CB  CG1  sing N N 438 
VAL CB  CG2  sing N N 439 
VAL CB  HB   sing N N 440 
VAL CG1 HG11 sing N N 441 
VAL CG1 HG12 sing N N 442 
VAL CG1 HG13 sing N N 443 
VAL CG2 HG21 sing N N 444 
VAL CG2 HG22 sing N N 445 
VAL CG2 HG23 sing N N 446 
VAL OXT HXT  sing N N 447 
# 
_pdbx_audit_support.funding_organization   'Department of Defense (DOD, United States)' 
_pdbx_audit_support.country                'United States' 
_pdbx_audit_support.grant_number           ? 
_pdbx_audit_support.ordinal                1 
# 
_atom_sites.entry_id                    6UAB 
_atom_sites.Cartn_transf_matrix[1][1]   ? 
_atom_sites.Cartn_transf_matrix[1][2]   ? 
_atom_sites.Cartn_transf_matrix[1][3]   ? 
_atom_sites.Cartn_transf_matrix[2][1]   ? 
_atom_sites.Cartn_transf_matrix[2][2]   ? 
_atom_sites.Cartn_transf_matrix[2][3]   ? 
_atom_sites.Cartn_transf_matrix[3][1]   ? 
_atom_sites.Cartn_transf_matrix[3][2]   ? 
_atom_sites.Cartn_transf_matrix[3][3]   ? 
_atom_sites.Cartn_transf_vector[1]      ? 
_atom_sites.Cartn_transf_vector[2]      ? 
_atom_sites.Cartn_transf_vector[3]      ? 
_atom_sites.fract_transf_matrix[1][1]   -0.00092431 
_atom_sites.fract_transf_matrix[1][2]   0.02834818 
_atom_sites.fract_transf_matrix[1][3]   -0.01591860 
_atom_sites.fract_transf_matrix[2][1]   -0.00601000 
_atom_sites.fract_transf_matrix[2][2]   -0.00828961 
_atom_sites.fract_transf_matrix[2][3]   -0.01441335 
_atom_sites.fract_transf_matrix[3][1]   -0.00944627 
_atom_sites.fract_transf_matrix[3][2]   0.00143906 
_atom_sites.fract_transf_matrix[3][3]   0.00311120 
_atom_sites.fract_transf_vector[1]      0.119686 
_atom_sites.fract_transf_vector[2]      -0.119059 
_atom_sites.fract_transf_vector[3]      -0.140290 
_atom_sites.solution_primary            ? 
_atom_sites.solution_secondary          ? 
_atom_sites.solution_hydrogens          ? 
_atom_sites.special_details             ? 
# 
loop_
_atom_type.symbol 
C 
H 
N 
O 
S 
# 
loop_
_atom_site.group_PDB 
_atom_site.id 
_atom_site.type_symbol 
_atom_site.label_atom_id 
_atom_site.label_alt_id 
_atom_site.label_comp_id 
_atom_site.label_asym_id 
_atom_site.label_entity_id 
_atom_site.label_seq_id 
_atom_site.pdbx_PDB_ins_code 
_atom_site.Cartn_x 
_atom_site.Cartn_y 
_atom_site.Cartn_z 
_atom_site.occupancy 
_atom_site.B_iso_or_equiv 
_atom_site.pdbx_formal_charge 
_atom_site.auth_seq_id 
_atom_site.auth_comp_id 
_atom_site.auth_asym_id 
_atom_site.auth_atom_id 
_atom_site.pdbx_PDB_model_num 
ATOM   1    N N    . SER A 1 2   ? 12.736  13.619  -14.509 1.00 45.13 ? 171 SER A N    1 
ATOM   2    C CA   . SER A 1 2   ? 13.140  12.409  -13.804 1.00 45.94 ? 171 SER A CA   1 
ATOM   3    C C    . SER A 1 2   ? 12.808  12.527  -12.316 1.00 46.01 ? 171 SER A C    1 
ATOM   4    O O    . SER A 1 2   ? 13.430  13.311  -11.602 1.00 56.51 ? 171 SER A O    1 
ATOM   5    C CB   . SER A 1 2   ? 14.640  12.149  -14.001 1.00 58.50 ? 171 SER A CB   1 
ATOM   6    O OG   . SER A 1 2   ? 14.954  10.778  -13.806 1.00 55.30 ? 171 SER A OG   1 
ATOM   7    N N    . ASP A 1 3   ? 11.828  11.753  -11.854 1.00 51.68 ? 172 ASP A N    1 
ATOM   8    C CA   . ASP A 1 3   ? 11.368  11.771  -10.463 1.00 34.97 ? 172 ASP A CA   1 
ATOM   9    C C    . ASP A 1 3   ? 11.677  10.412  -9.839  1.00 32.91 ? 172 ASP A C    1 
ATOM   10   O O    . ASP A 1 3   ? 10.874  9.480   -9.929  1.00 28.60 ? 172 ASP A O    1 
ATOM   11   C CB   . ASP A 1 3   ? 9.865   12.101  -10.385 1.00 30.01 ? 172 ASP A CB   1 
ATOM   12   C CG   . ASP A 1 3   ? 9.343   12.147  -8.952  1.00 35.33 ? 172 ASP A CG   1 
ATOM   13   O OD1  . ASP A 1 3   ? 10.145  11.944  -8.016  1.00 30.16 ? 172 ASP A OD1  1 
ATOM   14   O OD2  . ASP A 1 3   ? 8.132   12.389  -8.771  1.00 36.87 ? 172 ASP A OD2  1 
ATOM   15   N N    . GLU A 1 4   ? 12.837  10.309  -9.187  1.00 33.79 ? 173 GLU A N    1 
ATOM   16   C CA   . GLU A 1 4   ? 13.276  9.026   -8.643  1.00 35.96 ? 173 GLU A CA   1 
ATOM   17   C C    . GLU A 1 4   ? 12.336  8.532   -7.547  1.00 38.17 ? 173 GLU A C    1 
ATOM   18   O O    . GLU A 1 4   ? 12.031  7.335   -7.475  1.00 32.33 ? 173 GLU A O    1 
ATOM   19   C CB   . GLU A 1 4   ? 14.709  9.143   -8.117  1.00 34.39 ? 173 GLU A CB   1 
ATOM   20   C CG   . GLU A 1 4   ? 15.252  7.856   -7.530  1.00 42.47 ? 173 GLU A CG   1 
ATOM   21   C CD   . GLU A 1 4   ? 15.208  6.703   -8.515  1.00 43.33 ? 173 GLU A CD   1 
ATOM   22   O OE1  . GLU A 1 4   ? 15.149  6.959   -9.736  1.00 46.51 ? 173 GLU A OE1  1 
ATOM   23   O OE2  . GLU A 1 4   ? 15.226  5.540   -8.062  1.00 49.12 ? 173 GLU A OE2  1 
ATOM   24   N N    . LEU A 1 5   ? 11.866  9.435   -6.684  1.00 38.25 ? 174 LEU A N    1 
ATOM   25   C CA   . LEU A 1 5   ? 10.948  9.023   -5.625  1.00 27.79 ? 174 LEU A CA   1 
ATOM   26   C C    . LEU A 1 5   ? 9.671   8.424   -6.203  1.00 27.95 ? 174 LEU A C    1 
ATOM   27   O O    . LEU A 1 5   ? 9.157   7.423   -5.687  1.00 25.61 ? 174 LEU A O    1 
ATOM   28   C CB   . LEU A 1 5   ? 10.616  10.203  -4.716  1.00 27.95 ? 174 LEU A CB   1 
ATOM   29   C CG   . LEU A 1 5   ? 9.583   9.870   -3.640  1.00 27.09 ? 174 LEU A CG   1 
ATOM   30   C CD1  . LEU A 1 5   ? 10.082  8.711   -2.795  1.00 25.47 ? 174 LEU A CD1  1 
ATOM   31   C CD2  . LEU A 1 5   ? 9.291   11.089  -2.781  1.00 31.84 ? 174 LEU A CD2  1 
ATOM   32   N N    . TYR A 1 6   ? 9.142   9.021   -7.272  1.00 24.78 ? 175 TYR A N    1 
ATOM   33   C CA   . TYR A 1 6   ? 7.953   8.463   -7.904  1.00 23.57 ? 175 TYR A CA   1 
ATOM   34   C C    . TYR A 1 6   ? 8.260   7.120   -8.552  1.00 26.29 ? 175 TYR A C    1 
ATOM   35   O O    . TYR A 1 6   ? 7.537   6.138   -8.339  1.00 21.23 ? 175 TYR A O    1 
ATOM   36   C CB   . TYR A 1 6   ? 7.384   9.437   -8.936  1.00 27.86 ? 175 TYR A CB   1 
ATOM   37   C CG   . TYR A 1 6   ? 6.061   8.970   -9.500  1.00 26.20 ? 175 TYR A CG   1 
ATOM   38   C CD1  . TYR A 1 6   ? 4.862   9.429   -8.973  1.00 31.10 ? 175 TYR A CD1  1 
ATOM   39   C CD2  . TYR A 1 6   ? 6.010   8.046   -10.537 1.00 31.69 ? 175 TYR A CD2  1 
ATOM   40   C CE1  . TYR A 1 6   ? 3.653   8.996   -9.473  1.00 33.13 ? 175 TYR A CE1  1 
ATOM   41   C CE2  . TYR A 1 6   ? 4.804   7.606   -11.043 1.00 29.26 ? 175 TYR A CE2  1 
ATOM   42   C CZ   . TYR A 1 6   ? 3.628   8.084   -10.509 1.00 34.55 ? 175 TYR A CZ   1 
ATOM   43   O OH   . TYR A 1 6   ? 2.425   7.649   -11.012 1.00 38.83 ? 175 TYR A OH   1 
ATOM   44   N N    . ARG A 1 7   ? 9.321   7.061   -9.361  1.00 22.44 ? 176 ARG A N    1 
ATOM   45   C CA   . ARG A 1 7   ? 9.695   5.808   -10.008 1.00 25.02 ? 176 ARG A CA   1 
ATOM   46   C C    . ARG A 1 7   ? 9.851   4.692   -8.985  1.00 20.78 ? 176 ARG A C    1 
ATOM   47   O O    . ARG A 1 7   ? 9.321   3.591   -9.161  1.00 23.56 ? 176 ARG A O    1 
ATOM   48   C CB   . ARG A 1 7   ? 10.994  5.990   -10.798 1.00 28.39 ? 176 ARG A CB   1 
ATOM   49   C CG   . ARG A 1 7   ? 11.460  4.722   -11.495 1.00 28.08 ? 176 ARG A CG   1 
ATOM   50   C CD   . ARG A 1 7   ? 12.968  4.691   -11.663 1.00 36.95 ? 176 ARG A CD   1 
ATOM   51   N NE   . ARG A 1 7   ? 13.658  4.555   -10.383 1.00 45.73 ? 176 ARG A NE   1 
ATOM   52   C CZ   . ARG A 1 7   ? 13.804  3.404   -9.734  1.00 49.09 ? 176 ARG A CZ   1 
ATOM   53   N NH1  . ARG A 1 7   ? 14.450  3.369   -8.575  1.00 36.97 ? 176 ARG A NH1  1 
ATOM   54   N NH2  . ARG A 1 7   ? 13.302  2.287   -10.241 1.00 34.95 ? 176 ARG A NH2  1 
ATOM   55   N N    . GLN A 1 8   ? 10.576  4.971   -7.899  1.00 23.08 ? 177 GLN A N    1 
ATOM   56   C CA   . GLN A 1 8   ? 10.822  3.959   -6.877  1.00 22.26 ? 177 GLN A CA   1 
ATOM   57   C C    . GLN A 1 8   ? 9.521   3.501   -6.230  1.00 20.28 ? 177 GLN A C    1 
ATOM   58   O O    . GLN A 1 8   ? 9.300   2.300   -6.036  1.00 23.12 ? 177 GLN A O    1 
ATOM   59   C CB   . GLN A 1 8   ? 11.788  4.515   -5.828  1.00 23.08 ? 177 GLN A CB   1 
ATOM   60   C CG   . GLN A 1 8   ? 12.277  3.496   -4.820  1.00 19.77 ? 177 GLN A CG   1 
ATOM   61   C CD   . GLN A 1 8   ? 13.272  4.093   -3.844  1.00 26.47 ? 177 GLN A CD   1 
ATOM   62   O OE1  . GLN A 1 8   ? 13.095  5.215   -3.372  1.00 24.67 ? 177 GLN A OE1  1 
ATOM   63   N NE2  . GLN A 1 8   ? 14.332  3.348   -3.544  1.00 27.32 ? 177 GLN A NE2  1 
ATOM   64   N N    . SER A 1 9   ? 8.640   4.448   -5.892  1.00 18.13 ? 178 SER A N    1 
ATOM   65   C CA   . SER A 1 9   ? 7.378   4.096   -5.247  1.00 18.49 ? 178 SER A CA   1 
ATOM   66   C C    . SER A 1 9   ? 6.510   3.244   -6.166  1.00 16.68 ? 178 SER A C    1 
ATOM   67   O O    . SER A 1 9   ? 5.926   2.240   -5.739  1.00 17.48 ? 178 SER A O    1 
ATOM   68   C CB   . SER A 1 9   ? 6.630   5.363   -4.829  1.00 18.23 ? 178 SER A CB   1 
ATOM   69   O OG   . SER A 1 9   ? 7.491   6.268   -4.166  1.00 20.77 ? 178 SER A OG   1 
ATOM   70   N N    . LEU A 1 10  ? 6.405   3.638   -7.437  1.00 19.89 ? 179 LEU A N    1 
ATOM   71   C CA   . LEU A 1 10  ? 5.630   2.846   -8.387  1.00 19.37 ? 179 LEU A CA   1 
ATOM   72   C C    . LEU A 1 10  ? 6.207   1.444   -8.531  1.00 18.92 ? 179 LEU A C    1 
ATOM   73   O O    . LEU A 1 10  ? 5.461   0.460   -8.585  1.00 19.25 ? 179 LEU A O    1 
ATOM   74   C CB   . LEU A 1 10  ? 5.578   3.548   -9.744  1.00 23.93 ? 179 LEU A CB   1 
ATOM   75   C CG   . LEU A 1 10  ? 4.693   2.861   -10.790 1.00 24.30 ? 179 LEU A CG   1 
ATOM   76   C CD1  . LEU A 1 10  ? 3.283   2.670   -10.252 1.00 25.49 ? 179 LEU A CD1  1 
ATOM   77   C CD2  . LEU A 1 10  ? 4.669   3.654   -12.084 1.00 36.06 ? 179 LEU A CD2  1 
ATOM   78   N N    . GLU A 1 11  ? 7.538   1.330   -8.583  1.00 17.12 ? 180 GLU A N    1 
ATOM   79   C CA   . GLU A 1 11  ? 8.168   0.019   -8.705  1.00 22.28 ? 180 GLU A CA   1 
ATOM   80   C C    . GLU A 1 11  ? 7.808   -0.874  -7.524  1.00 15.78 ? 180 GLU A C    1 
ATOM   81   O O    . GLU A 1 11  ? 7.422   -2.033  -7.702  1.00 21.58 ? 180 GLU A O    1 
ATOM   82   C CB   . GLU A 1 11  ? 9.686   0.175   -8.822  1.00 17.46 ? 180 GLU A CB   1 
ATOM   83   C CG   . GLU A 1 11  ? 10.430  -1.130  -9.090  1.00 26.92 ? 180 GLU A CG   1 
ATOM   84   C CD   . GLU A 1 11  ? 11.935  -0.936  -9.197  1.00 35.00 ? 180 GLU A CD   1 
ATOM   85   O OE1  . GLU A 1 11  ? 12.489  -0.122  -8.425  1.00 43.64 ? 180 GLU A OE1  1 
ATOM   86   O OE2  . GLU A 1 11  ? 12.566  -1.594  -10.053 1.00 36.40 ? 180 GLU A OE2  1 
ATOM   87   N N    . ILE A 1 12  ? 7.933   -0.346  -6.306  1.00 17.12 ? 181 ILE A N    1 
ATOM   88   C CA   . ILE A 1 12  ? 7.652   -1.137  -5.112  1.00 16.25 ? 181 ILE A CA   1 
ATOM   89   C C    . ILE A 1 12  ? 6.182   -1.538  -5.067  1.00 21.29 ? 181 ILE A C    1 
ATOM   90   O O    . ILE A 1 12  ? 5.848   -2.706  -4.842  1.00 20.82 ? 181 ILE A O    1 
ATOM   91   C CB   . ILE A 1 12  ? 8.061   -0.356  -3.849  1.00 22.01 ? 181 ILE A CB   1 
ATOM   92   C CG1  . ILE A 1 12  ? 9.582   -0.206  -3.785  1.00 18.38 ? 181 ILE A CG1  1 
ATOM   93   C CG2  . ILE A 1 12  ? 7.522   -1.034  -2.592  1.00 20.29 ? 181 ILE A CG2  1 
ATOM   94   C CD1  . ILE A 1 12  ? 10.036  0.865   -2.827  1.00 16.72 ? 181 ILE A CD1  1 
ATOM   95   N N    . ILE A 1 13  ? 5.283   -0.577  -5.284  1.00 19.28 ? 182 ILE A N    1 
ATOM   96   C CA   . ILE A 1 13  ? 3.859   -0.839  -5.101  1.00 22.40 ? 182 ILE A CA   1 
ATOM   97   C C    . ILE A 1 13  ? 3.324   -1.728  -6.219  1.00 17.02 ? 182 ILE A C    1 
ATOM   98   O O    . ILE A 1 13  ? 2.540   -2.649  -5.971  1.00 26.69 ? 182 ILE A O    1 
ATOM   99   C CB   . ILE A 1 13  ? 3.087   0.489   -4.995  1.00 26.73 ? 182 ILE A CB   1 
ATOM   100  C CG1  . ILE A 1 13  ? 3.510   1.241   -3.726  1.00 21.02 ? 182 ILE A CG1  1 
ATOM   101  C CG2  . ILE A 1 13  ? 1.581   0.246   -5.017  1.00 14.68 ? 182 ILE A CG2  1 
ATOM   102  C CD1  . ILE A 1 13  ? 3.026   2.672   -3.667  1.00 15.42 ? 182 ILE A CD1  1 
ATOM   103  N N    . SER A 1 14  ? 3.743   -1.481  -7.461  1.00 16.97 ? 183 SER A N    1 
ATOM   104  C CA   . SER A 1 14  ? 3.239   -2.297  -8.565  1.00 20.99 ? 183 SER A CA   1 
ATOM   105  C C    . SER A 1 14  ? 3.696   -3.747  -8.439  1.00 18.50 ? 183 SER A C    1 
ATOM   106  O O    . SER A 1 14  ? 2.933   -4.674  -8.741  1.00 19.02 ? 183 SER A O    1 
ATOM   107  C CB   . SER A 1 14  ? 3.681   -1.706  -9.903  1.00 21.73 ? 183 SER A CB   1 
ATOM   108  O OG   . SER A 1 14  ? 5.092   -1.665  -9.999  1.00 24.84 ? 183 SER A OG   1 
ATOM   109  N N    . ARG A 1 15  ? 4.938   -3.968  -7.999  1.00 19.34 ? 184 ARG A N    1 
ATOM   110  C CA   . ARG A 1 15  ? 5.444   -5.334  -7.881  1.00 14.90 ? 184 ARG A CA   1 
ATOM   111  C C    . ARG A 1 15  ? 4.734   -6.099  -6.773  1.00 21.01 ? 184 ARG A C    1 
ATOM   112  O O    . ARG A 1 15  ? 4.492   -7.305  -6.902  1.00 19.07 ? 184 ARG A O    1 
ATOM   113  C CB   . ARG A 1 15  ? 6.951   -5.325  -7.634  1.00 15.13 ? 184 ARG A CB   1 
ATOM   114  C CG   . ARG A 1 15  ? 7.777   -4.990  -8.860  1.00 25.73 ? 184 ARG A CG   1 
ATOM   115  C CD   . ARG A 1 15  ? 9.124   -5.685  -8.811  1.00 25.53 ? 184 ARG A CD   1 
ATOM   116  N NE   . ARG A 1 15  ? 9.938   -5.361  -9.976  1.00 28.97 ? 184 ARG A NE   1 
ATOM   117  C CZ   . ARG A 1 15  ? 11.101  -5.938  -10.257 1.00 27.60 ? 184 ARG A CZ   1 
ATOM   118  N NH1  . ARG A 1 15  ? 11.587  -6.876  -9.457  1.00 28.03 ? 184 ARG A NH1  1 
ATOM   119  N NH2  . ARG A 1 15  ? 11.776  -5.579  -11.340 1.00 26.60 ? 184 ARG A NH2  1 
ATOM   120  N N    . TYR A 1 16  ? 4.411   -5.427  -5.667  1.00 15.80 ? 185 TYR A N    1 
ATOM   121  C CA   . TYR A 1 16  ? 3.668   -6.091  -4.601  1.00 21.01 ? 185 TYR A CA   1 
ATOM   122  C C    . TYR A 1 16  ? 2.270   -6.470  -5.075  1.00 16.14 ? 185 TYR A C    1 
ATOM   123  O O    . TYR A 1 16  ? 1.815   -7.601  -4.866  1.00 16.25 ? 185 TYR A O    1 
ATOM   124  C CB   . TYR A 1 16  ? 3.599   -5.193  -3.363  1.00 18.71 ? 185 TYR A CB   1 
ATOM   125  C CG   . TYR A 1 16  ? 2.922   -5.848  -2.179  1.00 22.04 ? 185 TYR A CG   1 
ATOM   126  C CD1  . TYR A 1 16  ? 3.409   -7.039  -1.651  1.00 23.96 ? 185 TYR A CD1  1 
ATOM   127  C CD2  . TYR A 1 16  ? 1.804   -5.275  -1.584  1.00 18.15 ? 185 TYR A CD2  1 
ATOM   128  C CE1  . TYR A 1 16  ? 2.799   -7.645  -0.572  1.00 25.91 ? 185 TYR A CE1  1 
ATOM   129  C CE2  . TYR A 1 16  ? 1.187   -5.873  -0.496  1.00 20.24 ? 185 TYR A CE2  1 
ATOM   130  C CZ   . TYR A 1 16  ? 1.688   -7.059  0.003   1.00 26.09 ? 185 TYR A CZ   1 
ATOM   131  O OH   . TYR A 1 16  ? 1.082   -7.662  1.080   1.00 23.68 ? 185 TYR A OH   1 
ATOM   132  N N    . LEU A 1 17  ? 1.575   -5.537  -5.729  1.00 15.51 ? 186 LEU A N    1 
ATOM   133  C CA   . LEU A 1 17  ? 0.239   -5.838  -6.234  1.00 22.00 ? 186 LEU A CA   1 
ATOM   134  C C    . LEU A 1 17  ? 0.282   -6.908  -7.316  1.00 23.00 ? 186 LEU A C    1 
ATOM   135  O O    . LEU A 1 17  ? -0.588  -7.785  -7.361  1.00 20.96 ? 186 LEU A O    1 
ATOM   136  C CB   . LEU A 1 17  ? -0.427  -4.566  -6.759  1.00 19.87 ? 186 LEU A CB   1 
ATOM   137  C CG   . LEU A 1 17  ? -1.232  -3.782  -5.722  1.00 20.89 ? 186 LEU A CG   1 
ATOM   138  C CD1  . LEU A 1 17  ? -0.360  -3.409  -4.537  1.00 16.47 ? 186 LEU A CD1  1 
ATOM   139  C CD2  . LEU A 1 17  ? -1.847  -2.545  -6.349  1.00 18.62 ? 186 LEU A CD2  1 
ATOM   140  N N    . ARG A 1 18  ? 1.287   -6.856  -8.195  1.00 21.94 ? 187 ARG A N    1 
ATOM   141  C CA   . ARG A 1 18  ? 1.429   -7.885  -9.223  1.00 18.20 ? 187 ARG A CA   1 
ATOM   142  C C    . ARG A 1 18  ? 1.656   -9.259  -8.604  1.00 18.59 ? 187 ARG A C    1 
ATOM   143  O O    . ARG A 1 18  ? 0.944   -10.221 -8.918  1.00 21.02 ? 187 ARG A O    1 
ATOM   144  C CB   . ARG A 1 18  ? 2.577   -7.532  -10.169 1.00 15.29 ? 187 ARG A CB   1 
ATOM   145  C CG   . ARG A 1 18  ? 2.277   -6.408  -11.144 1.00 18.29 ? 187 ARG A CG   1 
ATOM   146  C CD   . ARG A 1 18  ? 3.523   -6.068  -11.942 1.00 21.98 ? 187 ARG A CD   1 
ATOM   147  N NE   . ARG A 1 18  ? 4.071   -7.254  -12.589 1.00 20.60 ? 187 ARG A NE   1 
ATOM   148  C CZ   . ARG A 1 18  ? 5.369   -7.490  -12.738 1.00 30.59 ? 187 ARG A CZ   1 
ATOM   149  N NH1  . ARG A 1 18  ? 6.259   -6.624  -12.274 1.00 25.69 ? 187 ARG A NH1  1 
ATOM   150  N NH2  . ARG A 1 18  ? 5.777   -8.601  -13.340 1.00 22.12 ? 187 ARG A NH2  1 
ATOM   151  N N    . GLU A 1 19  ? 2.655   -9.375  -7.725  1.00 18.62 ? 188 GLU A N    1 
ATOM   152  C CA   . GLU A 1 19  ? 2.973   -10.682 -7.159  1.00 22.25 ? 188 GLU A CA   1 
ATOM   153  C C    . GLU A 1 19  ? 1.852   -11.191 -6.262  1.00 24.70 ? 188 GLU A C    1 
ATOM   154  O O    . GLU A 1 19  ? 1.639   -12.406 -6.173  1.00 22.74 ? 188 GLU A O    1 
ATOM   155  C CB   . GLU A 1 19  ? 4.291   -10.624 -6.387  1.00 18.81 ? 188 GLU A CB   1 
ATOM   156  C CG   . GLU A 1 19  ? 4.201   -9.954  -5.027  1.00 29.32 ? 188 GLU A CG   1 
ATOM   157  C CD   . GLU A 1 19  ? 5.541   -9.898  -4.315  1.00 38.63 ? 188 GLU A CD   1 
ATOM   158  O OE1  . GLU A 1 19  ? 6.585   -9.863  -5.003  1.00 27.35 ? 188 GLU A OE1  1 
ATOM   159  O OE2  . GLU A 1 19  ? 5.550   -9.896  -3.065  1.00 36.40 ? 188 GLU A OE2  1 
ATOM   160  N N    . GLN A 1 20  ? 1.131   -10.289 -5.589  1.00 26.48 ? 189 GLN A N    1 
ATOM   161  C CA   . GLN A 1 20  ? -0.035  -10.715 -4.823  1.00 23.20 ? 189 GLN A CA   1 
ATOM   162  C C    . GLN A 1 20  ? -1.131  -11.241 -5.743  1.00 24.29 ? 189 GLN A C    1 
ATOM   163  O O    . GLN A 1 20  ? -1.741  -12.280 -5.464  1.00 23.59 ? 189 GLN A O    1 
ATOM   164  C CB   . GLN A 1 20  ? -0.559  -9.559  -3.971  1.00 24.67 ? 189 GLN A CB   1 
ATOM   165  C CG   . GLN A 1 20  ? 0.347   -9.158  -2.818  1.00 24.16 ? 189 GLN A CG   1 
ATOM   166  C CD   . GLN A 1 20  ? 0.125   -10.002 -1.576  1.00 26.73 ? 189 GLN A CD   1 
ATOM   167  O OE1  . GLN A 1 20  ? -1.001  -10.139 -1.098  1.00 25.56 ? 189 GLN A OE1  1 
ATOM   168  N NE2  . GLN A 1 20  ? 1.199   -10.575 -1.050  1.00 27.84 ? 189 GLN A NE2  1 
ATOM   169  N N    . ALA A 1 21  ? -1.385  -10.548 -6.853  1.00 17.85 ? 190 ALA A N    1 
ATOM   170  C CA   . ALA A 1 21  ? -2.479  -10.940 -7.736  1.00 23.48 ? 190 ALA A CA   1 
ATOM   171  C C    . ALA A 1 21  ? -2.177  -12.257 -8.445  1.00 26.18 ? 190 ALA A C    1 
ATOM   172  O O    . ALA A 1 21  ? -3.023  -13.160 -8.479  1.00 23.36 ? 190 ALA A O    1 
ATOM   173  C CB   . ALA A 1 21  ? -2.758  -9.831  -8.750  1.00 24.74 ? 190 ALA A CB   1 
ATOM   174  N N    . THR A 1 22  ? -0.977  -12.382 -9.025  1.00 32.63 ? 191 THR A N    1 
ATOM   175  C CA   . THR A 1 22  ? -0.623  -13.564 -9.804  1.00 20.71 ? 191 THR A CA   1 
ATOM   176  C C    . THR A 1 22  ? -0.100  -14.704 -8.944  1.00 25.17 ? 191 THR A C    1 
ATOM   177  O O    . THR A 1 22  ? -0.119  -15.856 -9.390  1.00 31.58 ? 191 THR A O    1 
ATOM   178  C CB   . THR A 1 22  ? 0.426   -13.214 -10.869 1.00 24.72 ? 191 THR A CB   1 
ATOM   179  O OG1  . THR A 1 22  ? 1.665   -12.851 -10.243 1.00 19.98 ? 191 THR A OG1  1 
ATOM   180  C CG2  . THR A 1 22  ? -0.053  -12.057 -11.729 1.00 25.53 ? 191 THR A CG2  1 
ATOM   181  N N    . GLY A 1 23  ? 0.362   -14.416 -7.732  1.00 27.36 ? 192 GLY A N    1 
ATOM   182  C CA   . GLY A 1 23  ? 0.949   -15.438 -6.891  1.00 22.48 ? 192 GLY A CA   1 
ATOM   183  C C    . GLY A 1 23  ? 2.386   -15.782 -7.207  1.00 27.90 ? 192 GLY A C    1 
ATOM   184  O O    . GLY A 1 23  ? 2.900   -16.773 -6.674  1.00 32.73 ? 192 GLY A O    1 
ATOM   185  N N    . ALA A 1 24  ? 3.056   -15.000 -8.052  1.00 22.90 ? 193 ALA A N    1 
ATOM   186  C CA   . ALA A 1 24  ? 4.422   -15.300 -8.460  1.00 23.95 ? 193 ALA A CA   1 
ATOM   187  C C    . ALA A 1 24  ? 5.268   -14.039 -8.399  1.00 28.70 ? 193 ALA A C    1 
ATOM   188  O O    . ALA A 1 24  ? 4.879   -12.997 -8.938  1.00 24.57 ? 193 ALA A O    1 
ATOM   189  C CB   . ALA A 1 24  ? 4.463   -15.894 -9.872  1.00 28.55 ? 193 ALA A CB   1 
ATOM   190  N N    . LYS A 1 25  ? 6.423   -14.140 -7.749  1.00 29.46 ? 194 LYS A N    1 
ATOM   191  C CA   . LYS A 1 25  ? 7.333   -13.010 -7.660  1.00 29.61 ? 194 LYS A CA   1 
ATOM   192  C C    . LYS A 1 25  ? 7.955   -12.707 -9.018  1.00 24.80 ? 194 LYS A C    1 
ATOM   193  O O    . LYS A 1 25  ? 8.110   -13.588 -9.870  1.00 24.11 ? 194 LYS A O    1 
ATOM   194  C CB   . LYS A 1 25  ? 8.432   -13.292 -6.634  1.00 25.96 ? 194 LYS A CB   1 
ATOM   195  C CG   . LYS A 1 25  ? 7.928   -13.420 -5.209  1.00 30.49 ? 194 LYS A CG   1 
ATOM   196  C CD   . LYS A 1 25  ? 9.053   -13.774 -4.248  1.00 44.73 ? 194 LYS A CD   1 
ATOM   197  C CE   . LYS A 1 25  ? 8.557   -13.808 -2.810  1.00 50.92 ? 194 LYS A CE   1 
ATOM   198  N NZ   . LYS A 1 25  ? 7.376   -14.703 -2.648  1.00 63.11 ? 194 LYS A NZ   1 
ATOM   199  N N    . ASP A 1 26  ? 8.303   -11.439 -9.217  1.00 23.37 ? 195 ASP A N    1 
ATOM   200  C CA   . ASP A 1 26  ? 9.060   -11.006 -10.386 1.00 27.67 ? 195 ASP A CA   1 
ATOM   201  C C    . ASP A 1 26  ? 10.543  -11.152 -10.058 1.00 23.79 ? 195 ASP A C    1 
ATOM   202  O O    . ASP A 1 26  ? 11.087  -10.379 -9.264  1.00 20.96 ? 195 ASP A O    1 
ATOM   203  C CB   . ASP A 1 26  ? 8.705   -9.565  -10.746 1.00 21.06 ? 195 ASP A CB   1 
ATOM   204  C CG   . ASP A 1 26  ? 9.337   -9.105  -12.049 1.00 29.59 ? 195 ASP A CG   1 
ATOM   205  O OD1  . ASP A 1 26  ? 10.373  -9.671  -12.460 1.00 26.88 ? 195 ASP A OD1  1 
ATOM   206  O OD2  . ASP A 1 26  ? 8.792   -8.161  -12.663 1.00 25.25 ? 195 ASP A OD2  1 
ATOM   207  N N    . THR A 1 27  ? 11.195  -12.147 -10.658 1.00 26.22 ? 196 THR A N    1 
ATOM   208  C CA   . THR A 1 27  ? 12.588  -12.439 -10.339 1.00 25.91 ? 196 THR A CA   1 
ATOM   209  C C    . THR A 1 27  ? 13.569  -11.524 -11.060 1.00 29.08 ? 196 THR A C    1 
ATOM   210  O O    . THR A 1 27  ? 14.775  -11.793 -11.039 1.00 23.21 ? 196 THR A O    1 
ATOM   211  C CB   . THR A 1 27  ? 12.913  -13.904 -10.646 1.00 25.94 ? 196 THR A CB   1 
ATOM   212  O OG1  . THR A 1 27  ? 12.466  -14.235 -11.965 1.00 21.17 ? 196 THR A OG1  1 
ATOM   213  C CG2  . THR A 1 27  ? 12.234  -14.815 -9.637  1.00 21.41 ? 196 THR A CG2  1 
ATOM   214  N N    . LYS A 1 28  ? 13.089  -10.467 -11.693 1.00 22.24 ? 197 LYS A N    1 
ATOM   215  C CA   . LYS A 1 28  ? 14.021  -9.439  -12.127 1.00 30.14 ? 197 LYS A CA   1 
ATOM   216  C C    . LYS A 1 28  ? 14.478  -8.621  -10.922 1.00 30.03 ? 197 LYS A C    1 
ATOM   217  O O    . LYS A 1 28  ? 13.681  -8.342  -10.022 1.00 30.48 ? 197 LYS A O    1 
ATOM   218  C CB   . LYS A 1 28  ? 13.375  -8.512  -13.160 1.00 22.99 ? 197 LYS A CB   1 
ATOM   219  C CG   . LYS A 1 28  ? 12.972  -9.186  -14.460 1.00 22.57 ? 197 LYS A CG   1 
ATOM   220  C CD   . LYS A 1 28  ? 12.598  -8.158  -15.517 1.00 28.24 ? 197 LYS A CD   1 
ATOM   221  C CE   . LYS A 1 28  ? 11.355  -7.370  -15.124 1.00 32.26 ? 197 LYS A CE   1 
ATOM   222  N NZ   . LYS A 1 28  ? 10.137  -8.230  -15.055 1.00 23.44 ? 197 LYS A NZ   1 
ATOM   223  N N    . PRO A 1 29  ? 15.750  -8.245  -10.862 1.00 31.37 ? 198 PRO A N    1 
ATOM   224  C CA   . PRO A 1 29  ? 16.201  -7.372  -9.774  1.00 28.03 ? 198 PRO A CA   1 
ATOM   225  C C    . PRO A 1 29  ? 15.558  -5.997  -9.873  1.00 31.33 ? 198 PRO A C    1 
ATOM   226  O O    . PRO A 1 29  ? 15.160  -5.546  -10.949 1.00 29.90 ? 198 PRO A O    1 
ATOM   227  C CB   . PRO A 1 29  ? 17.719  -7.295  -9.983  1.00 37.05 ? 198 PRO A CB   1 
ATOM   228  C CG   . PRO A 1 29  ? 17.919  -7.617  -11.444 1.00 41.06 ? 198 PRO A CG   1 
ATOM   229  C CD   . PRO A 1 29  ? 16.846  -8.613  -11.776 1.00 36.93 ? 198 PRO A CD   1 
ATOM   230  N N    . MET A 1 30  ? 15.455  -5.331  -8.727  1.00 29.07 ? 199 MET A N    1 
ATOM   231  C CA   . MET A 1 30  ? 14.917  -3.981  -8.696  1.00 44.03 ? 199 MET A CA   1 
ATOM   232  C C    . MET A 1 30  ? 15.843  -3.029  -9.452  1.00 44.06 ? 199 MET A C    1 
ATOM   233  O O    . MET A 1 30  ? 17.044  -3.268  -9.589  1.00 52.92 ? 199 MET A O    1 
ATOM   234  C CB   . MET A 1 30  ? 14.726  -3.518  -7.251  1.00 34.03 ? 199 MET A CB   1 
ATOM   235  C CG   . MET A 1 30  ? 13.891  -4.461  -6.389  1.00 37.75 ? 199 MET A CG   1 
ATOM   236  S SD   . MET A 1 30  ? 12.118  -4.430  -6.734  1.00 46.73 ? 199 MET A SD   1 
ATOM   237  C CE   . MET A 1 30  ? 11.636  -2.895  -5.956  1.00 33.03 ? 199 MET A CE   1 
ATOM   238  N N    . GLY A 1 31  ? 15.260  -1.941  -9.957  1.00 41.03 ? 200 GLY A N    1 
ATOM   239  C CA   . GLY A 1 31  ? 15.998  -0.969  -10.746 1.00 49.51 ? 200 GLY A CA   1 
ATOM   240  C C    . GLY A 1 31  ? 17.082  -0.247  -9.978  1.00 59.74 ? 200 GLY A C    1 
ATOM   241  O O    . GLY A 1 31  ? 17.394  -0.633  -8.847  1.00 56.44 ? 200 GLY A O    1 
ATOM   242  N N    . ARG A 1 32  ? 17.662  0.798   -10.575 1.00 70.97 ? 201 ARG A N    1 
ATOM   243  C CA   . ARG A 1 32  ? 18.686  1.569   -9.883  1.00 71.84 ? 201 ARG A CA   1 
ATOM   244  C C    . ARG A 1 32  ? 18.183  1.974   -8.503  1.00 73.59 ? 201 ARG A C    1 
ATOM   245  O O    . ARG A 1 32  ? 16.995  2.254   -8.311  1.00 68.80 ? 201 ARG A O    1 
ATOM   246  C CB   . ARG A 1 32  ? 19.088  2.805   -10.696 1.00 71.06 ? 201 ARG A CB   1 
ATOM   247  N N    . SER A 1 33  ? 19.100  1.986   -7.533  1.00 67.69 ? 202 SER A N    1 
ATOM   248  C CA   . SER A 1 33  ? 18.732  2.079   -6.117  1.00 63.88 ? 202 SER A CA   1 
ATOM   249  C C    . SER A 1 33  ? 18.139  0.746   -5.651  1.00 68.53 ? 202 SER A C    1 
ATOM   250  O O    . SER A 1 33  ? 17.082  0.695   -5.010  1.00 55.47 ? 202 SER A O    1 
ATOM   251  C CB   . SER A 1 33  ? 17.757  3.234   -5.849  1.00 70.57 ? 202 SER A CB   1 
ATOM   252  O OG   . SER A 1 33  ? 18.356  4.495   -6.122  1.00 77.18 ? 202 SER A OG   1 
ATOM   253  N N    . GLY A 1 34  ? 18.827  -0.345  -6.003  1.00 64.54 ? 203 GLY A N    1 
ATOM   254  C CA   . GLY A 1 34  ? 18.271  -1.669  -5.772  1.00 55.34 ? 203 GLY A CA   1 
ATOM   255  C C    . GLY A 1 34  ? 18.178  -2.037  -4.303  1.00 48.29 ? 203 GLY A C    1 
ATOM   256  O O    . GLY A 1 34  ? 17.245  -2.730  -3.888  1.00 46.30 ? 203 GLY A O    1 
ATOM   257  N N    . ALA A 1 35  ? 19.141  -1.584  -3.497  1.00 38.91 ? 204 ALA A N    1 
ATOM   258  C CA   . ALA A 1 35  ? 19.168  -1.949  -2.084  1.00 38.38 ? 204 ALA A CA   1 
ATOM   259  C C    . ALA A 1 35  ? 17.878  -1.537  -1.380  1.00 29.46 ? 204 ALA A C    1 
ATOM   260  O O    . ALA A 1 35  ? 17.155  -2.379  -0.837  1.00 29.95 ? 204 ALA A O    1 
ATOM   261  C CB   . ALA A 1 35  ? 20.385  -1.317  -1.406  1.00 38.71 ? 204 ALA A CB   1 
ATOM   262  N N    . THR A 1 36  ? 17.570  -0.239  -1.385  1.00 29.52 ? 205 THR A N    1 
ATOM   263  C CA   . THR A 1 36  ? 16.400  0.249   -0.657  1.00 25.64 ? 205 THR A CA   1 
ATOM   264  C C    . THR A 1 36  ? 15.114  -0.374  -1.188  1.00 20.41 ? 205 THR A C    1 
ATOM   265  O O    . THR A 1 36  ? 14.274  -0.846  -0.413  1.00 23.15 ? 205 THR A O    1 
ATOM   266  C CB   . THR A 1 36  ? 16.326  1.774   -0.735  1.00 21.50 ? 205 THR A CB   1 
ATOM   267  O OG1  . THR A 1 36  ? 17.409  2.346   0.010   1.00 31.04 ? 205 THR A OG1  1 
ATOM   268  C CG2  . THR A 1 36  ? 15.002  2.271   -0.166  1.00 25.09 ? 205 THR A CG2  1 
ATOM   269  N N    . SER A 1 37  ? 14.942  -0.384  -2.512  1.00 23.74 ? 206 SER A N    1 
ATOM   270  C CA   . SER A 1 37  ? 13.707  -0.909  -3.090  1.00 27.43 ? 206 SER A CA   1 
ATOM   271  C C    . SER A 1 37  ? 13.513  -2.380  -2.750  1.00 30.72 ? 206 SER A C    1 
ATOM   272  O O    . SER A 1 37  ? 12.386  -2.823  -2.491  1.00 21.68 ? 206 SER A O    1 
ATOM   273  C CB   . SER A 1 37  ? 13.704  -0.706  -4.606  1.00 24.23 ? 206 SER A CB   1 
ATOM   274  O OG   . SER A 1 37  ? 13.681  0.671   -4.931  1.00 31.01 ? 206 SER A OG   1 
ATOM   275  N N    . ARG A 1 38  ? 14.596  -3.158  -2.750  1.00 22.17 ? 207 ARG A N    1 
ATOM   276  C CA   . ARG A 1 38  ? 14.486  -4.577  -2.432  1.00 26.20 ? 207 ARG A CA   1 
ATOM   277  C C    . ARG A 1 38  ? 14.048  -4.779  -0.987  1.00 23.48 ? 207 ARG A C    1 
ATOM   278  O O    . ARG A 1 38  ? 13.133  -5.562  -0.707  1.00 21.64 ? 207 ARG A O    1 
ATOM   279  C CB   . ARG A 1 38  ? 15.817  -5.280  -2.699  1.00 27.99 ? 207 ARG A CB   1 
ATOM   280  C CG   . ARG A 1 38  ? 15.846  -6.722  -2.222  1.00 38.19 ? 207 ARG A CG   1 
ATOM   281  C CD   . ARG A 1 38  ? 17.195  -7.377  -2.472  1.00 41.87 ? 207 ARG A CD   1 
ATOM   282  N NE   . ARG A 1 38  ? 18.298  -6.634  -1.866  1.00 54.04 ? 207 ARG A NE   1 
ATOM   283  C CZ   . ARG A 1 38  ? 18.549  -6.595  -0.561  1.00 59.99 ? 207 ARG A CZ   1 
ATOM   284  N NH1  . ARG A 1 38  ? 17.763  -7.248  0.287   1.00 54.80 ? 207 ARG A NH1  1 
ATOM   285  N NH2  . ARG A 1 38  ? 19.580  -5.895  -0.100  1.00 46.11 ? 207 ARG A NH2  1 
ATOM   286  N N    . LYS A 1 39  ? 14.694  -4.079  -0.050  1.00 23.02 ? 208 LYS A N    1 
ATOM   287  C CA   . LYS A 1 39  ? 14.293  -4.171  1.349   1.00 24.90 ? 208 LYS A CA   1 
ATOM   288  C C    . LYS A 1 39  ? 12.890  -3.621  1.569   1.00 20.23 ? 208 LYS A C    1 
ATOM   289  O O    . LYS A 1 39  ? 12.152  -4.127  2.422   1.00 24.14 ? 208 LYS A O    1 
ATOM   290  C CB   . LYS A 1 39  ? 15.295  -3.431  2.234   1.00 26.64 ? 208 LYS A CB   1 
ATOM   291  C CG   . LYS A 1 39  ? 16.672  -4.074  2.283   1.00 33.52 ? 208 LYS A CG   1 
ATOM   292  C CD   . LYS A 1 39  ? 17.606  -3.310  3.210   1.00 32.47 ? 208 LYS A CD   1 
ATOM   293  C CE   . LYS A 1 39  ? 17.833  -1.887  2.723   1.00 31.78 ? 208 LYS A CE   1 
ATOM   294  N NZ   . LYS A 1 39  ? 18.668  -1.099  3.675   1.00 30.59 ? 208 LYS A NZ   1 
ATOM   295  N N    . ALA A 1 40  ? 12.502  -2.588  0.816   1.00 25.06 ? 209 ALA A N    1 
ATOM   296  C CA   . ALA A 1 40  ? 11.151  -2.053  0.943   1.00 20.67 ? 209 ALA A CA   1 
ATOM   297  C C    . ALA A 1 40  ? 10.111  -3.083  0.517   1.00 20.82 ? 209 ALA A C    1 
ATOM   298  O O    . ALA A 1 40  ? 9.088   -3.260  1.186   1.00 20.25 ? 209 ALA A O    1 
ATOM   299  C CB   . ALA A 1 40  ? 11.010  -0.777  0.114   1.00 24.75 ? 209 ALA A CB   1 
ATOM   300  N N    . LEU A 1 41  ? 10.359  -3.775  -0.597  1.00 22.07 ? 210 LEU A N    1 
ATOM   301  C CA   . LEU A 1 41  ? 9.411   -4.785  -1.052  1.00 20.34 ? 210 LEU A CA   1 
ATOM   302  C C    . LEU A 1 41  ? 9.341   -5.956  -0.080  1.00 19.75 ? 210 LEU A C    1 
ATOM   303  O O    . LEU A 1 41  ? 8.249   -6.441  0.243   1.00 20.79 ? 210 LEU A O    1 
ATOM   304  C CB   . LEU A 1 41  ? 9.788   -5.262  -2.452  1.00 20.13 ? 210 LEU A CB   1 
ATOM   305  C CG   . LEU A 1 41  ? 8.915   -6.360  -3.061  1.00 22.37 ? 210 LEU A CG   1 
ATOM   306  C CD1  . LEU A 1 41  ? 7.441   -6.023  -2.929  1.00 19.24 ? 210 LEU A CD1  1 
ATOM   307  C CD2  . LEU A 1 41  ? 9.280   -6.564  -4.518  1.00 25.59 ? 210 LEU A CD2  1 
ATOM   308  N N    . GLU A 1 42  ? 10.496  -6.423  0.402   1.00 20.03 ? 211 GLU A N    1 
ATOM   309  C CA   . GLU A 1 42  ? 10.500  -7.499  1.389   1.00 21.24 ? 211 GLU A CA   1 
ATOM   310  C C    . GLU A 1 42  ? 9.734   -7.094  2.641   1.00 17.20 ? 211 GLU A C    1 
ATOM   311  O O    . GLU A 1 42  ? 8.937   -7.877  3.171   1.00 20.74 ? 211 GLU A O    1 
ATOM   312  C CB   . GLU A 1 42  ? 11.939  -7.884  1.739   1.00 22.87 ? 211 GLU A CB   1 
ATOM   313  C CG   . GLU A 1 42  ? 12.749  -8.384  0.550   1.00 38.46 ? 211 GLU A CG   1 
ATOM   314  C CD   . GLU A 1 42  ? 14.208  -8.652  0.888   1.00 62.03 ? 211 GLU A CD   1 
ATOM   315  O OE1  . GLU A 1 42  ? 14.662  -8.241  1.978   1.00 47.68 ? 211 GLU A OE1  1 
ATOM   316  O OE2  . GLU A 1 42  ? 14.902  -9.277  0.058   1.00 58.66 ? 211 GLU A OE2  1 
ATOM   317  N N    . THR A 1 43  ? 9.969   -5.875  3.134   1.00 17.12 ? 212 THR A N    1 
ATOM   318  C CA   . THR A 1 43  ? 9.209   -5.377  4.277   1.00 17.95 ? 212 THR A CA   1 
ATOM   319  C C    . THR A 1 43  ? 7.718   -5.342  3.967   1.00 24.75 ? 212 THR A C    1 
ATOM   320  O O    . THR A 1 43  ? 6.891   -5.726  4.803   1.00 26.05 ? 212 THR A O    1 
ATOM   321  C CB   . THR A 1 43  ? 9.706   -3.985  4.668   1.00 18.46 ? 212 THR A CB   1 
ATOM   322  O OG1  . THR A 1 43  ? 11.102  -4.048  4.986   1.00 21.44 ? 212 THR A OG1  1 
ATOM   323  C CG2  . THR A 1 43  ? 8.934   -3.453  5.872   1.00 21.10 ? 212 THR A CG2  1 
ATOM   324  N N    . LEU A 1 44  ? 7.359   -4.892  2.765   1.00 24.90 ? 213 LEU A N    1 
ATOM   325  C CA   . LEU A 1 44  ? 5.956   -4.847  2.371   1.00 22.80 ? 213 LEU A CA   1 
ATOM   326  C C    . LEU A 1 44  ? 5.327   -6.236  2.412   1.00 22.83 ? 213 LEU A C    1 
ATOM   327  O O    . LEU A 1 44  ? 4.199   -6.400  2.896   1.00 24.80 ? 213 LEU A O    1 
ATOM   328  C CB   . LEU A 1 44  ? 5.842   -4.227  0.978   1.00 21.48 ? 213 LEU A CB   1 
ATOM   329  C CG   . LEU A 1 44  ? 4.491   -3.767  0.441   1.00 26.46 ? 213 LEU A CG   1 
ATOM   330  C CD1  . LEU A 1 44  ? 3.743   -2.952  1.475   1.00 22.80 ? 213 LEU A CD1  1 
ATOM   331  C CD2  . LEU A 1 44  ? 4.725   -2.942  -0.808  1.00 20.63 ? 213 LEU A CD2  1 
ATOM   332  N N    . ARG A 1 45  ? 6.039   -7.252  1.915   1.00 23.40 ? 214 ARG A N    1 
ATOM   333  C CA   . ARG A 1 45  ? 5.538   -8.622  2.013   1.00 22.16 ? 214 ARG A CA   1 
ATOM   334  C C    . ARG A 1 45  ? 5.306   -9.014  3.463   1.00 25.27 ? 214 ARG A C    1 
ATOM   335  O O    . ARG A 1 45  ? 4.266   -9.585  3.809   1.00 32.27 ? 214 ARG A O    1 
ATOM   336  C CB   . ARG A 1 45  ? 6.518   -9.597  1.364   1.00 29.44 ? 214 ARG A CB   1 
ATOM   337  C CG   . ARG A 1 45  ? 6.812   -9.341  -0.093  1.00 28.44 ? 214 ARG A CG   1 
ATOM   338  C CD   . ARG A 1 45  ? 7.576   -10.514 -0.685  1.00 31.85 ? 214 ARG A CD   1 
ATOM   339  N NE   . ARG A 1 45  ? 7.893   -10.301 -2.092  1.00 34.65 ? 214 ARG A NE   1 
ATOM   340  C CZ   . ARG A 1 45  ? 9.117   -10.084 -2.555  1.00 27.75 ? 214 ARG A CZ   1 
ATOM   341  N NH1  . ARG A 1 45  ? 10.148  -10.065 -1.722  1.00 24.33 ? 214 ARG A NH1  1 
ATOM   342  N NH2  . ARG A 1 45  ? 9.310   -9.897  -3.853  1.00 33.85 ? 214 ARG A NH2  1 
ATOM   343  N N    . ARG A 1 46  ? 6.277   -8.720  4.327   1.00 20.65 ? 215 ARG A N    1 
ATOM   344  C CA   . ARG A 1 46  ? 6.179   -9.116  5.727   1.00 23.47 ? 215 ARG A CA   1 
ATOM   345  C C    . ARG A 1 46  ? 5.015   -8.416  6.417   1.00 26.62 ? 215 ARG A C    1 
ATOM   346  O O    . ARG A 1 46  ? 4.140   -9.067  7.001   1.00 23.57 ? 215 ARG A O    1 
ATOM   347  C CB   . ARG A 1 46  ? 7.498   -8.815  6.437   1.00 24.30 ? 215 ARG A CB   1 
ATOM   348  C CG   . ARG A 1 46  ? 7.437   -8.909  7.947   1.00 45.95 ? 215 ARG A CG   1 
ATOM   349  C CD   . ARG A 1 46  ? 8.837   -8.920  8.551   1.00 43.08 ? 215 ARG A CD   1 
ATOM   350  N NE   . ARG A 1 46  ? 9.598   -7.721  8.214   1.00 43.28 ? 215 ARG A NE   1 
ATOM   351  C CZ   . ARG A 1 46  ? 9.501   -6.568  8.867   1.00 35.64 ? 215 ARG A CZ   1 
ATOM   352  N NH1  . ARG A 1 46  ? 8.671   -6.446  9.895   1.00 35.49 ? 215 ARG A NH1  1 
ATOM   353  N NH2  . ARG A 1 46  ? 10.235  -5.531  8.488   1.00 38.57 ? 215 ARG A NH2  1 
ATOM   354  N N    . VAL A 1 47  ? 4.988   -7.086  6.359   1.00 22.58 ? 216 VAL A N    1 
ATOM   355  C CA   . VAL A 1 47  ? 3.951   -6.330  7.053   1.00 23.25 ? 216 VAL A CA   1 
ATOM   356  C C    . VAL A 1 47  ? 2.622   -6.427  6.311   1.00 23.96 ? 216 VAL A C    1 
ATOM   357  O O    . VAL A 1 47  ? 1.570   -6.654  6.920   1.00 27.68 ? 216 VAL A O    1 
ATOM   358  C CB   . VAL A 1 47  ? 4.397   -4.866  7.236   1.00 21.49 ? 216 VAL A CB   1 
ATOM   359  C CG1  . VAL A 1 47  ? 3.312   -4.062  7.941   1.00 20.07 ? 216 VAL A CG1  1 
ATOM   360  C CG2  . VAL A 1 47  ? 5.700   -4.805  8.014   1.00 15.37 ? 216 VAL A CG2  1 
ATOM   361  N N    . GLY A 1 48  ? 2.654   -6.266  4.986   1.00 25.75 ? 217 GLY A N    1 
ATOM   362  C CA   . GLY A 1 48  ? 1.421   -6.280  4.215   1.00 20.18 ? 217 GLY A CA   1 
ATOM   363  C C    . GLY A 1 48  ? 0.654   -7.582  4.342   1.00 27.08 ? 217 GLY A C    1 
ATOM   364  O O    . GLY A 1 48  ? -0.568  -7.581  4.509   1.00 23.64 ? 217 GLY A O    1 
ATOM   365  N N    . ASP A 1 49  ? 1.355   -8.713  4.258   1.00 22.75 ? 218 ASP A N    1 
ATOM   366  C CA   . ASP A 1 49  ? 0.675   -9.997  4.388   1.00 24.00 ? 218 ASP A CA   1 
ATOM   367  C C    . ASP A 1 49  ? 0.009   -10.135 5.754   1.00 19.39 ? 218 ASP A C    1 
ATOM   368  O O    . ASP A 1 49  ? -1.091  -10.690 5.862   1.00 24.26 ? 218 ASP A O    1 
ATOM   369  C CB   . ASP A 1 49  ? 1.656   -11.141 4.144   1.00 27.50 ? 218 ASP A CB   1 
ATOM   370  C CG   . ASP A 1 49  ? 2.140   -11.199 2.705   1.00 36.71 ? 218 ASP A CG   1 
ATOM   371  O OD1  . ASP A 1 49  ? 1.764   -10.314 1.904   1.00 28.56 ? 218 ASP A OD1  1 
ATOM   372  O OD2  . ASP A 1 49  ? 2.896   -12.134 2.373   1.00 40.18 ? 218 ASP A OD2  1 
ATOM   373  N N    . GLY A 1 50  ? 0.659   -9.642  6.809   1.00 20.09 ? 219 GLY A N    1 
ATOM   374  C CA   . GLY A 1 50  ? 0.042   -9.689  8.124   1.00 20.75 ? 219 GLY A CA   1 
ATOM   375  C C    . GLY A 1 50  ? -1.193  -8.812  8.211   1.00 30.96 ? 219 GLY A C    1 
ATOM   376  O O    . GLY A 1 50  ? -2.179  -9.173  8.863   1.00 26.18 ? 219 GLY A O    1 
ATOM   377  N N    . VAL A 1 51  ? -1.158  -7.650  7.558   1.00 22.43 ? 220 VAL A N    1 
ATOM   378  C CA   . VAL A 1 51  ? -2.302  -6.746  7.586   1.00 22.26 ? 220 VAL A CA   1 
ATOM   379  C C    . VAL A 1 51  ? -3.503  -7.388  6.904   1.00 23.03 ? 220 VAL A C    1 
ATOM   380  O O    . VAL A 1 51  ? -4.625  -7.349  7.421   1.00 20.76 ? 220 VAL A O    1 
ATOM   381  C CB   . VAL A 1 51  ? -1.934  -5.400  6.938   1.00 23.28 ? 220 VAL A CB   1 
ATOM   382  C CG1  . VAL A 1 51  ? -3.169  -4.512  6.809   1.00 19.02 ? 220 VAL A CG1  1 
ATOM   383  C CG2  . VAL A 1 51  ? -0.843  -4.710  7.746   1.00 18.43 ? 220 VAL A CG2  1 
ATOM   384  N N    . GLN A 1 52  ? -3.287  -7.993  5.733   1.00 21.76 ? 221 GLN A N    1 
ATOM   385  C CA   . GLN A 1 52  ? -4.392  -8.645  5.034   1.00 25.34 ? 221 GLN A CA   1 
ATOM   386  C C    . GLN A 1 52  ? -4.941  -9.815  5.839   1.00 25.89 ? 221 GLN A C    1 
ATOM   387  O O    . GLN A 1 52  ? -6.159  -10.000 5.929   1.00 26.18 ? 221 GLN A O    1 
ATOM   388  C CB   . GLN A 1 52  ? -3.945  -9.120  3.654   1.00 23.06 ? 221 GLN A CB   1 
ATOM   389  C CG   . GLN A 1 52  ? -3.574  -8.010  2.691   1.00 23.76 ? 221 GLN A CG   1 
ATOM   390  C CD   . GLN A 1 52  ? -3.146  -8.543  1.338   1.00 26.23 ? 221 GLN A CD   1 
ATOM   391  O OE1  . GLN A 1 52  ? -3.968  -9.042  0.567   1.00 25.47 ? 221 GLN A OE1  1 
ATOM   392  N NE2  . GLN A 1 52  ? -1.854  -8.444  1.044   1.00 21.12 ? 221 GLN A NE2  1 
ATOM   393  N N    . ARG A 1 53  ? -4.055  -10.615 6.432   1.00 34.36 ? 222 ARG A N    1 
ATOM   394  C CA   . ARG A 1 53  ? -4.505  -11.741 7.244   1.00 36.65 ? 222 ARG A CA   1 
ATOM   395  C C    . ARG A 1 53  ? -5.256  -11.260 8.481   1.00 29.96 ? 222 ARG A C    1 
ATOM   396  O O    . ARG A 1 53  ? -6.353  -11.744 8.780   1.00 37.56 ? 222 ARG A O    1 
ATOM   397  C CB   . ARG A 1 53  ? -3.308  -12.613 7.635   1.00 33.22 ? 222 ARG A CB   1 
ATOM   398  C CG   . ARG A 1 53  ? -3.673  -13.821 8.483   1.00 51.90 ? 222 ARG A CG   1 
ATOM   399  C CD   . ARG A 1 53  ? -4.648  -14.737 7.758   1.00 50.47 ? 222 ARG A CD   1 
ATOM   400  N NE   . ARG A 1 53  ? -4.018  -15.430 6.636   1.00 63.84 ? 222 ARG A NE   1 
ATOM   401  C CZ   . ARG A 1 53  ? -4.671  -16.196 5.768   1.00 68.07 ? 222 ARG A CZ   1 
ATOM   402  N NH1  . ARG A 1 53  ? -5.982  -16.370 5.884   1.00 59.65 ? 222 ARG A NH1  1 
ATOM   403  N NH2  . ARG A 1 53  ? -4.013  -16.784 4.779   1.00 52.85 ? 222 ARG A NH2  1 
ATOM   404  N N    . ASN A 1 54  ? -4.684  -10.295 9.207   1.00 29.40 ? 223 ASN A N    1 
ATOM   405  C CA   . ASN A 1 54  ? -5.315  -9.813  10.435  1.00 25.75 ? 223 ASN A CA   1 
ATOM   406  C C    . ASN A 1 54  ? -6.651  -9.134  10.157  1.00 36.11 ? 223 ASN A C    1 
ATOM   407  O O    . ASN A 1 54  ? -7.613  -9.310  10.915  1.00 32.36 ? 223 ASN A O    1 
ATOM   408  C CB   . ASN A 1 54  ? -4.382  -8.845  11.164  1.00 32.36 ? 223 ASN A CB   1 
ATOM   409  C CG   . ASN A 1 54  ? -3.573  -9.518  12.256  1.00 31.22 ? 223 ASN A CG   1 
ATOM   410  O OD1  . ASN A 1 54  ? -4.091  -10.344 13.010  1.00 39.98 ? 223 ASN A OD1  1 
ATOM   411  N ND2  . ASN A 1 54  ? -2.296  -9.168  12.346  1.00 39.99 ? 223 ASN A ND2  1 
ATOM   412  N N    . HIS A 1 55  ? -6.730  -8.346  9.087   1.00 25.69 ? 224 HIS A N    1 
ATOM   413  C CA   . HIS A 1 55  ? -7.897  -7.515  8.821   1.00 31.97 ? 224 HIS A CA   1 
ATOM   414  C C    . HIS A 1 55  ? -8.635  -7.945  7.558   1.00 23.57 ? 224 HIS A C    1 
ATOM   415  O O    . HIS A 1 55  ? -9.235  -7.118  6.869   1.00 33.89 ? 224 HIS A O    1 
ATOM   416  C CB   . HIS A 1 55  ? -7.484  -6.048  8.745   1.00 24.04 ? 224 HIS A CB   1 
ATOM   417  C CG   . HIS A 1 55  ? -6.724  -5.589  9.947   1.00 30.79 ? 224 HIS A CG   1 
ATOM   418  N ND1  . HIS A 1 55  ? -7.341  -5.233  11.127  1.00 35.68 ? 224 HIS A ND1  1 
ATOM   419  C CD2  . HIS A 1 55  ? -5.394  -5.463  10.167  1.00 31.24 ? 224 HIS A CD2  1 
ATOM   420  C CE1  . HIS A 1 55  ? -6.427  -4.896  12.017  1.00 37.70 ? 224 HIS A CE1  1 
ATOM   421  N NE2  . HIS A 1 55  ? -5.235  -5.022  11.459  1.00 46.48 ? 224 HIS A NE2  1 
ATOM   422  N N    . GLU A 1 56  ? -8.605  -9.244  7.251   1.00 27.48 ? 225 GLU A N    1 
ATOM   423  C CA   . GLU A 1 56  ? -9.333  -9.744  6.092   1.00 30.40 ? 225 GLU A CA   1 
ATOM   424  C C    . GLU A 1 56  ? -10.821 -9.445  6.195   1.00 36.25 ? 225 GLU A C    1 
ATOM   425  O O    . GLU A 1 56  ? -11.489 -9.265  5.170   1.00 35.85 ? 225 GLU A O    1 
ATOM   426  C CB   . GLU A 1 56  ? -9.099  -11.246 5.936   1.00 28.28 ? 225 GLU A CB   1 
ATOM   427  C CG   . GLU A 1 56  ? -9.973  -11.905 4.884   1.00 41.11 ? 225 GLU A CG   1 
ATOM   428  C CD   . GLU A 1 56  ? -9.819  -13.409 4.876   1.00 56.74 ? 225 GLU A CD   1 
ATOM   429  O OE1  . GLU A 1 56  ? -8.844  -13.908 4.274   1.00 66.12 ? 225 GLU A OE1  1 
ATOM   430  O OE2  . GLU A 1 56  ? -10.666 -14.093 5.491   1.00 64.42 ? 225 GLU A OE2  1 
ATOM   431  N N    . THR A 1 57  ? -11.358 -9.387  7.417   1.00 37.58 ? 226 THR A N    1 
ATOM   432  C CA   . THR A 1 57  ? -12.772 -9.072  7.597   1.00 35.79 ? 226 THR A CA   1 
ATOM   433  C C    . THR A 1 57  ? -13.077 -7.645  7.156   1.00 30.73 ? 226 THR A C    1 
ATOM   434  O O    . THR A 1 57  ? -13.964 -7.418  6.324   1.00 38.50 ? 226 THR A O    1 
ATOM   435  C CB   . THR A 1 57  ? -13.180 -9.286  9.057   1.00 46.66 ? 226 THR A CB   1 
ATOM   436  O OG1  . THR A 1 57  ? -13.496 -10.668 9.268   1.00 39.11 ? 226 THR A OG1  1 
ATOM   437  C CG2  . THR A 1 57  ? -14.391 -8.431  9.411   1.00 46.20 ? 226 THR A CG2  1 
ATOM   438  N N    . ALA A 1 58  ? -12.352 -6.666  7.703   1.00 31.79 ? 227 ALA A N    1 
ATOM   439  C CA   . ALA A 1 58  ? -12.580 -5.279  7.310   1.00 33.65 ? 227 ALA A CA   1 
ATOM   440  C C    . ALA A 1 58  ? -12.355 -5.082  5.814   1.00 30.46 ? 227 ALA A C    1 
ATOM   441  O O    . ALA A 1 58  ? -13.105 -4.351  5.158   1.00 31.27 ? 227 ALA A O    1 
ATOM   442  C CB   . ALA A 1 58  ? -11.675 -4.346  8.116   1.00 26.50 ? 227 ALA A CB   1 
ATOM   443  N N    . PHE A 1 59  ? -11.330 -5.729  5.257   1.00 34.71 ? 228 PHE A N    1 
ATOM   444  C CA   . PHE A 1 59  ? -11.053 -5.581  3.831   1.00 31.07 ? 228 PHE A CA   1 
ATOM   445  C C    . PHE A 1 59  ? -12.172 -6.183  2.987   1.00 30.73 ? 228 PHE A C    1 
ATOM   446  O O    . PHE A 1 59  ? -12.623 -5.577  2.008   1.00 28.47 ? 228 PHE A O    1 
ATOM   447  C CB   . PHE A 1 59  ? -9.708  -6.225  3.484   1.00 22.22 ? 228 PHE A CB   1 
ATOM   448  C CG   . PHE A 1 59  ? -8.514  -5.401  3.890   1.00 23.27 ? 228 PHE A CG   1 
ATOM   449  C CD1  . PHE A 1 59  ? -8.664  -4.279  4.689   1.00 24.59 ? 228 PHE A CD1  1 
ATOM   450  C CD2  . PHE A 1 59  ? -7.244  -5.743  3.455   1.00 25.47 ? 228 PHE A CD2  1 
ATOM   451  C CE1  . PHE A 1 59  ? -7.567  -3.519  5.055   1.00 31.16 ? 228 PHE A CE1  1 
ATOM   452  C CE2  . PHE A 1 59  ? -6.142  -4.987  3.818   1.00 25.29 ? 228 PHE A CE2  1 
ATOM   453  C CZ   . PHE A 1 59  ? -6.304  -3.874  4.618   1.00 19.24 ? 228 PHE A CZ   1 
ATOM   454  N N    . GLN A 1 60  ? -12.633 -7.382  3.351   1.00 24.71 ? 229 GLN A N    1 
ATOM   455  C CA   . GLN A 1 60  ? -13.671 -8.042  2.563   1.00 25.14 ? 229 GLN A CA   1 
ATOM   456  C C    . GLN A 1 60  ? -14.965 -7.233  2.578   1.00 34.45 ? 229 GLN A C    1 
ATOM   457  O O    . GLN A 1 60  ? -15.614 -7.057  1.539   1.00 33.46 ? 229 GLN A O    1 
ATOM   458  C CB   . GLN A 1 60  ? -13.914 -9.454  3.093   1.00 34.48 ? 229 GLN A CB   1 
ATOM   459  C CG   . GLN A 1 60  ? -14.670 -10.355 2.133   1.00 43.72 ? 229 GLN A CG   1 
ATOM   460  C CD   . GLN A 1 60  ? -13.823 -10.763 0.943   1.00 57.29 ? 229 GLN A CD   1 
ATOM   461  O OE1  . GLN A 1 60  ? -14.118 -10.405 -0.198  1.00 48.97 ? 229 GLN A OE1  1 
ATOM   462  N NE2  . GLN A 1 60  ? -12.761 -11.517 1.206   1.00 58.40 ? 229 GLN A NE2  1 
ATOM   463  N N    . GLY A 1 61  ? -15.360 -6.742  3.755   1.00 26.89 ? 230 GLY A N    1 
ATOM   464  C CA   . GLY A 1 61  ? -16.552 -5.912  3.831   1.00 25.86 ? 230 GLY A CA   1 
ATOM   465  C C    . GLY A 1 61  ? -16.436 -4.657  2.990   1.00 33.62 ? 230 GLY A C    1 
ATOM   466  O O    . GLY A 1 61  ? -17.363 -4.298  2.260   1.00 30.44 ? 230 GLY A O    1 
ATOM   467  N N    . MET A 1 62  ? -15.293 -3.971  3.082   1.00 33.36 ? 231 MET A N    1 
ATOM   468  C CA   A MET A 1 62  ? -15.101 -2.757  2.294   0.73 28.39 ? 231 MET A CA   1 
ATOM   469  C CA   B MET A 1 62  ? -15.078 -2.760  2.293   0.27 29.00 ? 231 MET A CA   1 
ATOM   470  C C    . MET A 1 62  ? -15.177 -3.052  0.803   1.00 28.62 ? 231 MET A C    1 
ATOM   471  O O    . MET A 1 62  ? -15.841 -2.322  0.053   1.00 34.25 ? 231 MET A O    1 
ATOM   472  C CB   A MET A 1 62  ? -13.768 -2.102  2.650   0.73 30.49 ? 231 MET A CB   1 
ATOM   473  C CB   B MET A 1 62  ? -13.713 -2.162  2.634   0.27 30.79 ? 231 MET A CB   1 
ATOM   474  C CG   A MET A 1 62  ? -13.716 -1.534  4.055   0.73 34.83 ? 231 MET A CG   1 
ATOM   475  C CG   B MET A 1 62  ? -13.296 -0.995  1.753   0.27 29.90 ? 231 MET A CG   1 
ATOM   476  S SD   A MET A 1 62  ? -12.286 -0.472  4.324   0.73 42.76 ? 231 MET A SD   1 
ATOM   477  S SD   B MET A 1 62  ? -13.809 0.598   2.417   0.27 44.27 ? 231 MET A SD   1 
ATOM   478  C CE   A MET A 1 62  ? -10.938 -1.621  4.072   0.73 32.50 ? 231 MET A CE   1 
ATOM   479  C CE   B MET A 1 62  ? -13.102 0.518   4.061   0.27 37.99 ? 231 MET A CE   1 
ATOM   480  N N    . LEU A 1 63  ? -14.515 -4.117  0.349   1.00 30.76 ? 232 LEU A N    1 
ATOM   481  C CA   . LEU A 1 63  ? -14.546 -4.470  -1.066  1.00 31.96 ? 232 LEU A CA   1 
ATOM   482  C C    . LEU A 1 63  ? -15.960 -4.816  -1.521  1.00 36.10 ? 232 LEU A C    1 
ATOM   483  O O    . LEU A 1 63  ? -16.385 -4.423  -2.614  1.00 34.44 ? 232 LEU A O    1 
ATOM   484  C CB   . LEU A 1 63  ? -13.591 -5.635  -1.329  1.00 29.18 ? 232 LEU A CB   1 
ATOM   485  C CG   . LEU A 1 63  ? -13.491 -6.166  -2.761  1.00 37.12 ? 232 LEU A CG   1 
ATOM   486  C CD1  . LEU A 1 63  ? -12.920 -5.113  -3.698  1.00 38.84 ? 232 LEU A CD1  1 
ATOM   487  C CD2  . LEU A 1 63  ? -12.646 -7.429  -2.787  1.00 46.46 ? 232 LEU A CD2  1 
ATOM   488  N N    . ARG A 1 64  ? -16.707 -5.554  -0.694  1.00 33.00 ? 233 ARG A N    1 
ATOM   489  C CA   . ARG A 1 64  ? -18.082 -5.898  -1.046  1.00 37.22 ? 233 ARG A CA   1 
ATOM   490  C C    . ARG A 1 64  ? -18.926 -4.652  -1.285  1.00 41.62 ? 233 ARG A C    1 
ATOM   491  O O    . ARG A 1 64  ? -19.731 -4.608  -2.222  1.00 41.98 ? 233 ARG A O    1 
ATOM   492  C CB   . ARG A 1 64  ? -18.710 -6.757  0.052   1.00 30.00 ? 233 ARG A CB   1 
ATOM   493  C CG   . ARG A 1 64  ? -18.886 -8.220  -0.325  1.00 60.22 ? 233 ARG A CG   1 
ATOM   494  C CD   . ARG A 1 64  ? -19.510 -9.024  0.809   1.00 66.09 ? 233 ARG A CD   1 
ATOM   495  N NE   . ARG A 1 64  ? -18.611 -9.140  1.955   1.00 67.59 ? 233 ARG A NE   1 
ATOM   496  C CZ   . ARG A 1 64  ? -18.916 -9.780  3.081   1.00 65.26 ? 233 ARG A CZ   1 
ATOM   497  N NH1  . ARG A 1 64  ? -20.099 -10.363 3.213   1.00 75.67 ? 233 ARG A NH1  1 
ATOM   498  N NH2  . ARG A 1 64  ? -18.041 -9.835  4.075   1.00 60.53 ? 233 ARG A NH2  1 
ATOM   499  N N    . LYS A 1 65  ? -18.762 -3.633  -0.442  1.00 33.39 ? 234 LYS A N    1 
ATOM   500  C CA   . LYS A 1 65  ? -19.587 -2.438  -0.567  1.00 33.84 ? 234 LYS A CA   1 
ATOM   501  C C    . LYS A 1 65  ? -19.108 -1.521  -1.682  1.00 38.32 ? 234 LYS A C    1 
ATOM   502  O O    . LYS A 1 65  ? -19.929 -0.864  -2.330  1.00 39.39 ? 234 LYS A O    1 
ATOM   503  C CB   . LYS A 1 65  ? -19.622 -1.687  0.763   1.00 30.69 ? 234 LYS A CB   1 
ATOM   504  C CG   . LYS A 1 65  ? -20.164 -2.520  1.909   1.00 42.63 ? 234 LYS A CG   1 
ATOM   505  C CD   . LYS A 1 65  ? -20.383 -1.699  3.160   1.00 46.72 ? 234 LYS A CD   1 
ATOM   506  C CE   . LYS A 1 65  ? -20.956 -2.563  4.273   1.00 49.18 ? 234 LYS A CE   1 
ATOM   507  N NZ   . LYS A 1 65  ? -21.281 -1.764  5.483   1.00 57.79 ? 234 LYS A NZ   1 
ATOM   508  N N    . LEU A 1 66  ? -17.797 -1.461  -1.928  1.00 34.39 ? 235 LEU A N    1 
ATOM   509  C CA   . LEU A 1 66  ? -17.294 -0.632  -3.018  1.00 33.04 ? 235 LEU A CA   1 
ATOM   510  C C    . LEU A 1 66  ? -17.751 -1.157  -4.371  1.00 36.35 ? 235 LEU A C    1 
ATOM   511  O O    . LEU A 1 66  ? -17.954 -0.372  -5.303  1.00 41.05 ? 235 LEU A O    1 
ATOM   512  C CB   . LEU A 1 66  ? -15.765 -0.558  -2.959  1.00 32.26 ? 235 LEU A CB   1 
ATOM   513  C CG   . LEU A 1 66  ? -15.165 0.139   -1.737  1.00 34.77 ? 235 LEU A CG   1 
ATOM   514  C CD1  . LEU A 1 66  ? -13.662 -0.059  -1.703  1.00 29.13 ? 235 LEU A CD1  1 
ATOM   515  C CD2  . LEU A 1 66  ? -15.512 1.618   -1.749  1.00 36.81 ? 235 LEU A CD2  1 
ATOM   516  N N    . ASP A 1 67  ? -17.919 -2.474  -4.498  1.00 32.58 ? 236 ASP A N    1 
ATOM   517  C CA   . ASP A 1 67  ? -18.391 -3.092  -5.735  1.00 40.10 ? 236 ASP A CA   1 
ATOM   518  C C    . ASP A 1 67  ? -17.496 -2.686  -6.910  1.00 41.16 ? 236 ASP A C    1 
ATOM   519  O O    . ASP A 1 67  ? -17.891 -1.958  -7.823  1.00 53.85 ? 236 ASP A O    1 
ATOM   520  C CB   . ASP A 1 67  ? -19.855 -2.721  -5.994  1.00 42.82 ? 236 ASP A CB   1 
ATOM   521  C CG   . ASP A 1 67  ? -20.619 -3.819  -6.699  1.00 56.98 ? 236 ASP A CG   1 
ATOM   522  O OD1  . ASP A 1 67  ? -20.045 -4.910  -6.907  1.00 70.58 ? 236 ASP A OD1  1 
ATOM   523  O OD2  . ASP A 1 67  ? -21.796 -3.592  -7.044  1.00 70.67 ? 236 ASP A OD2  1 
ATOM   524  N N    . ILE A 1 68  ? -16.263 -3.178  -6.851  1.00 30.80 ? 237 ILE A N    1 
ATOM   525  C CA   . ILE A 1 68  ? -15.239 -2.843  -7.832  1.00 39.18 ? 237 ILE A CA   1 
ATOM   526  C C    . ILE A 1 68  ? -15.316 -3.848  -8.975  1.00 48.46 ? 237 ILE A C    1 
ATOM   527  O O    . ILE A 1 68  ? -15.191 -5.058  -8.760  1.00 45.05 ? 237 ILE A O    1 
ATOM   528  C CB   . ILE A 1 68  ? -13.843 -2.833  -7.189  1.00 38.53 ? 237 ILE A CB   1 
ATOM   529  C CG1  . ILE A 1 68  ? -13.809 -1.815  -6.046  1.00 30.30 ? 237 ILE A CG1  1 
ATOM   530  C CG2  . ILE A 1 68  ? -12.774 -2.523  -8.228  1.00 37.88 ? 237 ILE A CG2  1 
ATOM   531  C CD1  . ILE A 1 68  ? -12.509 -1.800  -5.275  1.00 47.05 ? 237 ILE A CD1  1 
ATOM   532  N N    . LYS A 1 69  ? -15.520 -3.343  -10.192 1.00 43.57 ? 238 LYS A N    1 
ATOM   533  C CA   . LYS A 1 69  ? -15.767 -4.185  -11.356 1.00 44.47 ? 238 LYS A CA   1 
ATOM   534  C C    . LYS A 1 69  ? -14.912 -3.857  -12.569 1.00 40.13 ? 238 LYS A C    1 
ATOM   535  O O    . LYS A 1 69  ? -14.723 -4.738  -13.416 1.00 51.42 ? 238 LYS A O    1 
ATOM   536  C CB   . LYS A 1 69  ? -17.243 -4.097  -11.775 1.00 36.85 ? 238 LYS A CB   1 
ATOM   537  C CG   . LYS A 1 69  ? -18.224 -4.685  -10.782 1.00 38.26 ? 238 LYS A CG   1 
ATOM   538  C CD   . LYS A 1 69  ? -19.601 -4.055  -10.957 1.00 53.74 ? 238 LYS A CD   1 
ATOM   539  C CE   . LYS A 1 69  ? -20.705 -4.952  -10.420 1.00 63.29 ? 238 LYS A CE   1 
ATOM   540  N NZ   . LYS A 1 69  ? -21.371 -5.721  -11.512 1.00 68.41 ? 238 LYS A NZ   1 
ATOM   541  N N    . ASN A 1 70  ? -14.396 -2.637  -12.692 1.00 35.81 ? 239 ASN A N    1 
ATOM   542  C CA   . ASN A 1 70  ? -13.719 -2.211  -13.909 1.00 38.16 ? 239 ASN A CA   1 
ATOM   543  C C    . ASN A 1 70  ? -12.784 -1.056  -13.572 1.00 37.93 ? 239 ASN A C    1 
ATOM   544  O O    . ASN A 1 70  ? -12.603 -0.695  -12.406 1.00 43.55 ? 239 ASN A O    1 
ATOM   545  C CB   . ASN A 1 70  ? -14.738 -1.820  -14.983 1.00 31.86 ? 239 ASN A CB   1 
ATOM   546  C CG   . ASN A 1 70  ? -15.718 -0.770  -14.496 1.00 43.74 ? 239 ASN A CG   1 
ATOM   547  O OD1  . ASN A 1 70  ? -15.325 0.220   -13.879 1.00 43.90 ? 239 ASN A OD1  1 
ATOM   548  N ND2  . ASN A 1 70  ? -17.001 -0.991  -14.757 1.00 36.41 ? 239 ASN A ND2  1 
ATOM   549  N N    . GLU A 1 71  ? -12.194 -0.470  -14.616 1.00 38.26 ? 240 GLU A N    1 
ATOM   550  C CA   . GLU A 1 71  ? -11.235 0.612   -14.418 1.00 40.02 ? 240 GLU A CA   1 
ATOM   551  C C    . GLU A 1 71  ? -11.913 1.887   -13.930 1.00 52.30 ? 240 GLU A C    1 
ATOM   552  O O    . GLU A 1 71  ? -11.276 2.703   -13.252 1.00 49.22 ? 240 GLU A O    1 
ATOM   553  C CB   . GLU A 1 71  ? -10.468 0.867   -15.715 1.00 40.01 ? 240 GLU A CB   1 
ATOM   554  C CG   . GLU A 1 71  ? -9.325  1.858   -15.590 1.00 52.15 ? 240 GLU A CG   1 
ATOM   555  C CD   . GLU A 1 71  ? -8.356  1.770   -16.753 1.00 62.41 ? 240 GLU A CD   1 
ATOM   556  O OE1  . GLU A 1 71  ? -8.377  0.746   -17.470 1.00 57.70 ? 240 GLU A OE1  1 
ATOM   557  O OE2  . GLU A 1 71  ? -7.571  2.722   -16.949 1.00 65.50 ? 240 GLU A OE2  1 
ATOM   558  N N    . ASP A 1 72  ? -13.193 2.080   -14.262 1.00 44.53 ? 241 ASP A N    1 
ATOM   559  C CA   . ASP A 1 72  ? -13.939 3.208   -13.709 1.00 44.15 ? 241 ASP A CA   1 
ATOM   560  C C    . ASP A 1 72  ? -14.029 3.108   -12.193 1.00 37.88 ? 241 ASP A C    1 
ATOM   561  O O    . ASP A 1 72  ? -13.803 4.089   -11.477 1.00 42.39 ? 241 ASP A O    1 
ATOM   562  C CB   . ASP A 1 72  ? -15.338 3.273   -14.323 1.00 51.83 ? 241 ASP A CB   1 
ATOM   563  C CG   . ASP A 1 72  ? -15.404 4.171   -15.539 1.00 62.69 ? 241 ASP A CG   1 
ATOM   564  O OD1  . ASP A 1 72  ? -14.579 5.104   -15.635 1.00 60.21 ? 241 ASP A OD1  1 
ATOM   565  O OD2  . ASP A 1 72  ? -16.287 3.950   -16.396 1.00 68.32 ? 241 ASP A OD2  1 
ATOM   566  N N    . ASP A 1 73  ? -14.364 1.920   -11.686 1.00 38.58 ? 242 ASP A N    1 
ATOM   567  C CA   . ASP A 1 73  ? -14.434 1.724   -10.245 1.00 35.38 ? 242 ASP A CA   1 
ATOM   568  C C    . ASP A 1 73  ? -13.078 1.906   -9.580  1.00 44.93 ? 242 ASP A C    1 
ATOM   569  O O    . ASP A 1 73  ? -13.022 2.206   -8.383  1.00 37.65 ? 242 ASP A O    1 
ATOM   570  C CB   . ASP A 1 73  ? -14.997 0.338   -9.937  1.00 33.15 ? 242 ASP A CB   1 
ATOM   571  C CG   . ASP A 1 73  ? -16.343 0.099   -10.595 1.00 44.36 ? 242 ASP A CG   1 
ATOM   572  O OD1  . ASP A 1 73  ? -17.059 1.091   -10.855 1.00 45.35 ? 242 ASP A OD1  1 
ATOM   573  O OD2  . ASP A 1 73  ? -16.684 -1.074  -10.855 1.00 41.83 ? 242 ASP A OD2  1 
ATOM   574  N N    . VAL A 1 74  ? -11.986 1.732   -10.327 1.00 36.26 ? 243 VAL A N    1 
ATOM   575  C CA   . VAL A 1 74  ? -10.663 1.961   -9.758  1.00 35.38 ? 243 VAL A CA   1 
ATOM   576  C C    . VAL A 1 74  ? -10.412 3.452   -9.577  1.00 41.53 ? 243 VAL A C    1 
ATOM   577  O O    . VAL A 1 74  ? -9.881  3.884   -8.547  1.00 35.54 ? 243 VAL A O    1 
ATOM   578  C CB   . VAL A 1 74  ? -9.582  1.305   -10.634 1.00 31.51 ? 243 VAL A CB   1 
ATOM   579  C CG1  . VAL A 1 74  ? -8.193  1.683   -10.135 1.00 37.06 ? 243 VAL A CG1  1 
ATOM   580  C CG2  . VAL A 1 74  ? -9.762  -0.202  -10.646 1.00 32.53 ? 243 VAL A CG2  1 
ATOM   581  N N    . LYS A 1 75  ? -10.789 4.264   -10.570 1.00 38.98 ? 244 LYS A N    1 
ATOM   582  C CA   . LYS A 1 75  ? -10.630 5.708   -10.427 1.00 43.28 ? 244 LYS A CA   1 
ATOM   583  C C    . LYS A 1 75  ? -11.471 6.245   -9.276  1.00 41.45 ? 244 LYS A C    1 
ATOM   584  O O    . LYS A 1 75  ? -11.001 7.079   -8.494  1.00 45.60 ? 244 LYS A O    1 
ATOM   585  C CB   . LYS A 1 75  ? -10.985 6.417   -11.734 1.00 48.63 ? 244 LYS A CB   1 
ATOM   586  C CG   . LYS A 1 75  ? -9.919  6.303   -12.817 1.00 60.77 ? 244 LYS A CG   1 
ATOM   587  C CD   . LYS A 1 75  ? -8.515  6.498   -12.245 1.00 64.73 ? 244 LYS A CD   1 
ATOM   588  C CE   . LYS A 1 75  ? -8.407  7.776   -11.420 1.00 65.81 ? 244 LYS A CE   1 
ATOM   589  N NZ   . LYS A 1 75  ? -7.103  7.861   -10.692 1.00 51.78 ? 244 LYS A NZ   1 
ATOM   590  N N    . SER A 1 76  ? -12.718 5.782   -9.153  1.00 34.26 ? 245 SER A N    1 
ATOM   591  C CA   . SER A 1 76  ? -13.524 6.156   -7.997  1.00 40.40 ? 245 SER A CA   1 
ATOM   592  C C    . SER A 1 76  ? -12.871 5.695   -6.703  1.00 36.46 ? 245 SER A C    1 
ATOM   593  O O    . SER A 1 76  ? -13.004 6.357   -5.668  1.00 33.37 ? 245 SER A O    1 
ATOM   594  C CB   . SER A 1 76  ? -14.931 5.570   -8.116  1.00 38.56 ? 245 SER A CB   1 
ATOM   595  O OG   . SER A 1 76  ? -15.604 6.075   -9.255  1.00 54.72 ? 245 SER A OG   1 
ATOM   596  N N    . LEU A 1 77  ? -12.165 4.563   -6.745  1.00 37.72 ? 246 LEU A N    1 
ATOM   597  C CA   . LEU A 1 77  ? -11.443 4.095   -5.568  1.00 32.86 ? 246 LEU A CA   1 
ATOM   598  C C    . LEU A 1 77  ? -10.403 5.116   -5.121  1.00 26.97 ? 246 LEU A C    1 
ATOM   599  O O    . LEU A 1 77  ? -10.196 5.320   -3.918  1.00 25.50 ? 246 LEU A O    1 
ATOM   600  C CB   . LEU A 1 77  ? -10.784 2.749   -5.871  1.00 36.75 ? 246 LEU A CB   1 
ATOM   601  C CG   . LEU A 1 77  ? -10.671 1.720   -4.747  1.00 24.27 ? 246 LEU A CG   1 
ATOM   602  C CD1  . LEU A 1 77  ? -9.396  0.896   -4.913  1.00 22.11 ? 246 LEU A CD1  1 
ATOM   603  C CD2  . LEU A 1 77  ? -10.736 2.378   -3.374  1.00 28.65 ? 246 LEU A CD2  1 
ATOM   604  N N    . SER A 1 78  ? -9.744  5.777   -6.077  1.00 25.58 ? 247 SER A N    1 
ATOM   605  C CA   . SER A 1 78  ? -8.723  6.764   -5.733  1.00 32.92 ? 247 SER A CA   1 
ATOM   606  C C    . SER A 1 78  ? -9.308  7.906   -4.911  1.00 34.46 ? 247 SER A C    1 
ATOM   607  O O    . SER A 1 78  ? -8.635  8.456   -4.030  1.00 31.28 ? 247 SER A O    1 
ATOM   608  C CB   . SER A 1 78  ? -8.068  7.305   -7.004  1.00 34.36 ? 247 SER A CB   1 
ATOM   609  O OG   . SER A 1 78  ? -7.460  6.263   -7.748  1.00 58.94 ? 247 SER A OG   1 
ATOM   610  N N    . ARG A 1 79  ? -10.559 8.285   -5.192  1.00 31.27 ? 248 ARG A N    1 
ATOM   611  C CA   . ARG A 1 79  ? -11.217 9.324   -4.405  1.00 29.75 ? 248 ARG A CA   1 
ATOM   612  C C    . ARG A 1 79  ? -11.258 8.947   -2.931  1.00 32.69 ? 248 ARG A C    1 
ATOM   613  O O    . ARG A 1 79  ? -10.950 9.766   -2.058  1.00 37.70 ? 248 ARG A O    1 
ATOM   614  C CB   . ARG A 1 79  ? -12.629 9.574   -4.940  1.00 35.90 ? 248 ARG A CB   1 
ATOM   615  C CG   . ARG A 1 79  ? -13.576 10.280  -3.966  1.00 52.72 ? 248 ARG A CG   1 
ATOM   616  C CD   . ARG A 1 79  ? -13.366 11.794  -3.932  1.00 53.23 ? 248 ARG A CD   1 
ATOM   617  N NE   . ARG A 1 79  ? -14.631 12.521  -3.802  1.00 49.35 ? 248 ARG A NE   1 
ATOM   618  C CZ   . ARG A 1 79  ? -15.005 13.210  -2.726  1.00 58.62 ? 248 ARG A CZ   1 
ATOM   619  N NH1  . ARG A 1 79  ? -14.208 13.287  -1.667  1.00 35.30 ? 248 ARG A NH1  1 
ATOM   620  N NH2  . ARG A 1 79  ? -16.177 13.834  -2.713  1.00 43.31 ? 248 ARG A NH2  1 
ATOM   621  N N    . VAL A 1 80  ? -11.641 7.702   -2.634  1.00 28.55 ? 249 VAL A N    1 
ATOM   622  C CA   . VAL A 1 80  ? -11.696 7.251   -1.246  1.00 27.90 ? 249 VAL A CA   1 
ATOM   623  C C    . VAL A 1 80  ? -10.302 7.248   -0.634  1.00 29.23 ? 249 VAL A C    1 
ATOM   624  O O    . VAL A 1 80  ? -10.121 7.616   0.533   1.00 25.64 ? 249 VAL A O    1 
ATOM   625  C CB   . VAL A 1 80  ? -12.355 5.860   -1.158  1.00 26.80 ? 249 VAL A CB   1 
ATOM   626  C CG1  . VAL A 1 80  ? -12.435 5.396   0.289   1.00 20.83 ? 249 VAL A CG1  1 
ATOM   627  C CG2  . VAL A 1 80  ? -13.736 5.879   -1.793  1.00 27.55 ? 249 VAL A CG2  1 
ATOM   628  N N    . MET A 1 81  ? -9.295  6.834   -1.407  1.00 27.64 ? 250 MET A N    1 
ATOM   629  C CA   . MET A 1 81  ? -7.948  6.715   -0.862  1.00 31.74 ? 250 MET A CA   1 
ATOM   630  C C    . MET A 1 81  ? -7.379  8.066   -0.450  1.00 26.65 ? 250 MET A C    1 
ATOM   631  O O    . MET A 1 81  ? -6.632  8.148   0.530   1.00 30.95 ? 250 MET A O    1 
ATOM   632  C CB   . MET A 1 81  ? -7.029  6.036   -1.878  1.00 25.38 ? 250 MET A CB   1 
ATOM   633  C CG   . MET A 1 81  ? -7.536  4.686   -2.356  1.00 35.49 ? 250 MET A CG   1 
ATOM   634  S SD   . MET A 1 81  ? -6.340  3.812   -3.386  1.00 41.98 ? 250 MET A SD   1 
ATOM   635  C CE   . MET A 1 81  ? -6.060  5.008   -4.692  1.00 30.97 ? 250 MET A CE   1 
ATOM   636  N N    . ILE A 1 82  ? -7.716  9.133   -1.176  1.00 23.93 ? 251 ILE A N    1 
ATOM   637  C CA   . ILE A 1 82  ? -7.232  10.458  -0.802  1.00 28.29 ? 251 ILE A CA   1 
ATOM   638  C C    . ILE A 1 82  ? -7.624  10.798  0.630   1.00 21.62 ? 251 ILE A C    1 
ATOM   639  O O    . ILE A 1 82  ? -6.885  11.493  1.338   1.00 20.01 ? 251 ILE A O    1 
ATOM   640  C CB   . ILE A 1 82  ? -7.756  11.516  -1.790  1.00 35.49 ? 251 ILE A CB   1 
ATOM   641  C CG1  . ILE A 1 82  ? -6.845  11.612  -3.016  1.00 43.11 ? 251 ILE A CG1  1 
ATOM   642  C CG2  . ILE A 1 82  ? -7.861  12.861  -1.104  1.00 51.83 ? 251 ILE A CG2  1 
ATOM   643  C CD1  . ILE A 1 82  ? -5.729  12.626  -2.870  1.00 34.58 ? 251 ILE A CD1  1 
ATOM   644  N N    . HIS A 1 83  ? -8.784  10.319  1.084   1.00 15.47 ? 252 HIS A N    1 
ATOM   645  C CA   . HIS A 1 83  ? -9.255  10.629  2.429   1.00 20.14 ? 252 HIS A CA   1 
ATOM   646  C C    . HIS A 1 83  ? -8.431  9.957   3.522   1.00 25.00 ? 252 HIS A C    1 
ATOM   647  O O    . HIS A 1 83  ? -8.720  10.172  4.704   1.00 23.77 ? 252 HIS A O    1 
ATOM   648  C CB   . HIS A 1 83  ? -10.727 10.232  2.572   1.00 16.76 ? 252 HIS A CB   1 
ATOM   649  C CG   . HIS A 1 83  ? -11.680 11.206  1.951   1.00 23.84 ? 252 HIS A CG   1 
ATOM   650  N ND1  . HIS A 1 83  ? -12.524 12.000  2.697   1.00 25.80 ? 252 HIS A ND1  1 
ATOM   651  C CD2  . HIS A 1 83  ? -11.916 11.521  0.654   1.00 22.55 ? 252 HIS A CD2  1 
ATOM   652  C CE1  . HIS A 1 83  ? -13.243 12.758  1.887   1.00 24.71 ? 252 HIS A CE1  1 
ATOM   653  N NE2  . HIS A 1 83  ? -12.891 12.487  0.643   1.00 25.90 ? 252 HIS A NE2  1 
ATOM   654  N N    . VAL A 1 84  ? -7.414  9.168   3.164   1.00 24.87 ? 253 VAL A N    1 
ATOM   655  C CA   . VAL A 1 84  ? -6.605  8.475   4.161   1.00 23.94 ? 253 VAL A CA   1 
ATOM   656  C C    . VAL A 1 84  ? -5.827  9.443   5.040   1.00 21.71 ? 253 VAL A C    1 
ATOM   657  O O    . VAL A 1 84  ? -5.434  9.083   6.153   1.00 23.10 ? 253 VAL A O    1 
ATOM   658  C CB   . VAL A 1 84  ? -5.648  7.483   3.469   1.00 26.44 ? 253 VAL A CB   1 
ATOM   659  C CG1  . VAL A 1 84  ? -4.720  6.843   4.486   1.00 30.66 ? 253 VAL A CG1  1 
ATOM   660  C CG2  . VAL A 1 84  ? -6.436  6.424   2.724   1.00 32.57 ? 253 VAL A CG2  1 
ATOM   661  N N    . PHE A 1 85  ? -5.589  10.669  4.571   1.00 21.71 ? 254 PHE A N    1 
ATOM   662  C CA   . PHE A 1 85  ? -4.838  11.663  5.330   1.00 25.52 ? 254 PHE A CA   1 
ATOM   663  C C    . PHE A 1 85  ? -5.647  12.924  5.606   1.00 24.36 ? 254 PHE A C    1 
ATOM   664  O O    . PHE A 1 85  ? -5.095  13.896  6.138   1.00 32.17 ? 254 PHE A O    1 
ATOM   665  C CB   . PHE A 1 85  ? -3.548  12.042  4.597   1.00 36.20 ? 254 PHE A CB   1 
ATOM   666  C CG   . PHE A 1 85  ? -2.767  10.866  4.091   1.00 33.90 ? 254 PHE A CG   1 
ATOM   667  C CD1  . PHE A 1 85  ? -2.233  9.939   4.970   1.00 29.54 ? 254 PHE A CD1  1 
ATOM   668  C CD2  . PHE A 1 85  ? -2.550  10.697  2.733   1.00 39.72 ? 254 PHE A CD2  1 
ATOM   669  C CE1  . PHE A 1 85  ? -1.509  8.857   4.503   1.00 29.24 ? 254 PHE A CE1  1 
ATOM   670  C CE2  . PHE A 1 85  ? -1.825  9.618   2.261   1.00 44.16 ? 254 PHE A CE2  1 
ATOM   671  C CZ   . PHE A 1 85  ? -1.305  8.697   3.148   1.00 39.79 ? 254 PHE A CZ   1 
ATOM   672  N N    . SER A 1 86  ? -6.937  12.941  5.269   1.00 23.91 ? 255 SER A N    1 
ATOM   673  C CA   . SER A 1 86  ? -7.709  14.175  5.335   1.00 25.47 ? 255 SER A CA   1 
ATOM   674  C C    . SER A 1 86  ? -7.889  14.699  6.755   1.00 27.31 ? 255 SER A C    1 
ATOM   675  O O    . SER A 1 86  ? -8.357  15.831  6.922   1.00 24.33 ? 255 SER A O    1 
ATOM   676  C CB   . SER A 1 86  ? -9.070  13.968  4.673   1.00 20.18 ? 255 SER A CB   1 
ATOM   677  O OG   . SER A 1 86  ? -9.777  12.908  5.291   1.00 47.90 ? 255 SER A OG   1 
ATOM   678  N N    . ASP A 1 87  ? -7.534  13.919  7.776   1.00 21.87 ? 256 ASP A N    1 
ATOM   679  C CA   . ASP A 1 87  ? -7.585  14.380  9.157   1.00 18.44 ? 256 ASP A CA   1 
ATOM   680  C C    . ASP A 1 87  ? -6.268  14.996  9.615   1.00 23.45 ? 256 ASP A C    1 
ATOM   681  O O    . ASP A 1 87  ? -6.075  15.197  10.819  1.00 26.57 ? 256 ASP A O    1 
ATOM   682  C CB   . ASP A 1 87  ? -7.982  13.232  10.091  1.00 19.47 ? 256 ASP A CB   1 
ATOM   683  C CG   . ASP A 1 87  ? -6.884  12.197  10.246  1.00 22.82 ? 256 ASP A CG   1 
ATOM   684  O OD1  . ASP A 1 87  ? -5.964  12.166  9.400   1.00 23.37 ? 256 ASP A OD1  1 
ATOM   685  O OD2  . ASP A 1 87  ? -6.945  11.409  11.215  1.00 28.33 ? 256 ASP A OD2  1 
ATOM   686  N N    . GLY A 1 88  ? -5.360  15.288  8.687   1.00 23.04 ? 257 GLY A N    1 
ATOM   687  C CA   . GLY A 1 88  ? -4.095  15.911  9.016   1.00 26.10 ? 257 GLY A CA   1 
ATOM   688  C C    . GLY A 1 88  ? -2.996  14.971  9.463   1.00 24.59 ? 257 GLY A C    1 
ATOM   689  O O    . GLY A 1 88  ? -1.872  15.433  9.699   1.00 28.43 ? 257 GLY A O    1 
ATOM   690  N N    . VAL A 1 89  ? -3.269  13.676  9.579   1.00 24.32 ? 258 VAL A N    1 
ATOM   691  C CA   . VAL A 1 89  ? -2.317  12.713  10.123  1.00 23.33 ? 258 VAL A CA   1 
ATOM   692  C C    . VAL A 1 89  ? -1.739  11.870  8.996   1.00 28.58 ? 258 VAL A C    1 
ATOM   693  O O    . VAL A 1 89  ? -2.469  11.406  8.112   1.00 19.42 ? 258 VAL A O    1 
ATOM   694  C CB   . VAL A 1 89  ? -2.973  11.820  11.191  1.00 27.14 ? 258 VAL A CB   1 
ATOM   695  C CG1  . VAL A 1 89  ? -2.029  10.695  11.595  1.00 17.85 ? 258 VAL A CG1  1 
ATOM   696  C CG2  . VAL A 1 89  ? -3.366  12.656  12.397  1.00 25.22 ? 258 VAL A CG2  1 
ATOM   697  N N    . THR A 1 90  ? -0.423  11.669  9.036   1.00 22.61 ? 259 THR A N    1 
ATOM   698  C CA   . THR A 1 90  ? 0.277   10.785  8.115   1.00 19.82 ? 259 THR A CA   1 
ATOM   699  C C    . THR A 1 90  ? 1.249   9.936   8.920   1.00 24.74 ? 259 THR A C    1 
ATOM   700  O O    . THR A 1 90  ? 1.966   10.458  9.779   1.00 20.29 ? 259 THR A O    1 
ATOM   701  C CB   . THR A 1 90  ? 1.030   11.578  7.036   1.00 28.25 ? 259 THR A CB   1 
ATOM   702  O OG1  . THR A 1 90  ? 0.137   12.502  6.404   1.00 29.37 ? 259 THR A OG1  1 
ATOM   703  C CG2  . THR A 1 90  ? 1.594   10.644  5.979   1.00 24.55 ? 259 THR A CG2  1 
ATOM   704  N N    . ASN A 1 91  ? 1.260   8.633   8.661   1.00 20.19 ? 260 ASN A N    1 
ATOM   705  C CA   . ASN A 1 91  ? 2.224   7.739   9.290   1.00 15.78 ? 260 ASN A CA   1 
ATOM   706  C C    . ASN A 1 91  ? 2.382   6.516   8.402   1.00 18.47 ? 260 ASN A C    1 
ATOM   707  O O    . ASN A 1 91  ? 1.621   6.315   7.452   1.00 20.81 ? 260 ASN A O    1 
ATOM   708  C CB   . ASN A 1 91  ? 1.810   7.358   10.720  1.00 20.20 ? 260 ASN A CB   1 
ATOM   709  C CG   . ASN A 1 91  ? 0.423   6.733   10.795  1.00 18.55 ? 260 ASN A CG   1 
ATOM   710  O OD1  . ASN A 1 91  ? 0.079   5.843   10.017  1.00 16.91 ? 260 ASN A OD1  1 
ATOM   711  N ND2  . ASN A 1 91  ? -0.379  7.203   11.742  1.00 15.98 ? 260 ASN A ND2  1 
ATOM   712  N N    . TRP A 1 92  ? 3.395   5.702   8.716   1.00 18.59 ? 261 TRP A N    1 
ATOM   713  C CA   . TRP A 1 92  ? 3.661   4.515   7.910   1.00 22.96 ? 261 TRP A CA   1 
ATOM   714  C C    . TRP A 1 92  ? 2.568   3.468   8.071   1.00 15.81 ? 261 TRP A C    1 
ATOM   715  O O    . TRP A 1 92  ? 2.354   2.656   7.164   1.00 17.15 ? 261 TRP A O    1 
ATOM   716  C CB   . TRP A 1 92  ? 5.022   3.917   8.269   1.00 19.35 ? 261 TRP A CB   1 
ATOM   717  C CG   . TRP A 1 92  ? 6.181   4.728   7.764   1.00 18.20 ? 261 TRP A CG   1 
ATOM   718  C CD1  . TRP A 1 92  ? 7.172   5.295   8.511   1.00 18.58 ? 261 TRP A CD1  1 
ATOM   719  C CD2  . TRP A 1 92  ? 6.468   5.056   6.397   1.00 19.77 ? 261 TRP A CD2  1 
ATOM   720  N NE1  . TRP A 1 92  ? 8.064   5.953   7.693   1.00 23.83 ? 261 TRP A NE1  1 
ATOM   721  C CE2  . TRP A 1 92  ? 7.652   5.823   6.392   1.00 21.35 ? 261 TRP A CE2  1 
ATOM   722  C CE3  . TRP A 1 92  ? 5.840   4.777   5.180   1.00 20.73 ? 261 TRP A CE3  1 
ATOM   723  C CZ2  . TRP A 1 92  ? 8.220   6.312   5.215   1.00 19.50 ? 261 TRP A CZ2  1 
ATOM   724  C CZ3  . TRP A 1 92  ? 6.407   5.265   4.013   1.00 21.13 ? 261 TRP A CZ3  1 
ATOM   725  C CH2  . TRP A 1 92  ? 7.585   6.023   4.040   1.00 16.94 ? 261 TRP A CH2  1 
ATOM   726  N N    . GLY A 1 93  ? 1.869   3.464   9.207   1.00 18.56 ? 262 GLY A N    1 
ATOM   727  C CA   . GLY A 1 93  ? 0.802   2.492   9.395   1.00 20.25 ? 262 GLY A CA   1 
ATOM   728  C C    . GLY A 1 93  ? -0.345  2.692   8.424   1.00 20.37 ? 262 GLY A C    1 
ATOM   729  O O    . GLY A 1 93  ? -0.859  1.731   7.844   1.00 18.24 ? 262 GLY A O    1 
ATOM   730  N N    . ARG A 1 94  ? -0.766  3.944   8.237   1.00 14.89 ? 263 ARG A N    1 
ATOM   731  C CA   . ARG A 1 94  ? -1.796  4.228   7.247   1.00 16.68 ? 263 ARG A CA   1 
ATOM   732  C C    . ARG A 1 94  ? -1.312  3.898   5.842   1.00 20.00 ? 263 ARG A C    1 
ATOM   733  O O    . ARG A 1 94  ? -2.074  3.373   5.023   1.00 18.68 ? 263 ARG A O    1 
ATOM   734  C CB   . ARG A 1 94  ? -2.221  5.694   7.334   1.00 16.80 ? 263 ARG A CB   1 
ATOM   735  C CG   . ARG A 1 94  ? -2.860  6.067   8.663   1.00 17.23 ? 263 ARG A CG   1 
ATOM   736  C CD   . ARG A 1 94  ? -3.462  7.453   8.613   1.00 17.29 ? 263 ARG A CD   1 
ATOM   737  N NE   . ARG A 1 94  ? -4.084  7.815   9.883   1.00 20.60 ? 263 ARG A NE   1 
ATOM   738  C CZ   . ARG A 1 94  ? -4.813  8.907   10.071  1.00 20.44 ? 263 ARG A CZ   1 
ATOM   739  N NH1  . ARG A 1 94  ? -5.018  9.749   9.068   1.00 14.21 ? 263 ARG A NH1  1 
ATOM   740  N NH2  . ARG A 1 94  ? -5.336  9.158   11.263  1.00 21.18 ? 263 ARG A NH2  1 
ATOM   741  N N    . ILE A 1 95  ? -0.043  4.188   5.547   1.00 18.15 ? 264 ILE A N    1 
ATOM   742  C CA   . ILE A 1 95  ? 0.471   3.984   4.196   1.00 20.19 ? 264 ILE A CA   1 
ATOM   743  C C    . ILE A 1 95  ? 0.555   2.498   3.866   1.00 19.86 ? 264 ILE A C    1 
ATOM   744  O O    . ILE A 1 95  ? 0.219   2.077   2.752   1.00 20.55 ? 264 ILE A O    1 
ATOM   745  C CB   . ILE A 1 95  ? 1.834   4.685   4.036   1.00 22.09 ? 264 ILE A CB   1 
ATOM   746  C CG1  . ILE A 1 95  ? 1.649   6.205   4.060   1.00 17.07 ? 264 ILE A CG1  1 
ATOM   747  C CG2  . ILE A 1 95  ? 2.517   4.248   2.750   1.00 19.22 ? 264 ILE A CG2  1 
ATOM   748  C CD1  . ILE A 1 95  ? 2.945   6.989   4.075   1.00 19.11 ? 264 ILE A CD1  1 
ATOM   749  N N    . VAL A 1 96  ? 0.996   1.675   4.821   1.00 16.88 ? 265 VAL A N    1 
ATOM   750  C CA   . VAL A 1 96  ? 1.075   0.242   4.543   1.00 16.41 ? 265 VAL A CA   1 
ATOM   751  C C    . VAL A 1 96  ? -0.317  -0.373  4.478   1.00 17.69 ? 265 VAL A C    1 
ATOM   752  O O    . VAL A 1 96  ? -0.561  -1.289  3.682   1.00 15.37 ? 265 VAL A O    1 
ATOM   753  C CB   . VAL A 1 96  ? 1.954   -0.474  5.585   1.00 20.50 ? 265 VAL A CB   1 
ATOM   754  C CG1  . VAL A 1 96  ? 1.179   -0.696  6.876   1.00 15.89 ? 265 VAL A CG1  1 
ATOM   755  C CG2  . VAL A 1 96  ? 2.472   -1.804  5.024   1.00 15.84 ? 265 VAL A CG2  1 
ATOM   756  N N    . THR A 1 97  ? -1.252  0.116   5.298   1.00 23.46 ? 266 THR A N    1 
ATOM   757  C CA   . THR A 1 97  ? -2.627  -0.362  5.212   1.00 13.44 ? 266 THR A CA   1 
ATOM   758  C C    . THR A 1 97  ? -3.241  -0.012  3.863   1.00 22.93 ? 266 THR A C    1 
ATOM   759  O O    . THR A 1 97  ? -3.962  -0.822  3.271   1.00 20.37 ? 266 THR A O    1 
ATOM   760  C CB   . THR A 1 97  ? -3.464  0.221   6.352   1.00 18.12 ? 266 THR A CB   1 
ATOM   761  O OG1  . THR A 1 97  ? -2.871  -0.127  7.609   1.00 19.88 ? 266 THR A OG1  1 
ATOM   762  C CG2  . THR A 1 97  ? -4.878  -0.329  6.310   1.00 15.50 ? 266 THR A CG2  1 
ATOM   763  N N    . LEU A 1 98  ? -2.966  1.196   3.361   1.00 17.67 ? 267 LEU A N    1 
ATOM   764  C CA   . LEU A 1 98  ? -3.465  1.581   2.045   1.00 21.08 ? 267 LEU A CA   1 
ATOM   765  C C    . LEU A 1 98  ? -2.945  0.639   0.969   1.00 21.87 ? 267 LEU A C    1 
ATOM   766  O O    . LEU A 1 98  ? -3.704  0.177   0.108   1.00 16.46 ? 267 LEU A O    1 
ATOM   767  C CB   . LEU A 1 98  ? -3.062  3.021   1.731   1.00 20.53 ? 267 LEU A CB   1 
ATOM   768  C CG   . LEU A 1 98  ? -3.312  3.468   0.287   1.00 23.55 ? 267 LEU A CG   1 
ATOM   769  C CD1  . LEU A 1 98  ? -4.807  3.540   -0.009  1.00 24.08 ? 267 LEU A CD1  1 
ATOM   770  C CD2  . LEU A 1 98  ? -2.632  4.800   0.007   1.00 29.47 ? 267 LEU A CD2  1 
ATOM   771  N N    . ILE A 1 99  ? -1.645  0.345   0.998   1.00 18.33 ? 268 ILE A N    1 
ATOM   772  C CA   . ILE A 1 99  ? -1.064  -0.547  0.004   1.00 18.00 ? 268 ILE A CA   1 
ATOM   773  C C    . ILE A 1 99  ? -1.601  -1.961  0.176   1.00 18.44 ? 268 ILE A C    1 
ATOM   774  O O    . ILE A 1 99  ? -1.868  -2.661  -0.809  1.00 18.11 ? 268 ILE A O    1 
ATOM   775  C CB   . ILE A 1 99  ? 0.474   -0.508  0.088   1.00 18.14 ? 268 ILE A CB   1 
ATOM   776  C CG1  . ILE A 1 99  ? 0.979   0.926   -0.085  1.00 16.53 ? 268 ILE A CG1  1 
ATOM   777  C CG2  . ILE A 1 99  ? 1.086   -1.408  -0.973  1.00 21.16 ? 268 ILE A CG2  1 
ATOM   778  C CD1  . ILE A 1 99  ? 2.469   1.093   0.179   1.00 17.01 ? 268 ILE A CD1  1 
ATOM   779  N N    . SER A 1 100 ? -1.776  -2.404  1.426   1.00 20.32 ? 269 SER A N    1 
ATOM   780  C CA   . SER A 1 100 ? -2.281  -3.752  1.668   1.00 18.06 ? 269 SER A CA   1 
ATOM   781  C C    . SER A 1 100 ? -3.672  -3.935  1.074   1.00 18.89 ? 269 SER A C    1 
ATOM   782  O O    . SER A 1 100 ? -3.961  -4.967  0.455   1.00 18.79 ? 269 SER A O    1 
ATOM   783  C CB   . SER A 1 100 ? -2.302  -4.055  3.168   1.00 22.27 ? 269 SER A CB   1 
ATOM   784  O OG   . SER A 1 100 ? -0.993  -4.106  3.708   1.00 22.80 ? 269 SER A OG   1 
ATOM   785  N N    . PHE A 1 101 ? -4.554  -2.952  1.262   1.00 22.10 ? 270 PHE A N    1 
ATOM   786  C CA   . PHE A 1 101 ? -5.872  -3.030  0.642   1.00 21.34 ? 270 PHE A CA   1 
ATOM   787  C C    . PHE A 1 101 ? -5.756  -3.032  -0.878  1.00 20.09 ? 270 PHE A C    1 
ATOM   788  O O    . PHE A 1 101 ? -6.523  -3.716  -1.566  1.00 21.55 ? 270 PHE A O    1 
ATOM   789  C CB   . PHE A 1 101 ? -6.748  -1.871  1.122   1.00 22.11 ? 270 PHE A CB   1 
ATOM   790  C CG   . PHE A 1 101 ? -8.182  -1.973  0.684   1.00 20.22 ? 270 PHE A CG   1 
ATOM   791  C CD1  . PHE A 1 101 ? -8.962  -3.054  1.068   1.00 16.28 ? 270 PHE A CD1  1 
ATOM   792  C CD2  . PHE A 1 101 ? -8.755  -0.986  -0.103  1.00 22.41 ? 270 PHE A CD2  1 
ATOM   793  C CE1  . PHE A 1 101 ? -10.281 -3.153  0.665   1.00 19.61 ? 270 PHE A CE1  1 
ATOM   794  C CE2  . PHE A 1 101 ? -10.077 -1.077  -0.509  1.00 14.52 ? 270 PHE A CE2  1 
ATOM   795  C CZ   . PHE A 1 101 ? -10.841 -2.161  -0.125  1.00 15.19 ? 270 PHE A CZ   1 
ATOM   796  N N    . GLY A 1 102 ? -4.798  -2.275  -1.419  1.00 18.77 ? 271 GLY A N    1 
ATOM   797  C CA   . GLY A 1 102 ? -4.558  -2.313  -2.852  1.00 19.28 ? 271 GLY A CA   1 
ATOM   798  C C    . GLY A 1 102 ? -4.231  -3.707  -3.347  1.00 17.94 ? 271 GLY A C    1 
ATOM   799  O O    . GLY A 1 102 ? -4.738  -4.144  -4.385  1.00 19.90 ? 271 GLY A O    1 
ATOM   800  N N    . ALA A 1 103 ? -3.382  -4.430  -2.611  1.00 12.81 ? 272 ALA A N    1 
ATOM   801  C CA   . ALA A 1 103 ? -3.111  -5.820  -2.958  1.00 17.45 ? 272 ALA A CA   1 
ATOM   802  C C    . ALA A 1 103 ? -4.365  -6.674  -2.814  1.00 24.76 ? 272 ALA A C    1 
ATOM   803  O O    . ALA A 1 103 ? -4.638  -7.540  -3.654  1.00 20.42 ? 272 ALA A O    1 
ATOM   804  C CB   . ALA A 1 103 ? -1.986  -6.371  -2.085  1.00 18.82 ? 272 ALA A CB   1 
ATOM   805  N N    . PHE A 1 104 ? -5.141  -6.446  -1.750  1.00 21.30 ? 273 PHE A N    1 
ATOM   806  C CA   . PHE A 1 104 ? -6.398  -7.166  -1.576  1.00 19.66 ? 273 PHE A CA   1 
ATOM   807  C C    . PHE A 1 104 ? -7.329  -6.924  -2.758  1.00 18.32 ? 273 PHE A C    1 
ATOM   808  O O    . PHE A 1 104 ? -7.923  -7.863  -3.298  1.00 24.56 ? 273 PHE A O    1 
ATOM   809  C CB   . PHE A 1 104 ? -7.061  -6.742  -0.266  1.00 24.83 ? 273 PHE A CB   1 
ATOM   810  C CG   . PHE A 1 104 ? -8.165  -7.656  0.183   1.00 25.99 ? 273 PHE A CG   1 
ATOM   811  C CD1  . PHE A 1 104 ? -7.876  -8.836  0.847   1.00 24.57 ? 273 PHE A CD1  1 
ATOM   812  C CD2  . PHE A 1 104 ? -9.491  -7.332  -0.053  1.00 27.81 ? 273 PHE A CD2  1 
ATOM   813  C CE1  . PHE A 1 104 ? -8.886  -9.681  1.264   1.00 26.34 ? 273 PHE A CE1  1 
ATOM   814  C CE2  . PHE A 1 104 ? -10.509 -8.173  0.362   1.00 27.24 ? 273 PHE A CE2  1 
ATOM   815  C CZ   . PHE A 1 104 ? -10.207 -9.349  1.023   1.00 29.56 ? 273 PHE A CZ   1 
ATOM   816  N N    . VAL A 1 105 ? -7.462  -5.665  -3.177  1.00 14.26 ? 274 VAL A N    1 
ATOM   817  C CA   . VAL A 1 105 ? -8.265  -5.358  -4.356  1.00 17.38 ? 274 VAL A CA   1 
ATOM   818  C C    . VAL A 1 105 ? -7.661  -6.000  -5.600  1.00 24.00 ? 274 VAL A C    1 
ATOM   819  O O    . VAL A 1 105 ? -8.382  -6.517  -6.463  1.00 18.12 ? 274 VAL A O    1 
ATOM   820  C CB   . VAL A 1 105 ? -8.406  -3.834  -4.519  1.00 22.10 ? 274 VAL A CB   1 
ATOM   821  C CG1  . VAL A 1 105 ? -9.140  -3.503  -5.814  1.00 20.87 ? 274 VAL A CG1  1 
ATOM   822  C CG2  . VAL A 1 105 ? -9.118  -3.233  -3.313  1.00 24.12 ? 274 VAL A CG2  1 
ATOM   823  N N    . ALA A 1 106 ? -6.329  -5.972  -5.716  1.00 20.86 ? 275 ALA A N    1 
ATOM   824  C CA   . ALA A 1 106 ? -5.674  -6.532  -6.896  1.00 18.62 ? 275 ALA A CA   1 
ATOM   825  C C    . ALA A 1 106 ? -5.989  -8.014  -7.054  1.00 25.16 ? 275 ALA A C    1 
ATOM   826  O O    . ALA A 1 106 ? -6.262  -8.483  -8.166  1.00 24.78 ? 275 ALA A O    1 
ATOM   827  C CB   . ALA A 1 106 ? -4.165  -6.303  -6.818  1.00 19.81 ? 275 ALA A CB   1 
ATOM   828  N N    . LYS A 1 107 ? -5.953  -8.772  -5.956  1.00 22.25 ? 276 LYS A N    1 
ATOM   829  C CA   . LYS A 1 107 ? -6.370  -10.170 -6.020  1.00 28.28 ? 276 LYS A CA   1 
ATOM   830  C C    . LYS A 1 107 ? -7.790  -10.286 -6.555  1.00 34.22 ? 276 LYS A C    1 
ATOM   831  O O    . LYS A 1 107 ? -8.073  -11.109 -7.434  1.00 24.32 ? 276 LYS A O    1 
ATOM   832  C CB   . LYS A 1 107 ? -6.270  -10.822 -4.640  1.00 24.50 ? 276 LYS A CB   1 
ATOM   833  C CG   . LYS A 1 107 ? -4.881  -10.830 -4.034  1.00 31.39 ? 276 LYS A CG   1 
ATOM   834  C CD   . LYS A 1 107 ? -4.880  -11.596 -2.722  1.00 26.83 ? 276 LYS A CD   1 
ATOM   835  C CE   . LYS A 1 107 ? -3.638  -11.295 -1.907  1.00 31.33 ? 276 LYS A CE   1 
ATOM   836  N NZ   . LYS A 1 107 ? -3.745  -11.837 -0.524  1.00 41.58 ? 276 LYS A NZ   1 
ATOM   837  N N    . HIS A 1 108 ? -8.703  -9.471  -6.023  1.00 28.69 ? 277 HIS A N    1 
ATOM   838  C CA   . HIS A 1 108 ? -10.082 -9.492  -6.496  1.00 23.21 ? 277 HIS A CA   1 
ATOM   839  C C    . HIS A 1 108 ? -10.162 -9.168  -7.982  1.00 24.91 ? 277 HIS A C    1 
ATOM   840  O O    . HIS A 1 108 ? -10.904 -9.817  -8.728  1.00 30.15 ? 277 HIS A O    1 
ATOM   841  C CB   . HIS A 1 108 ? -10.924 -8.505  -5.689  1.00 25.42 ? 277 HIS A CB   1 
ATOM   842  C CG   . HIS A 1 108 ? -12.265 -8.229  -6.289  1.00 35.10 ? 277 HIS A CG   1 
ATOM   843  N ND1  . HIS A 1 108 ? -13.336 -9.083  -6.139  1.00 28.03 ? 277 HIS A ND1  1 
ATOM   844  C CD2  . HIS A 1 108 ? -12.705 -7.200  -7.050  1.00 34.24 ? 277 HIS A CD2  1 
ATOM   845  C CE1  . HIS A 1 108 ? -14.380 -8.587  -6.778  1.00 33.21 ? 277 HIS A CE1  1 
ATOM   846  N NE2  . HIS A 1 108 ? -14.024 -7.447  -7.339  1.00 26.92 ? 277 HIS A NE2  1 
ATOM   847  N N    . LEU A 1 109 ? -9.409  -8.159  -8.428  1.00 30.73 ? 278 LEU A N    1 
ATOM   848  C CA   . LEU A 1 109 ? -9.424  -7.788  -9.839  1.00 32.34 ? 278 LEU A CA   1 
ATOM   849  C C    . LEU A 1 109 ? -8.980  -8.938  -10.732 1.00 35.43 ? 278 LEU A C    1 
ATOM   850  O O    . LEU A 1 109 ? -9.409  -9.029  -11.888 1.00 33.44 ? 278 LEU A O    1 
ATOM   851  C CB   . LEU A 1 109 ? -8.530  -6.572  -10.073 1.00 26.26 ? 278 LEU A CB   1 
ATOM   852  C CG   . LEU A 1 109 ? -9.042  -5.240  -9.535  1.00 28.42 ? 278 LEU A CG   1 
ATOM   853  C CD1  . LEU A 1 109 ? -8.015  -4.146  -9.776  1.00 27.04 ? 278 LEU A CD1  1 
ATOM   854  C CD2  . LEU A 1 109 ? -10.369 -4.890  -10.191 1.00 27.26 ? 278 LEU A CD2  1 
ATOM   855  N N    . LYS A 1 110 ? -8.123  -9.824  -10.219 1.00 34.45 ? 279 LYS A N    1 
ATOM   856  C CA   . LYS A 1 110 ? -7.612  -10.915 -11.038 1.00 37.30 ? 279 LYS A CA   1 
ATOM   857  C C    . LYS A 1 110 ? -8.622  -12.050 -11.155 1.00 31.94 ? 279 LYS A C    1 
ATOM   858  O O    . LYS A 1 110 ? -8.771  -12.640 -12.231 1.00 39.05 ? 279 LYS A O    1 
ATOM   859  C CB   . LYS A 1 110 ? -6.289  -11.423 -10.465 1.00 30.09 ? 279 LYS A CB   1 
ATOM   860  C CG   . LYS A 1 110 ? -5.581  -12.435 -11.345 1.00 41.36 ? 279 LYS A CG   1 
ATOM   861  C CD   . LYS A 1 110 ? -5.796  -13.849 -10.838 1.00 43.51 ? 279 LYS A CD   1 
ATOM   862  C CE   . LYS A 1 110 ? -4.966  -14.852 -11.627 1.00 47.63 ? 279 LYS A CE   1 
ATOM   863  N NZ   . LYS A 1 110 ? -5.060  -16.212 -11.024 1.00 55.78 ? 279 LYS A NZ   1 
ATOM   864  N N    . THR A 1 111 ? -9.332  -12.363 -10.072 1.00 38.94 ? 280 THR A N    1 
ATOM   865  C CA   . THR A 1 111 ? -10.296 -13.455 -10.114 1.00 38.44 ? 280 THR A CA   1 
ATOM   866  C C    . THR A 1 111 ? -11.548 -13.115 -10.914 1.00 38.71 ? 280 THR A C    1 
ATOM   867  O O    . THR A 1 111 ? -12.298 -14.028 -11.275 1.00 42.13 ? 280 THR A O    1 
ATOM   868  C CB   . THR A 1 111 ? -10.690 -13.873 -8.695  1.00 35.60 ? 280 THR A CB   1 
ATOM   869  O OG1  . THR A 1 111 ? -11.762 -13.045 -8.230  1.00 41.15 ? 280 THR A OG1  1 
ATOM   870  C CG2  . THR A 1 111 ? -9.503  -13.714 -7.754  1.00 43.33 ? 280 THR A CG2  1 
ATOM   871  N N    . ILE A 1 112 ? -11.790 -11.837 -11.202 1.00 31.10 ? 281 ILE A N    1 
ATOM   872  C CA   . ILE A 1 112 ? -12.889 -11.433 -12.070 1.00 38.82 ? 281 ILE A CA   1 
ATOM   873  C C    . ILE A 1 112 ? -12.396 -11.122 -13.485 1.00 34.04 ? 281 ILE A C    1 
ATOM   874  O O    . ILE A 1 112 ? -13.092 -10.456 -14.250 1.00 42.35 ? 281 ILE A O    1 
ATOM   875  C CB   . ILE A 1 112 ? -13.674 -10.248 -11.484 1.00 34.40 ? 281 ILE A CB   1 
ATOM   876  C CG1  . ILE A 1 112 ? -12.787 -9.004  -11.395 1.00 34.67 ? 281 ILE A CG1  1 
ATOM   877  C CG2  . ILE A 1 112 ? -14.231 -10.602 -10.117 1.00 32.28 ? 281 ILE A CG2  1 
ATOM   878  C CD1  . ILE A 1 112 ? -13.533 -7.751  -10.977 1.00 39.24 ? 281 ILE A CD1  1 
ATOM   879  N N    . ASN A 1 113 ? -11.201 -11.589 -13.840 1.00 37.94 ? 282 ASN A N    1 
ATOM   880  C CA   . ASN A 1 113 ? -10.639 -11.395 -15.177 1.00 43.60 ? 282 ASN A CA   1 
ATOM   881  C C    . ASN A 1 113 ? -10.573 -9.911  -15.539 1.00 44.98 ? 282 ASN A C    1 
ATOM   882  O O    . ASN A 1 113 ? -10.969 -9.487  -16.628 1.00 41.18 ? 282 ASN A O    1 
ATOM   883  C CB   . ASN A 1 113 ? -11.431 -12.184 -16.221 1.00 52.24 ? 282 ASN A CB   1 
ATOM   884  C CG   . ASN A 1 113 ? -11.441 -13.675 -15.935 1.00 49.07 ? 282 ASN A CG   1 
ATOM   885  O OD1  . ASN A 1 113 ? -12.500 -14.299 -15.867 1.00 61.26 ? 282 ASN A OD1  1 
ATOM   886  N ND2  . ASN A 1 113 ? -10.257 -14.253 -15.758 1.00 56.70 ? 282 ASN A ND2  1 
ATOM   887  N N    . GLN A 1 114 ? -10.061 -9.118  -14.602 1.00 40.11 ? 283 GLN A N    1 
ATOM   888  C CA   . GLN A 1 114 ? -9.795  -7.699  -14.801 1.00 35.03 ? 283 GLN A CA   1 
ATOM   889  C C    . GLN A 1 114 ? -8.356  -7.372  -14.421 1.00 37.78 ? 283 GLN A C    1 
ATOM   890  O O    . GLN A 1 114 ? -8.075  -6.349  -13.789 1.00 33.81 ? 283 GLN A O    1 
ATOM   891  C CB   . GLN A 1 114 ? -10.777 -6.840  -14.005 1.00 40.27 ? 283 GLN A CB   1 
ATOM   892  C CG   . GLN A 1 114 ? -12.216 -6.909  -14.503 1.00 43.64 ? 283 GLN A CG   1 
ATOM   893  C CD   . GLN A 1 114 ? -12.420 -6.190  -15.826 1.00 38.36 ? 283 GLN A CD   1 
ATOM   894  O OE1  . GLN A 1 114 ? -11.552 -5.446  -16.285 1.00 42.32 ? 283 GLN A OE1  1 
ATOM   895  N NE2  . GLN A 1 114 ? -13.576 -6.409  -16.444 1.00 53.21 ? 283 GLN A NE2  1 
ATOM   896  N N    . GLU A 1 115 ? -7.423  -8.251  -14.802 1.00 32.03 ? 284 GLU A N    1 
ATOM   897  C CA   . GLU A 1 115 ? -6.017  -8.028  -14.481 1.00 28.52 ? 284 GLU A CA   1 
ATOM   898  C C    . GLU A 1 115 ? -5.503  -6.725  -15.076 1.00 34.79 ? 284 GLU A C    1 
ATOM   899  O O    . GLU A 1 115 ? -4.547  -6.139  -14.553 1.00 30.12 ? 284 GLU A O    1 
ATOM   900  C CB   . GLU A 1 115 ? -5.169  -9.204  -14.972 1.00 26.28 ? 284 GLU A CB   1 
ATOM   901  C CG   . GLU A 1 115 ? -5.407  -10.505 -14.216 1.00 35.92 ? 284 GLU A CG   1 
ATOM   902  C CD   . GLU A 1 115 ? -4.391  -11.580 -14.566 1.00 51.71 ? 284 GLU A CD   1 
ATOM   903  O OE1  . GLU A 1 115 ? -4.754  -12.776 -14.551 1.00 50.73 ? 284 GLU A OE1  1 
ATOM   904  O OE2  . GLU A 1 115 ? -3.228  -11.230 -14.860 1.00 35.57 ? 284 GLU A OE2  1 
ATOM   905  N N    . SER A 1 116 ? -6.122  -6.253  -16.161 1.00 28.07 ? 285 SER A N    1 
ATOM   906  C CA   . SER A 1 116 ? -5.672  -5.022  -16.800 1.00 34.55 ? 285 SER A CA   1 
ATOM   907  C C    . SER A 1 116 ? -5.832  -3.806  -15.899 1.00 23.43 ? 285 SER A C    1 
ATOM   908  O O    . SER A 1 116 ? -5.229  -2.764  -16.177 1.00 29.23 ? 285 SER A O    1 
ATOM   909  C CB   . SER A 1 116 ? -6.433  -4.804  -18.109 1.00 34.47 ? 285 SER A CB   1 
ATOM   910  O OG   . SER A 1 116 ? -7.834  -4.785  -17.885 1.00 41.38 ? 285 SER A OG   1 
ATOM   911  N N    . CYS A 1 117 ? -6.629  -3.906  -14.836 1.00 31.84 ? 286 CYS A N    1 
ATOM   912  C CA   . CYS A 1 117 ? -6.836  -2.788  -13.926 1.00 32.43 ? 286 CYS A CA   1 
ATOM   913  C C    . CYS A 1 117 ? -5.815  -2.733  -12.796 1.00 30.95 ? 286 CYS A C    1 
ATOM   914  O O    . CYS A 1 117 ? -5.761  -1.724  -12.086 1.00 29.91 ? 286 CYS A O    1 
ATOM   915  C CB   . CYS A 1 117 ? -8.247  -2.847  -13.333 1.00 37.80 ? 286 CYS A CB   1 
ATOM   916  S SG   . CYS A 1 117 ? -9.563  -2.678  -14.561 1.00 39.88 ? 286 CYS A SG   1 
ATOM   917  N N    . ILE A 1 118 ? -5.008  -3.780  -12.619 1.00 30.22 ? 287 ILE A N    1 
ATOM   918  C CA   . ILE A 1 118 ? -4.038  -3.795  -11.527 1.00 32.37 ? 287 ILE A CA   1 
ATOM   919  C C    . ILE A 1 118 ? -3.004  -2.691  -11.711 1.00 33.48 ? 287 ILE A C    1 
ATOM   920  O O    . ILE A 1 118 ? -2.680  -1.962  -10.765 1.00 32.19 ? 287 ILE A O    1 
ATOM   921  C CB   . ILE A 1 118 ? -3.382  -5.182  -11.423 1.00 32.21 ? 287 ILE A CB   1 
ATOM   922  C CG1  . ILE A 1 118 ? -4.442  -6.246  -11.126 1.00 29.71 ? 287 ILE A CG1  1 
ATOM   923  C CG2  . ILE A 1 118 ? -2.301  -5.182  -10.353 1.00 31.04 ? 287 ILE A CG2  1 
ATOM   924  C CD1  . ILE A 1 118 ? -3.908  -7.665  -11.114 1.00 23.12 ? 287 ILE A CD1  1 
ATOM   925  N N    . GLU A 1 119 ? -2.469  -2.546  -12.924 1.00 35.75 ? 288 GLU A N    1 
ATOM   926  C CA   . GLU A 1 119 ? -1.512  -1.473  -13.186 1.00 32.87 ? 288 GLU A CA   1 
ATOM   927  C C    . GLU A 1 119 ? -2.115  -0.096  -12.952 1.00 34.82 ? 288 GLU A C    1 
ATOM   928  O O    . GLU A 1 119 ? -1.463  0.739   -12.302 1.00 28.81 ? 288 GLU A O    1 
ATOM   929  C CB   . GLU A 1 119 ? -0.964  -1.607  -14.609 1.00 40.93 ? 288 GLU A CB   1 
ATOM   930  C CG   . GLU A 1 119 ? -0.044  -0.467  -15.028 1.00 48.35 ? 288 GLU A CG   1 
ATOM   931  C CD   . GLU A 1 119 ? 1.158   -0.317  -14.111 1.00 73.31 ? 288 GLU A CD   1 
ATOM   932  O OE1  . GLU A 1 119 ? 1.768   0.777   -14.099 1.00 65.53 ? 288 GLU A OE1  1 
ATOM   933  O OE2  . GLU A 1 119 ? 1.494   -1.290  -13.400 1.00 67.52 ? 288 GLU A OE2  1 
ATOM   934  N N    . PRO A 1 120 ? -3.316  0.217   -13.446 1.00 33.07 ? 289 PRO A N    1 
ATOM   935  C CA   . PRO A 1 120 ? -3.938  1.497   -13.066 1.00 30.37 ? 289 PRO A CA   1 
ATOM   936  C C    . PRO A 1 120 ? -4.108  1.641   -11.565 1.00 25.01 ? 289 PRO A C    1 
ATOM   937  O O    . PRO A 1 120 ? -3.930  2.739   -11.020 1.00 32.54 ? 289 PRO A O    1 
ATOM   938  C CB   . PRO A 1 120 ? -5.290  1.455   -13.793 1.00 28.27 ? 289 PRO A CB   1 
ATOM   939  C CG   . PRO A 1 120 ? -5.077  0.520   -14.932 1.00 44.90 ? 289 PRO A CG   1 
ATOM   940  C CD   . PRO A 1 120 ? -4.131  -0.526  -14.421 1.00 36.19 ? 289 PRO A CD   1 
ATOM   941  N N    . LEU A 1 121 ? -4.447  0.551   -10.877 1.00 24.67 ? 290 LEU A N    1 
ATOM   942  C CA   . LEU A 1 121 ? -4.629  0.605   -9.432  1.00 25.91 ? 290 LEU A CA   1 
ATOM   943  C C    . LEU A 1 121 ? -3.332  0.985   -8.728  1.00 24.55 ? 290 LEU A C    1 
ATOM   944  O O    . LEU A 1 121 ? -3.319  1.864   -7.857  1.00 25.90 ? 290 LEU A O    1 
ATOM   945  C CB   . LEU A 1 121 ? -5.149  -0.741  -8.927  1.00 26.16 ? 290 LEU A CB   1 
ATOM   946  C CG   . LEU A 1 121 ? -5.334  -0.866  -7.417  1.00 26.59 ? 290 LEU A CG   1 
ATOM   947  C CD1  . LEU A 1 121 ? -6.348  0.152   -6.921  1.00 24.73 ? 290 LEU A CD1  1 
ATOM   948  C CD2  . LEU A 1 121 ? -5.755  -2.277  -7.051  1.00 20.14 ? 290 LEU A CD2  1 
ATOM   949  N N    . ALA A 1 122 ? -2.224  0.334   -9.092  1.00 20.96 ? 291 ALA A N    1 
ATOM   950  C CA   . ALA A 1 122 ? -0.940  0.671   -8.487  1.00 22.98 ? 291 ALA A CA   1 
ATOM   951  C C    . ALA A 1 122 ? -0.560  2.121   -8.758  1.00 20.65 ? 291 ALA A C    1 
ATOM   952  O O    . ALA A 1 122 ? -0.020  2.804   -7.880  1.00 19.07 ? 291 ALA A O    1 
ATOM   953  C CB   . ALA A 1 122 ? 0.150   -0.270  -9.003  1.00 19.38 ? 291 ALA A CB   1 
ATOM   954  N N    . GLU A 1 123 ? -0.828  2.610   -9.970  1.00 24.92 ? 292 GLU A N    1 
ATOM   955  C CA   . GLU A 1 123 ? -0.503  3.998   -10.291 1.00 24.29 ? 292 GLU A CA   1 
ATOM   956  C C    . GLU A 1 123 ? -1.325  4.970   -9.452  1.00 24.02 ? 292 GLU A C    1 
ATOM   957  O O    . GLU A 1 123 ? -0.807  5.996   -8.999  1.00 23.47 ? 292 GLU A O    1 
ATOM   958  C CB   . GLU A 1 123 ? -0.724  4.260   -11.777 1.00 29.87 ? 292 GLU A CB   1 
ATOM   959  C CG   . GLU A 1 123 ? 0.138   3.410   -12.684 1.00 37.10 ? 292 GLU A CG   1 
ATOM   960  C CD   . GLU A 1 123 ? -0.067  3.738   -14.147 1.00 65.20 ? 292 GLU A CD   1 
ATOM   961  O OE1  . GLU A 1 123 ? -1.096  4.369   -14.474 1.00 65.52 ? 292 GLU A OE1  1 
ATOM   962  O OE2  . GLU A 1 123 ? 0.802   3.372   -14.970 1.00 63.16 ? 292 GLU A OE2  1 
ATOM   963  N N    . SER A 1 124 ? -2.611  4.675   -9.248  1.00 20.54 ? 293 SER A N    1 
ATOM   964  C CA   . SER A 1 124 ? -3.438  5.545   -8.416  1.00 28.12 ? 293 SER A CA   1 
ATOM   965  C C    . SER A 1 124 ? -2.885  5.631   -6.999  1.00 23.40 ? 293 SER A C    1 
ATOM   966  O O    . SER A 1 124 ? -2.695  6.728   -6.460  1.00 25.02 ? 293 SER A O    1 
ATOM   967  C CB   . SER A 1 124 ? -4.884  5.044   -8.404  1.00 32.17 ? 293 SER A CB   1 
ATOM   968  O OG   . SER A 1 124 ? -5.482  5.197   -9.677  1.00 38.89 ? 293 SER A OG   1 
ATOM   969  N N    . ILE A 1 125 ? -2.616  4.479   -6.377  1.00 19.38 ? 294 ILE A N    1 
ATOM   970  C CA   . ILE A 1 125 ? -2.071  4.483   -5.022  1.00 20.87 ? 294 ILE A CA   1 
ATOM   971  C C    . ILE A 1 125 ? -0.784  5.298   -4.975  1.00 24.56 ? 294 ILE A C    1 
ATOM   972  O O    . ILE A 1 125 ? -0.594  6.150   -4.098  1.00 24.23 ? 294 ILE A O    1 
ATOM   973  C CB   . ILE A 1 125 ? -1.846  3.045   -4.522  1.00 21.91 ? 294 ILE A CB   1 
ATOM   974  C CG1  . ILE A 1 125 ? -3.177  2.292   -4.435  1.00 22.48 ? 294 ILE A CG1  1 
ATOM   975  C CG2  . ILE A 1 125 ? -1.151  3.061   -3.168  1.00 20.38 ? 294 ILE A CG2  1 
ATOM   976  C CD1  . ILE A 1 125 ? -3.035  0.845   -3.993  1.00 24.54 ? 294 ILE A CD1  1 
ATOM   977  N N    . THR A 1 126 ? 0.121   5.051   -5.924  1.00 20.80 ? 295 THR A N    1 
ATOM   978  C CA   . THR A 1 126 ? 1.370   5.800   -5.957  1.00 22.84 ? 295 THR A CA   1 
ATOM   979  C C    . THR A 1 126 ? 1.105   7.294   -6.124  1.00 29.25 ? 295 THR A C    1 
ATOM   980  O O    . THR A 1 126 ? 1.747   8.124   -5.468  1.00 19.45 ? 295 THR A O    1 
ATOM   981  C CB   . THR A 1 126 ? 2.267   5.279   -7.081  1.00 22.54 ? 295 THR A CB   1 
ATOM   982  O OG1  . THR A 1 126 ? 2.421   3.859   -6.954  1.00 24.07 ? 295 THR A OG1  1 
ATOM   983  C CG2  . THR A 1 126 ? 3.633   5.930   -7.006  1.00 19.20 ? 295 THR A CG2  1 
ATOM   984  N N    . ASP A 1 127 ? 0.154   7.655   -6.991  1.00 25.54 ? 296 ASP A N    1 
ATOM   985  C CA   . ASP A 1 127 ? -0.199  9.064   -7.159  1.00 29.73 ? 296 ASP A CA   1 
ATOM   986  C C    . ASP A 1 127 ? -0.600  9.690   -5.828  1.00 32.68 ? 296 ASP A C    1 
ATOM   987  O O    . ASP A 1 127 ? -0.065  10.734  -5.431  1.00 25.92 ? 296 ASP A O    1 
ATOM   988  C CB   . ASP A 1 127 ? -1.330  9.210   -8.182  1.00 37.79 ? 296 ASP A CB   1 
ATOM   989  C CG   . ASP A 1 127 ? -0.883  8.898   -9.608  1.00 43.47 ? 296 ASP A CG   1 
ATOM   990  O OD1  . ASP A 1 127 ? 0.332   8.980   -9.892  1.00 47.91 ? 296 ASP A OD1  1 
ATOM   991  O OD2  . ASP A 1 127 ? -1.749  8.581   -10.452 1.00 64.08 ? 296 ASP A OD2  1 
ATOM   992  N N    . VAL A 1 128 ? -1.541  9.063   -5.118  1.00 27.41 ? 297 VAL A N    1 
ATOM   993  C CA   . VAL A 1 128 ? -2.000  9.608   -3.843  1.00 23.66 ? 297 VAL A CA   1 
ATOM   994  C C    . VAL A 1 128 ? -0.826  9.825   -2.901  1.00 30.76 ? 297 VAL A C    1 
ATOM   995  O O    . VAL A 1 128 ? -0.714  10.867  -2.244  1.00 36.89 ? 297 VAL A O    1 
ATOM   996  C CB   . VAL A 1 128 ? -3.056  8.686   -3.211  1.00 33.13 ? 297 VAL A CB   1 
ATOM   997  C CG1  . VAL A 1 128 ? -3.314  9.105   -1.774  1.00 30.34 ? 297 VAL A CG1  1 
ATOM   998  C CG2  . VAL A 1 128 ? -4.335  8.718   -4.027  1.00 29.52 ? 297 VAL A CG2  1 
ATOM   999  N N    . LEU A 1 129 ? 0.064   8.836   -2.809  1.00 23.94 ? 298 LEU A N    1 
ATOM   1000 C CA   . LEU A 1 129 ? 1.172   8.938   -1.867  1.00 21.94 ? 298 LEU A CA   1 
ATOM   1001 C C    . LEU A 1 129 ? 2.163   10.011  -2.294  1.00 23.96 ? 298 LEU A C    1 
ATOM   1002 O O    . LEU A 1 129 ? 2.488   10.914  -1.516  1.00 23.92 ? 298 LEU A O    1 
ATOM   1003 C CB   . LEU A 1 129 ? 1.873   7.584   -1.724  1.00 24.56 ? 298 LEU A CB   1 
ATOM   1004 C CG   . LEU A 1 129 ? 1.102   6.452   -1.032  1.00 37.59 ? 298 LEU A CG   1 
ATOM   1005 C CD1  . LEU A 1 129 ? 1.962   5.199   -0.908  1.00 30.08 ? 298 LEU A CD1  1 
ATOM   1006 C CD2  . LEU A 1 129 ? 0.582   6.889   0.337   1.00 43.48 ? 298 LEU A CD2  1 
ATOM   1007 N N    . VAL A 1 130 ? 2.656   9.932   -3.531  1.00 20.92 ? 299 VAL A N    1 
ATOM   1008 C CA   . VAL A 1 130 ? 3.781   10.771  -3.936  1.00 25.93 ? 299 VAL A CA   1 
ATOM   1009 C C    . VAL A 1 130 ? 3.342   12.188  -4.286  1.00 26.74 ? 299 VAL A C    1 
ATOM   1010 O O    . VAL A 1 130 ? 4.095   13.144  -4.059  1.00 25.89 ? 299 VAL A O    1 
ATOM   1011 C CB   . VAL A 1 130 ? 4.533   10.133  -5.119  1.00 21.97 ? 299 VAL A CB   1 
ATOM   1012 C CG1  . VAL A 1 130 ? 5.638   11.065  -5.618  1.00 21.82 ? 299 VAL A CG1  1 
ATOM   1013 C CG2  . VAL A 1 130 ? 5.114   8.786   -4.719  1.00 22.76 ? 299 VAL A CG2  1 
ATOM   1014 N N    . ARG A 1 131 ? 2.145   12.360  -4.842  1.00 26.06 ? 300 ARG A N    1 
ATOM   1015 C CA   . ARG A 1 131 ? 1.751   13.678  -5.318  1.00 35.44 ? 300 ARG A CA   1 
ATOM   1016 C C    . ARG A 1 131 ? 1.068   14.534  -4.261  1.00 30.68 ? 300 ARG A C    1 
ATOM   1017 O O    . ARG A 1 131 ? 1.058   15.761  -4.401  1.00 36.41 ? 300 ARG A O    1 
ATOM   1018 C CB   . ARG A 1 131 ? 0.850   13.547  -6.550  1.00 28.22 ? 300 ARG A CB   1 
ATOM   1019 C CG   . ARG A 1 131 ? 1.640   13.543  -7.854  1.00 40.44 ? 300 ARG A CG   1 
ATOM   1020 C CD   . ARG A 1 131 ? 1.239   12.387  -8.743  1.00 42.14 ? 300 ARG A CD   1 
ATOM   1021 N NE   . ARG A 1 131 ? 2.193   12.201  -9.833  1.00 50.55 ? 300 ARG A NE   1 
ATOM   1022 C CZ   . ARG A 1 131 ? 1.949   11.496  -10.934 1.00 46.67 ? 300 ARG A CZ   1 
ATOM   1023 N NH1  . ARG A 1 131 ? 0.772   10.911  -11.110 1.00 42.34 ? 300 ARG A NH1  1 
ATOM   1024 N NH2  . ARG A 1 131 ? 2.884   11.385  -11.869 1.00 55.04 ? 300 ARG A NH2  1 
ATOM   1025 N N    . THR A 1 132 ? 0.511   13.940  -3.204  1.00 26.64 ? 301 THR A N    1 
ATOM   1026 C CA   . THR A 1 132 ? -0.105  14.724  -2.142  1.00 28.46 ? 301 THR A CA   1 
ATOM   1027 C C    . THR A 1 132 ? 0.654   14.679  -0.821  1.00 25.97 ? 301 THR A C    1 
ATOM   1028 O O    . THR A 1 132 ? 0.360   15.489  0.065   1.00 29.55 ? 301 THR A O    1 
ATOM   1029 C CB   . THR A 1 132 ? -1.555  14.267  -1.904  1.00 25.98 ? 301 THR A CB   1 
ATOM   1030 O OG1  . THR A 1 132 ? -1.566  13.052  -1.148  1.00 25.38 ? 301 THR A OG1  1 
ATOM   1031 C CG2  . THR A 1 132 ? -2.267  14.034  -3.226  1.00 28.89 ? 301 THR A CG2  1 
ATOM   1032 N N    . LYS A 1 133 ? 1.621   13.773  -0.661  1.00 24.24 ? 302 LYS A N    1 
ATOM   1033 C CA   . LYS A 1 133 ? 2.385   13.657  0.577   1.00 21.44 ? 302 LYS A CA   1 
ATOM   1034 C C    . LYS A 1 133 ? 3.889   13.647  0.316   1.00 27.82 ? 302 LYS A C    1 
ATOM   1035 O O    . LYS A 1 133 ? 4.656   13.083  1.100   1.00 23.46 ? 302 LYS A O    1 
ATOM   1036 C CB   . LYS A 1 133 ? 1.965   12.410  1.355   1.00 33.20 ? 302 LYS A CB   1 
ATOM   1037 C CG   . LYS A 1 133 ? 0.623   12.552  2.054   1.00 24.77 ? 302 LYS A CG   1 
ATOM   1038 C CD   . LYS A 1 133 ? 0.676   13.680  3.063   1.00 23.97 ? 302 LYS A CD   1 
ATOM   1039 C CE   . LYS A 1 133 ? -0.662  13.885  3.742   1.00 35.65 ? 302 LYS A CE   1 
ATOM   1040 N NZ   . LYS A 1 133 ? -0.555  14.913  4.813   1.00 44.91 ? 302 LYS A NZ   1 
ATOM   1041 N N    . ARG A 1 134 ? 4.328   14.286  -0.770  1.00 29.86 ? 303 ARG A N    1 
ATOM   1042 C CA   . ARG A 1 134 ? 5.742   14.243  -1.133  1.00 29.81 ? 303 ARG A CA   1 
ATOM   1043 C C    . ARG A 1 134 ? 6.625   14.802  -0.023  1.00 28.84 ? 303 ARG A C    1 
ATOM   1044 O O    . ARG A 1 134 ? 7.679   14.232  0.286   1.00 33.81 ? 303 ARG A O    1 
ATOM   1045 C CB   . ARG A 1 134 ? 5.970   15.006  -2.438  1.00 27.40 ? 303 ARG A CB   1 
ATOM   1046 C CG   . ARG A 1 134 ? 7.363   14.832  -3.019  1.00 29.59 ? 303 ARG A CG   1 
ATOM   1047 C CD   . ARG A 1 134 ? 7.485   15.532  -4.366  1.00 47.70 ? 303 ARG A CD   1 
ATOM   1048 N NE   . ARG A 1 134 ? 6.487   15.049  -5.324  1.00 40.26 ? 303 ARG A NE   1 
ATOM   1049 C CZ   . ARG A 1 134 ? 6.744   14.174  -6.291  1.00 40.74 ? 303 ARG A CZ   1 
ATOM   1050 N NH1  . ARG A 1 134 ? 7.973   13.691  -6.431  1.00 19.58 ? 303 ARG A NH1  1 
ATOM   1051 N NH2  . ARG A 1 134 ? 5.777   13.792  -7.118  1.00 41.07 ? 303 ARG A NH2  1 
ATOM   1052 N N    . ASP A 1 135 ? 6.213   15.914  0.593   1.00 26.74 ? 304 ASP A N    1 
ATOM   1053 C CA   . ASP A 1 135 ? 7.034   16.526  1.634   1.00 28.50 ? 304 ASP A CA   1 
ATOM   1054 C C    . ASP A 1 135 ? 7.225   15.585  2.817   1.00 28.79 ? 304 ASP A C    1 
ATOM   1055 O O    . ASP A 1 135 ? 8.328   15.476  3.363   1.00 27.87 ? 304 ASP A O    1 
ATOM   1056 C CB   . ASP A 1 135 ? 6.406   17.841  2.101   1.00 38.97 ? 304 ASP A CB   1 
ATOM   1057 C CG   . ASP A 1 135 ? 5.725   18.599  0.977   1.00 64.87 ? 304 ASP A CG   1 
ATOM   1058 O OD1  . ASP A 1 135 ? 6.198   18.519  -0.177  1.00 54.62 ? 304 ASP A OD1  1 
ATOM   1059 O OD2  . ASP A 1 135 ? 4.706   19.272  1.250   1.00 67.89 ? 304 ASP A OD2  1 
ATOM   1060 N N    . TRP A 1 136 ? 6.156   14.900  3.236   1.00 21.29 ? 305 TRP A N    1 
ATOM   1061 C CA   . TRP A 1 136 ? 6.265   13.986  4.368   1.00 23.51 ? 305 TRP A CA   1 
ATOM   1062 C C    . TRP A 1 136 ? 7.189   12.823  4.039   1.00 21.18 ? 305 TRP A C    1 
ATOM   1063 O O    . TRP A 1 136 ? 8.044   12.448  4.852   1.00 21.81 ? 305 TRP A O    1 
ATOM   1064 C CB   . TRP A 1 136 ? 4.879   13.473  4.767   1.00 21.04 ? 305 TRP A CB   1 
ATOM   1065 C CG   . TRP A 1 136 ? 4.862   12.678  6.041   1.00 24.21 ? 305 TRP A CG   1 
ATOM   1066 C CD1  . TRP A 1 136 ? 4.664   13.158  7.304   1.00 16.99 ? 305 TRP A CD1  1 
ATOM   1067 C CD2  . TRP A 1 136 ? 5.038   11.262  6.174   1.00 24.77 ? 305 TRP A CD2  1 
ATOM   1068 N NE1  . TRP A 1 136 ? 4.711   12.130  8.214   1.00 22.27 ? 305 TRP A NE1  1 
ATOM   1069 C CE2  . TRP A 1 136 ? 4.938   10.956  7.547   1.00 22.80 ? 305 TRP A CE2  1 
ATOM   1070 C CE3  . TRP A 1 136 ? 5.272   10.223  5.266   1.00 17.63 ? 305 TRP A CE3  1 
ATOM   1071 C CZ2  . TRP A 1 136 ? 5.062   9.657   8.032   1.00 25.87 ? 305 TRP A CZ2  1 
ATOM   1072 C CZ3  . TRP A 1 136 ? 5.397   8.935   5.752   1.00 18.51 ? 305 TRP A CZ3  1 
ATOM   1073 C CH2  . TRP A 1 136 ? 5.292   8.663   7.121   1.00 18.80 ? 305 TRP A CH2  1 
ATOM   1074 N N    . LEU A 1 137 ? 7.032   12.241  2.847   1.00 21.50 ? 306 LEU A N    1 
ATOM   1075 C CA   . LEU A 1 137 ? 7.911   11.154  2.429   1.00 28.07 ? 306 LEU A CA   1 
ATOM   1076 C C    . LEU A 1 137 ? 9.367   11.596  2.435   1.00 25.96 ? 306 LEU A C    1 
ATOM   1077 O O    . LEU A 1 137 ? 10.244  10.866  2.911   1.00 25.83 ? 306 LEU A O    1 
ATOM   1078 C CB   . LEU A 1 137 ? 7.508   10.654  1.043   1.00 15.94 ? 306 LEU A CB   1 
ATOM   1079 C CG   . LEU A 1 137 ? 6.162   9.939   0.975   1.00 24.79 ? 306 LEU A CG   1 
ATOM   1080 C CD1  . LEU A 1 137 ? 5.753   9.692   -0.465  1.00 18.36 ? 306 LEU A CD1  1 
ATOM   1081 C CD2  . LEU A 1 137 ? 6.227   8.632   1.754   1.00 25.39 ? 306 LEU A CD2  1 
ATOM   1082 N N    . VAL A 1 138 ? 9.645   12.791  1.912   1.00 28.37 ? 307 VAL A N    1 
ATOM   1083 C CA   . VAL A 1 138 ? 11.019  13.283  1.894   1.00 25.01 ? 307 VAL A CA   1 
ATOM   1084 C C    . VAL A 1 138 ? 11.571  13.369  3.311   1.00 27.33 ? 307 VAL A C    1 
ATOM   1085 O O    . VAL A 1 138 ? 12.707  12.960  3.580   1.00 31.47 ? 307 VAL A O    1 
ATOM   1086 C CB   . VAL A 1 138 ? 11.098  14.642  1.178   1.00 27.72 ? 307 VAL A CB   1 
ATOM   1087 C CG1  . VAL A 1 138 ? 12.462  15.262  1.391   1.00 29.83 ? 307 VAL A CG1  1 
ATOM   1088 C CG2  . VAL A 1 138 ? 10.826  14.472  -0.309  1.00 28.32 ? 307 VAL A CG2  1 
ATOM   1089 N N    . LYS A 1 139 ? 10.772  13.897  4.242   1.00 28.18 ? 308 LYS A N    1 
ATOM   1090 C CA   . LYS A 1 139 ? 11.252  14.063  5.610   1.00 23.56 ? 308 LYS A CA   1 
ATOM   1091 C C    . LYS A 1 139 ? 11.571  12.727  6.268   1.00 33.20 ? 308 LYS A C    1 
ATOM   1092 O O    . LYS A 1 139 ? 12.436  12.662  7.151   1.00 31.57 ? 308 LYS A O    1 
ATOM   1093 C CB   . LYS A 1 139 ? 10.228  14.820  6.449   1.00 29.59 ? 308 LYS A CB   1 
ATOM   1094 C CG   . LYS A 1 139 ? 10.582  14.844  7.923   1.00 33.92 ? 308 LYS A CG   1 
ATOM   1095 C CD   . LYS A 1 139 ? 9.489   15.492  8.752   1.00 47.75 ? 308 LYS A CD   1 
ATOM   1096 C CE   . LYS A 1 139 ? 9.385   16.983  8.478   1.00 51.44 ? 308 LYS A CE   1 
ATOM   1097 N NZ   . LYS A 1 139 ? 8.369   17.626  9.366   1.00 70.26 ? 308 LYS A NZ   1 
ATOM   1098 N N    . GLN A 1 140 ? 10.884  11.657  5.870   1.00 28.16 ? 309 GLN A N    1 
ATOM   1099 C CA   . GLN A 1 140 ? 11.161  10.331  6.408   1.00 28.03 ? 309 GLN A CA   1 
ATOM   1100 C C    . GLN A 1 140 ? 12.342  9.654   5.730   1.00 27.30 ? 309 GLN A C    1 
ATOM   1101 O O    . GLN A 1 140 ? 12.709  8.543   6.127   1.00 33.46 ? 309 GLN A O    1 
ATOM   1102 C CB   . GLN A 1 140 ? 9.929   9.432   6.275   1.00 24.88 ? 309 GLN A CB   1 
ATOM   1103 C CG   . GLN A 1 140 ? 8.624   10.098  6.658   1.00 23.61 ? 309 GLN A CG   1 
ATOM   1104 C CD   . GLN A 1 140 ? 8.664   10.692  8.046   1.00 32.40 ? 309 GLN A CD   1 
ATOM   1105 O OE1  . GLN A 1 140 ? 9.108   10.048  8.999   1.00 27.41 ? 309 GLN A OE1  1 
ATOM   1106 N NE2  . GLN A 1 140 ? 8.210   11.933  8.169   1.00 38.77 ? 309 GLN A NE2  1 
ATOM   1107 N N    . ARG A 1 141 ? 12.944  10.292  4.727   1.00 22.81 ? 310 ARG A N    1 
ATOM   1108 C CA   . ARG A 1 141 ? 13.940  9.655   3.873   1.00 23.48 ? 310 ARG A CA   1 
ATOM   1109 C C    . ARG A 1 141 ? 13.309  8.584   2.989   1.00 27.60 ? 310 ARG A C    1 
ATOM   1110 O O    . ARG A 1 141 ? 13.918  7.543   2.725   1.00 19.84 ? 310 ARG A O    1 
ATOM   1111 C CB   . ARG A 1 141 ? 15.092  9.070   4.695   1.00 32.13 ? 310 ARG A CB   1 
ATOM   1112 C CG   . ARG A 1 141 ? 15.741  10.077  5.633   1.00 31.31 ? 310 ARG A CG   1 
ATOM   1113 C CD   . ARG A 1 141 ? 16.365  11.231  4.864   1.00 32.42 ? 310 ARG A CD   1 
ATOM   1114 N NE   . ARG A 1 141 ? 16.681  12.362  5.732   1.00 54.42 ? 310 ARG A NE   1 
ATOM   1115 C CZ   . ARG A 1 141 ? 15.916  13.442  5.865   1.00 59.13 ? 310 ARG A CZ   1 
ATOM   1116 N NH1  . ARG A 1 141 ? 14.784  13.550  5.178   1.00 46.92 ? 310 ARG A NH1  1 
ATOM   1117 N NH2  . ARG A 1 141 ? 16.282  14.419  6.683   1.00 69.04 ? 310 ARG A NH2  1 
ATOM   1118 N N    . GLY A 1 142 ? 12.078  8.830   2.547   1.00 26.77 ? 311 GLY A N    1 
ATOM   1119 C CA   . GLY A 1 142 ? 11.423  7.942   1.603   1.00 23.17 ? 311 GLY A CA   1 
ATOM   1120 C C    . GLY A 1 142 ? 11.327  6.523   2.119   1.00 20.69 ? 311 GLY A C    1 
ATOM   1121 O O    . GLY A 1 142 ? 11.050  6.274   3.297   1.00 19.08 ? 311 GLY A O    1 
ATOM   1122 N N    . TRP A 1 143 ? 11.568  5.569   1.218   1.00 19.48 ? 312 TRP A N    1 
ATOM   1123 C CA   . TRP A 1 143 ? 11.398  4.161   1.546   1.00 15.23 ? 312 TRP A CA   1 
ATOM   1124 C C    . TRP A 1 143 ? 12.452  3.644   2.514   1.00 17.55 ? 312 TRP A C    1 
ATOM   1125 O O    . TRP A 1 143 ? 12.261  2.569   3.091   1.00 21.69 ? 312 TRP A O    1 
ATOM   1126 C CB   . TRP A 1 143 ? 11.382  3.345   0.253   1.00 17.46 ? 312 TRP A CB   1 
ATOM   1127 C CG   . TRP A 1 143 ? 10.162  3.647   -0.552  1.00 20.30 ? 312 TRP A CG   1 
ATOM   1128 C CD1  . TRP A 1 143 ? 10.072  4.470   -1.639  1.00 20.57 ? 312 TRP A CD1  1 
ATOM   1129 C CD2  . TRP A 1 143 ? 8.837   3.172   -0.296  1.00 22.53 ? 312 TRP A CD2  1 
ATOM   1130 N NE1  . TRP A 1 143 ? 8.774   4.516   -2.089  1.00 21.45 ? 312 TRP A NE1  1 
ATOM   1131 C CE2  . TRP A 1 143 ? 7.997   3.726   -1.283  1.00 23.50 ? 312 TRP A CE2  1 
ATOM   1132 C CE3  . TRP A 1 143 ? 8.281   2.320   0.663   1.00 23.00 ? 312 TRP A CE3  1 
ATOM   1133 C CZ2  . TRP A 1 143 ? 6.630   3.457   -1.334  1.00 23.24 ? 312 TRP A CZ2  1 
ATOM   1134 C CZ3  . TRP A 1 143 ? 6.924   2.054   0.609   1.00 21.62 ? 312 TRP A CZ3  1 
ATOM   1135 C CH2  . TRP A 1 143 ? 6.115   2.619   -0.382  1.00 20.03 ? 312 TRP A CH2  1 
ATOM   1136 N N    . ASP A 1 144 ? 13.548  4.380   2.719   1.00 18.86 ? 313 ASP A N    1 
ATOM   1137 C CA   . ASP A 1 144 ? 14.466  4.038   3.801   1.00 21.00 ? 313 ASP A CA   1 
ATOM   1138 C C    . ASP A 1 144 ? 13.795  4.204   5.159   1.00 18.37 ? 313 ASP A C    1 
ATOM   1139 O O    . ASP A 1 144 ? 13.930  3.341   6.033   1.00 21.75 ? 313 ASP A O    1 
ATOM   1140 C CB   . ASP A 1 144 ? 15.731  4.893   3.719   1.00 19.67 ? 313 ASP A CB   1 
ATOM   1141 C CG   . ASP A 1 144 ? 16.675  4.438   2.619   1.00 39.48 ? 313 ASP A CG   1 
ATOM   1142 O OD1  . ASP A 1 144 ? 16.976  3.225   2.546   1.00 31.60 ? 313 ASP A OD1  1 
ATOM   1143 O OD2  . ASP A 1 144 ? 17.120  5.294   1.823   1.00 36.25 ? 313 ASP A OD2  1 
ATOM   1144 N N    . GLY A 1 145 ? 13.066  5.306   5.355   1.00 20.38 ? 314 GLY A N    1 
ATOM   1145 C CA   . GLY A 1 145 ? 12.310  5.461   6.587   1.00 12.37 ? 314 GLY A CA   1 
ATOM   1146 C C    . GLY A 1 145 ? 11.281  4.362   6.769   1.00 15.37 ? 314 GLY A C    1 
ATOM   1147 O O    . GLY A 1 145 ? 11.079  3.861   7.877   1.00 18.32 ? 314 GLY A O    1 
ATOM   1148 N N    . PHE A 1 146 ? 10.627  3.967   5.676   1.00 15.87 ? 315 PHE A N    1 
ATOM   1149 C CA   . PHE A 1 146 ? 9.662   2.873   5.723   1.00 15.24 ? 315 PHE A CA   1 
ATOM   1150 C C    . PHE A 1 146 ? 10.318  1.584   6.209   1.00 17.85 ? 315 PHE A C    1 
ATOM   1151 O O    . PHE A 1 146 ? 9.775   0.883   7.070   1.00 17.24 ? 315 PHE A O    1 
ATOM   1152 C CB   . PHE A 1 146 ? 9.045   2.695   4.333   1.00 17.85 ? 315 PHE A CB   1 
ATOM   1153 C CG   . PHE A 1 146 ? 8.165   1.486   4.193   1.00 21.75 ? 315 PHE A CG   1 
ATOM   1154 C CD1  . PHE A 1 146 ? 6.832   1.535   4.564   1.00 18.15 ? 315 PHE A CD1  1 
ATOM   1155 C CD2  . PHE A 1 146 ? 8.664   0.311   3.657   1.00 17.71 ? 315 PHE A CD2  1 
ATOM   1156 C CE1  . PHE A 1 146 ? 6.019   0.426   4.422   1.00 20.81 ? 315 PHE A CE1  1 
ATOM   1157 C CE2  . PHE A 1 146 ? 7.855   -0.799  3.513   1.00 15.84 ? 315 PHE A CE2  1 
ATOM   1158 C CZ   . PHE A 1 146 ? 6.532   -0.743  3.896   1.00 23.91 ? 315 PHE A CZ   1 
ATOM   1159 N N    . VAL A 1 147 ? 11.496  1.261   5.670   1.00 14.91 ? 316 VAL A N    1 
ATOM   1160 C CA   . VAL A 1 147 ? 12.187  0.034   6.062   1.00 18.57 ? 316 VAL A CA   1 
ATOM   1161 C C    . VAL A 1 147 ? 12.581  0.090   7.534   1.00 19.10 ? 316 VAL A C    1 
ATOM   1162 O O    . VAL A 1 147 ? 12.408  -0.883  8.278   1.00 17.02 ? 316 VAL A O    1 
ATOM   1163 C CB   . VAL A 1 147 ? 13.412  -0.206  5.160   1.00 14.62 ? 316 VAL A CB   1 
ATOM   1164 C CG1  . VAL A 1 147 ? 14.214  -1.403  5.655   1.00 18.23 ? 316 VAL A CG1  1 
ATOM   1165 C CG2  . VAL A 1 147 ? 12.972  -0.419  3.726   1.00 12.83 ? 316 VAL A CG2  1 
ATOM   1166 N N    . GLU A 1 148 ? 13.113  1.232   7.977   1.00 18.88 ? 317 GLU A N    1 
ATOM   1167 C CA   . GLU A 1 148 ? 13.597  1.331   9.351   1.00 21.69 ? 317 GLU A CA   1 
ATOM   1168 C C    . GLU A 1 148 ? 12.449  1.297   10.354  1.00 22.22 ? 317 GLU A C    1 
ATOM   1169 O O    . GLU A 1 148 ? 12.568  0.677   11.418  1.00 20.96 ? 317 GLU A O    1 
ATOM   1170 C CB   . GLU A 1 148 ? 14.430  2.603   9.526   1.00 17.81 ? 317 GLU A CB   1 
ATOM   1171 C CG   . GLU A 1 148 ? 15.665  2.665   8.635   1.00 18.23 ? 317 GLU A CG   1 
ATOM   1172 C CD   . GLU A 1 148 ? 16.480  1.388   8.690   1.00 27.69 ? 317 GLU A CD   1 
ATOM   1173 O OE1  . GLU A 1 148 ? 16.504  0.651   7.680   1.00 31.12 ? 317 GLU A OE1  1 
ATOM   1174 O OE2  . GLU A 1 148 ? 17.082  1.112   9.749   1.00 26.26 ? 317 GLU A OE2  1 
ATOM   1175 N N    . PHE A 1 149 ? 11.332  1.956   10.043  1.00 19.86 ? 318 PHE A N    1 
ATOM   1176 C CA   . PHE A 1 149 ? 10.215  1.970   10.985  1.00 19.55 ? 318 PHE A CA   1 
ATOM   1177 C C    . PHE A 1 149 ? 9.716   0.559   11.270  1.00 22.17 ? 318 PHE A C    1 
ATOM   1178 O O    . PHE A 1 149 ? 9.504   0.182   12.430  1.00 22.45 ? 318 PHE A O    1 
ATOM   1179 C CB   . PHE A 1 149 ? 9.074   2.837   10.458  1.00 18.94 ? 318 PHE A CB   1 
ATOM   1180 C CG   . PHE A 1 149 ? 7.885   2.876   11.378  1.00 21.19 ? 318 PHE A CG   1 
ATOM   1181 C CD1  . PHE A 1 149 ? 7.875   3.721   12.479  1.00 22.33 ? 318 PHE A CD1  1 
ATOM   1182 C CD2  . PHE A 1 149 ? 6.793   2.055   11.159  1.00 16.76 ? 318 PHE A CD2  1 
ATOM   1183 C CE1  . PHE A 1 149 ? 6.787   3.760   13.338  1.00 21.56 ? 318 PHE A CE1  1 
ATOM   1184 C CE2  . PHE A 1 149 ? 5.703   2.086   12.013  1.00 29.09 ? 318 PHE A CE2  1 
ATOM   1185 C CZ   . PHE A 1 149 ? 5.700   2.940   13.105  1.00 18.80 ? 318 PHE A CZ   1 
ATOM   1186 N N    . PHE A 1 150 ? 9.512   -0.236  10.224  1.00 21.68 ? 319 PHE A N    1 
ATOM   1187 C CA   . PHE A 1 150 ? 8.975   -1.579  10.395  1.00 20.74 ? 319 PHE A CA   1 
ATOM   1188 C C    . PHE A 1 150 ? 10.036  -2.612  10.745  1.00 25.08 ? 319 PHE A C    1 
ATOM   1189 O O    . PHE A 1 150 ? 9.687   -3.770  10.994  1.00 30.91 ? 319 PHE A O    1 
ATOM   1190 C CB   . PHE A 1 150 ? 8.222   -2.005  9.134   1.00 19.76 ? 319 PHE A CB   1 
ATOM   1191 C CG   . PHE A 1 150 ? 6.940   -1.261  8.929   1.00 21.07 ? 319 PHE A CG   1 
ATOM   1192 C CD1  . PHE A 1 150 ? 5.896   -1.404  9.831   1.00 21.13 ? 319 PHE A CD1  1 
ATOM   1193 C CD2  . PHE A 1 150 ? 6.780   -0.409  7.851   1.00 17.79 ? 319 PHE A CD2  1 
ATOM   1194 C CE1  . PHE A 1 150 ? 4.714   -0.717  9.656   1.00 20.38 ? 319 PHE A CE1  1 
ATOM   1195 C CE2  . PHE A 1 150 ? 5.594   0.281   7.670   1.00 20.46 ? 319 PHE A CE2  1 
ATOM   1196 C CZ   . PHE A 1 150 ? 4.560   0.128   8.573   1.00 22.32 ? 319 PHE A CZ   1 
ATOM   1197 N N    . HIS A 1 151 ? 11.311  -2.232  10.773  1.00 22.76 ? 320 HIS A N    1 
ATOM   1198 C CA   . HIS A 1 151 ? 12.341  -3.145  11.247  1.00 23.25 ? 320 HIS A CA   1 
ATOM   1199 C C    . HIS A 1 151 ? 12.090  -3.509  12.705  1.00 28.27 ? 320 HIS A C    1 
ATOM   1200 O O    . HIS A 1 151 ? 11.972  -2.632  13.564  1.00 34.72 ? 320 HIS A O    1 
ATOM   1201 C CB   . HIS A 1 151 ? 13.722  -2.511  11.092  1.00 29.98 ? 320 HIS A CB   1 
ATOM   1202 C CG   . HIS A 1 151 ? 14.827  -3.322  11.695  1.00 29.72 ? 320 HIS A CG   1 
ATOM   1203 N ND1  . HIS A 1 151 ? 15.337  -4.451  11.091  1.00 41.36 ? 320 HIS A ND1  1 
ATOM   1204 C CD2  . HIS A 1 151 ? 15.515  -3.172  12.852  1.00 31.48 ? 320 HIS A CD2  1 
ATOM   1205 C CE1  . HIS A 1 151 ? 16.294  -4.960  11.848  1.00 33.06 ? 320 HIS A CE1  1 
ATOM   1206 N NE2  . HIS A 1 151 ? 16.421  -4.203  12.922  1.00 35.17 ? 320 HIS A NE2  1 
ATOM   1207 N N    . VAL A 1 152 ? 12.000  -4.806  12.982  1.00 24.69 ? 321 VAL A N    1 
ATOM   1208 C CA   . VAL A 1 152 ? 11.760  -5.294  14.334  1.00 31.30 ? 321 VAL A CA   1 
ATOM   1209 C C    . VAL A 1 152 ? 13.101  -5.479  15.033  1.00 37.89 ? 321 VAL A C    1 
ATOM   1210 O O    . VAL A 1 152 ? 14.002  -6.145  14.508  1.00 32.50 ? 321 VAL A O    1 
ATOM   1211 C CB   . VAL A 1 152 ? 10.957  -6.604  14.315  1.00 44.21 ? 321 VAL A CB   1 
ATOM   1212 C CG1  . VAL A 1 152 ? 10.673  -7.072  15.737  1.00 47.35 ? 321 VAL A CG1  1 
ATOM   1213 C CG2  . VAL A 1 152 ? 9.658   -6.417  13.539  1.00 44.22 ? 321 VAL A CG2  1 
ATOM   1214 N N    . GLU A 1 153 ? 13.229  -4.891  16.220  1.00 31.24 ? 322 GLU A N    1 
ATOM   1215 C CA   . GLU A 1 153 ? 14.479  -4.903  16.965  1.00 33.01 ? 322 GLU A CA   1 
ATOM   1216 C C    . GLU A 1 153 ? 14.577  -6.153  17.830  1.00 39.99 ? 322 GLU A C    1 
ATOM   1217 O O    . GLU A 1 153 ? 13.651  -6.477  18.579  1.00 31.26 ? 322 GLU A O    1 
ATOM   1218 C CB   . GLU A 1 153 ? 14.587  -3.650  17.833  1.00 38.29 ? 322 GLU A CB   1 
ATOM   1219 C CG   . GLU A 1 153 ? 14.620  -2.357  17.037  1.00 33.20 ? 322 GLU A CG   1 
ATOM   1220 C CD   . GLU A 1 153 ? 14.680  -1.131  17.923  1.00 36.36 ? 322 GLU A CD   1 
ATOM   1221 O OE1  . GLU A 1 153 ? 13.745  -0.933  18.726  1.00 41.24 ? 322 GLU A OE1  1 
ATOM   1222 O OE2  . GLU A 1 153 ? 15.669  -0.373  17.825  1.00 33.07 ? 322 GLU A OE2  1 
ATOM   1223 N N    . ASP A 1 154 ? 15.706  -6.846  17.724  1.00 34.64 ? 323 ASP A N    1 
ATOM   1224 C CA   . ASP A 1 154 ? 16.010  -8.041  18.507  1.00 41.60 ? 323 ASP A CA   1 
ATOM   1225 C C    . ASP A 1 154 ? 17.028  -7.643  19.573  1.00 49.68 ? 323 ASP A C    1 
ATOM   1226 O O    . ASP A 1 154 ? 18.237  -7.808  19.405  1.00 37.10 ? 323 ASP A O    1 
ATOM   1227 C CB   . ASP A 1 154 ? 16.540  -9.168  17.591  1.00 55.05 ? 323 ASP A CB   1 
ATOM   1228 C CG   . ASP A 1 154 ? 17.004  -10.387 18.365  1.00 47.96 ? 323 ASP A CG   1 
ATOM   1229 O OD1  . ASP A 1 154 ? 16.602  -10.540 19.539  1.00 59.37 ? 323 ASP A OD1  1 
ATOM   1230 O OD2  . ASP A 1 154 ? 17.778  -11.189 17.802  1.00 64.50 ? 323 ASP A OD2  1 
ATOM   1231 N N    . LEU A 1 155 ? 16.524  -7.104  20.684  1.00 40.66 ? 324 LEU A N    1 
ATOM   1232 C CA   . LEU A 1 155 ? 17.368  -6.557  21.748  1.00 47.29 ? 324 LEU A CA   1 
ATOM   1233 C C    . LEU A 1 155 ? 17.402  -7.551  22.907  1.00 47.81 ? 324 LEU A C    1 
ATOM   1234 O O    . LEU A 1 155 ? 16.660  -7.441  23.885  1.00 59.59 ? 324 LEU A O    1 
ATOM   1235 C CB   . LEU A 1 155 ? 16.853  -5.188  22.189  1.00 27.61 ? 324 LEU A CB   1 
ATOM   1236 C CG   . LEU A 1 155 ? 16.586  -4.167  21.081  1.00 31.31 ? 324 LEU A CG   1 
ATOM   1237 C CD1  . LEU A 1 155 ? 16.093  -2.854  21.670  1.00 38.59 ? 324 LEU A CD1  1 
ATOM   1238 C CD2  . LEU A 1 155 ? 17.828  -3.942  20.233  1.00 27.54 ? 324 LEU A CD2  1 
ATOM   1239 N N    . GLU A 1 156 ? 18.286  -8.536  22.790  1.00 58.28 ? 325 GLU A N    1 
ATOM   1240 C CA   . GLU A 1 156 ? 18.426  -9.551  23.831  1.00 62.22 ? 325 GLU A CA   1 
ATOM   1241 C C    . GLU A 1 156 ? 19.208  -9.009  25.021  1.00 59.53 ? 325 GLU A C    1 
ATOM   1242 O O    . GLU A 1 156 ? 20.086  -9.687  25.555  1.00 53.97 ? 325 GLU A O    1 
ATOM   1243 C CB   . GLU A 1 156 ? 19.115  -10.805 23.286  1.00 66.87 ? 325 GLU A CB   1 
ATOM   1244 C CG   . GLU A 1 156 ? 20.556  -10.598 22.844  1.00 53.22 ? 325 GLU A CG   1 
ATOM   1245 C CD   . GLU A 1 156 ? 20.675  -10.214 21.382  1.00 64.60 ? 325 GLU A CD   1 
ATOM   1246 O OE1  . GLU A 1 156 ? 19.669  -10.339 20.648  1.00 64.69 ? 325 GLU A OE1  1 
ATOM   1247 O OE2  . GLU A 1 156 ? 21.775  -9.793  20.965  1.00 63.35 ? 325 GLU A OE2  1 
HETATM 1248 C C    . ACE B 2 1   ? -16.683 5.946   0.523   1.00 28.26 ? 3   ACE B C    1 
HETATM 1249 O O    . ACE B 2 1   ? -17.407 5.231   -0.170  1.00 35.10 ? 3   ACE B O    1 
HETATM 1250 C CH3  . ACE B 2 1   ? -15.692 5.360   1.480   1.00 19.74 ? 3   ACE B CH3  1 
ATOM   1251 N N    . ILE B 2 2   ? -16.722 7.277   0.465   1.00 22.83 ? 4   ILE B N    1 
ATOM   1252 C CA   . ILE B 2 2   ? -15.861 8.116   1.291   1.00 25.17 ? 4   ILE B CA   1 
ATOM   1253 C C    . ILE B 2 2   ? -16.305 8.094   2.750   1.00 18.77 ? 4   ILE B C    1 
ATOM   1254 O O    . ILE B 2 2   ? -15.583 8.560   3.627   1.00 25.38 ? 4   ILE B O    1 
ATOM   1255 C CB   . ILE B 2 2   ? -15.820 9.563   0.765   1.00 24.77 ? 4   ILE B CB   1 
ATOM   1256 C CG1  . ILE B 2 2   ? -17.232 10.147  0.699   1.00 23.86 ? 4   ILE B CG1  1 
ATOM   1257 C CG2  . ILE B 2 2   ? -15.157 9.617   -0.602  1.00 31.16 ? 4   ILE B CG2  1 
ATOM   1258 C CD1  . ILE B 2 2   ? -17.268 11.610  0.295   1.00 36.02 ? 4   ILE B CD1  1 
ATOM   1259 N N    . TRP B 2 3   ? -17.492 7.556   3.008   1.00 29.38 ? 5   TRP B N    1 
ATOM   1260 C CA   . TRP B 2 3   ? -17.983 7.438   4.377   1.00 25.16 ? 5   TRP B CA   1 
ATOM   1261 C C    . TRP B 2 3   ? -17.269 6.299   5.106   1.00 31.59 ? 5   TRP B C    1 
ATOM   1262 O O    . TRP B 2 3   ? -17.417 6.134   6.316   1.00 36.47 ? 5   TRP B O    1 
ATOM   1263 C CB   . TRP B 2 3   ? -19.499 7.222   4.399   1.00 29.07 ? 5   TRP B CB   1 
ATOM   1264 C CG   . TRP B 2 3   ? -19.950 6.000   3.667   1.00 31.09 ? 5   TRP B CG   1 
ATOM   1265 C CD1  . TRP B 2 3   ? -20.397 5.933   2.381   1.00 30.66 ? 5   TRP B CD1  1 
ATOM   1266 C CD2  . TRP B 2 3   ? -19.995 4.664   4.178   1.00 42.48 ? 5   TRP B CD2  1 
ATOM   1267 N NE1  . TRP B 2 3   ? -20.717 4.637   2.057   1.00 35.32 ? 5   TRP B NE1  1 
ATOM   1268 C CE2  . TRP B 2 3   ? -20.481 3.837   3.145   1.00 46.87 ? 5   TRP B CE2  1 
ATOM   1269 C CE3  . TRP B 2 3   ? -19.672 4.085   5.411   1.00 48.64 ? 5   TRP B CE3  1 
ATOM   1270 C CZ2  . TRP B 2 3   ? -20.651 2.463   3.306   1.00 51.66 ? 5   TRP B CZ2  1 
ATOM   1271 C CZ3  . TRP B 2 3   ? -19.842 2.719   5.569   1.00 54.43 ? 5   TRP B CZ3  1 
ATOM   1272 C CH2  . TRP B 2 3   ? -20.327 1.923   4.523   1.00 48.30 ? 5   TRP B CH2  1 
HETATM 1273 N N    . NLE B 2 4   ? -16.489 5.524   4.362   1.00 27.19 ? 6   NLE B N    1 
HETATM 1274 C CA   . NLE B 2 4   ? -15.692 4.448   4.942   1.00 33.61 ? 6   NLE B CA   1 
HETATM 1275 C C    . NLE B 2 4   ? -14.296 4.971   5.283   1.00 33.66 ? 6   NLE B C    1 
HETATM 1276 O O    . NLE B 2 4   ? -13.509 4.297   5.947   1.00 30.53 ? 6   NLE B O    1 
HETATM 1277 C CB   . NLE B 2 4   ? -15.596 3.263   3.975   1.00 39.45 ? 6   NLE B CB   1 
HETATM 1278 C CG   . NLE B 2 4   ? -16.934 2.839   3.370   1.00 45.24 ? 6   NLE B CG   1 
HETATM 1279 C CD   . NLE B 2 4   ? -16.743 1.886   2.195   1.00 47.44 ? 6   NLE B CD   1 
HETATM 1280 C CE   . NLE B 2 4   ? -17.972 1.841   1.301   1.00 53.09 ? 6   NLE B CE   1 
HETATM 1281 H HA   . NLE B 2 4   ? -16.113 4.142   5.759   1.00 40.33 ? 6   NLE B HA   1 
HETATM 1282 H HB2  . NLE B 2 4   ? -15.233 2.501   4.452   1.00 47.34 ? 6   NLE B HB2  1 
HETATM 1283 H HB3  . NLE B 2 4   ? -15.005 3.505   3.245   1.00 47.34 ? 6   NLE B HB3  1 
HETATM 1284 H HG2  . NLE B 2 4   ? -17.404 3.624   3.049   1.00 54.29 ? 6   NLE B HG2  1 
HETATM 1285 H HG3  . NLE B 2 4   ? -17.461 2.384   4.046   1.00 54.29 ? 6   NLE B HG3  1 
HETATM 1286 H HD2  . NLE B 2 4   ? -16.580 0.992   2.532   1.00 56.93 ? 6   NLE B HD2  1 
HETATM 1287 H HD3  . NLE B 2 4   ? -15.991 2.185   1.661   1.00 56.93 ? 6   NLE B HD3  1 
HETATM 1288 H HE1  . NLE B 2 4   ? -18.148 2.728   0.950   1.00 63.71 ? 6   NLE B HE1  1 
HETATM 1289 H HE2  . NLE B 2 4   ? -18.736 1.540   1.818   1.00 63.71 ? 6   NLE B HE2  1 
HETATM 1290 H HE3  . NLE B 2 4   ? -17.815 1.227   0.567   1.00 63.71 ? 6   NLE B HE3  1 
HETATM 1291 N N    . AIB B 2 5   ? -14.003 6.184   4.821   1.00 23.35 ? 7   AIB B N    1 
HETATM 1292 C CA   . AIB B 2 5   ? -12.708 6.807   5.027   1.00 25.08 ? 7   AIB B CA   1 
HETATM 1293 C C    . AIB B 2 5   ? -12.054 6.646   6.413   1.00 26.28 ? 7   AIB B C    1 
HETATM 1294 O O    . AIB B 2 5   ? -10.880 6.293   6.579   1.00 19.21 ? 7   AIB B O    1 
HETATM 1295 C CB1  . AIB B 2 5   ? -11.677 6.223   4.050   1.00 34.93 ? 7   AIB B CB1  1 
HETATM 1296 C CB2  . AIB B 2 5   ? -12.797 8.323   4.755   1.00 20.90 ? 7   AIB B CB2  1 
HETATM 1297 H HB11 . AIB B 2 5   ? -11.996 6.426   3.000   1.00 41.92 ? 7   AIB B HB11 1 
HETATM 1298 H HB12 . AIB B 2 5   ? -11.611 5.119   4.207   1.00 41.92 ? 7   AIB B HB12 1 
HETATM 1299 H HB13 . AIB B 2 5   ? -10.670 6.672   4.216   1.00 41.92 ? 7   AIB B HB13 1 
HETATM 1300 H HB21 . AIB B 2 5   ? -11.796 8.784   4.933   1.00 25.08 ? 7   AIB B HB21 1 
HETATM 1301 H HB22 . AIB B 2 5   ? -13.543 8.784   5.445   1.00 25.08 ? 7   AIB B HB22 1 
HETATM 1302 H HB23 . AIB B 2 5   ? -13.106 8.522   3.702   1.00 25.08 ? 7   AIB B HB23 1 
ATOM   1303 N N    . GLN B 2 6   ? -12.848 6.913   7.445   1.00 18.30 ? 8   GLN B N    1 
ATOM   1304 C CA   . GLN B 2 6   ? -12.316 6.905   8.804   1.00 20.57 ? 8   GLN B CA   1 
ATOM   1305 C C    . GLN B 2 6   ? -11.964 5.498   9.269   1.00 24.87 ? 8   GLN B C    1 
ATOM   1306 O O    . GLN B 2 6   ? -11.085 5.317   10.111  1.00 19.69 ? 8   GLN B O    1 
ATOM   1307 C CB   . GLN B 2 6   ? -13.303 7.538   9.777   1.00 27.98 ? 8   GLN B CB   1 
ATOM   1308 C CG   . GLN B 2 6   ? -12.788 7.559   11.204  1.00 26.27 ? 8   GLN B CG   1 
ATOM   1309 C CD   . GLN B 2 6   ? -13.267 8.768   11.977  1.00 51.85 ? 8   GLN B CD   1 
ATOM   1310 O OE1  . GLN B 2 6   ? -14.468 9.023   12.071  1.00 46.62 ? 8   GLN B OE1  1 
ATOM   1311 N NE2  . GLN B 2 6   ? -12.324 9.530   12.526  1.00 44.04 ? 8   GLN B NE2  1 
ATOM   1312 N N    . GLY B 2 7   ? -12.663 4.502   8.722   1.00 22.79 ? 9   GLY B N    1 
ATOM   1313 C CA   . GLY B 2 7   ? -12.344 3.125   9.058   1.00 25.29 ? 9   GLY B CA   1 
ATOM   1314 C C    . GLY B 2 7   ? -10.901 2.776   8.754   1.00 25.37 ? 9   GLY B C    1 
ATOM   1315 O O    . GLY B 2 7   ? -10.178 2.266   9.612   1.00 30.75 ? 9   GLY B O    1 
ATOM   1316 N N    . GLY B 2 8   ? -10.456 3.056   7.527   1.00 22.36 ? 10  GLY B N    1 
ATOM   1317 C CA   . GLY B 2 8   ? -9.080  2.756   7.172   1.00 23.42 ? 10  GLY B CA   1 
ATOM   1318 C C    . GLY B 2 8   ? -8.062  3.637   7.869   1.00 21.76 ? 10  GLY B C    1 
ATOM   1319 O O    . GLY B 2 8   ? -6.943  3.194   8.150   1.00 20.78 ? 10  GLY B O    1 
ATOM   1320 N N    . ARG B 2 9   ? -8.423  4.890   8.165   1.00 19.44 ? 11  ARG B N    1 
ATOM   1321 C CA   . ARG B 2 9   ? -7.542  5.732   8.968   1.00 18.00 ? 11  ARG B CA   1 
ATOM   1322 C C    . ARG B 2 9   ? -7.319  5.115   10.343  1.00 16.78 ? 11  ARG B C    1 
ATOM   1323 O O    . ARG B 2 9   ? -6.190  5.073   10.846  1.00 20.28 ? 11  ARG B O    1 
ATOM   1324 C CB   . ARG B 2 9   ? -8.116  7.145   9.099   1.00 15.16 ? 11  ARG B CB   1 
ATOM   1325 C CG   . ARG B 2 9   ? -8.065  7.968   7.818   1.00 16.47 ? 11  ARG B CG   1 
ATOM   1326 C CD   . ARG B 2 9   ? -8.245  9.454   8.108   1.00 16.13 ? 11  ARG B CD   1 
ATOM   1327 N NE   . ARG B 2 9   ? -9.544  9.750   8.705   1.00 17.53 ? 11  ARG B NE   1 
ATOM   1328 C CZ   . ARG B 2 9   ? -10.589 10.222  8.033   1.00 29.37 ? 11  ARG B CZ   1 
ATOM   1329 N NH1  . ARG B 2 9   ? -10.494 10.461  6.731   1.00 23.05 ? 11  ARG B NH1  1 
ATOM   1330 N NH2  . ARG B 2 9   ? -11.731 10.458  8.663   1.00 19.98 ? 11  ARG B NH2  1 
ATOM   1331 N N    . ARG B 2 10  ? -8.392  4.623   10.966  1.00 18.42 ? 12  ARG B N    1 
ATOM   1332 C CA   . ARG B 2 10  ? -8.274  4.041   12.298  1.00 20.48 ? 12  ARG B CA   1 
ATOM   1333 C C    . ARG B 2 10  ? -7.487  2.740   12.262  1.00 18.71 ? 12  ARG B C    1 
ATOM   1334 O O    . ARG B 2 10  ? -6.586  2.525   13.082  1.00 22.41 ? 12  ARG B O    1 
ATOM   1335 C CB   . ARG B 2 10  ? -9.662  3.829   12.900  1.00 22.61 ? 12  ARG B CB   1 
ATOM   1336 C CG   . ARG B 2 10  ? -10.211 5.091   13.528  1.00 25.46 ? 12  ARG B CG   1 
ATOM   1337 C CD   . ARG B 2 10  ? -11.665 4.977   13.918  1.00 32.32 ? 12  ARG B CD   1 
ATOM   1338 N NE   . ARG B 2 10  ? -12.095 6.188   14.609  1.00 33.44 ? 12  ARG B NE   1 
ATOM   1339 C CZ   . ARG B 2 10  ? -13.349 6.619   14.659  1.00 37.93 ? 12  ARG B CZ   1 
ATOM   1340 N NH1  . ARG B 2 10  ? -14.310 5.937   14.052  1.00 35.86 ? 12  ARG B NH1  1 
ATOM   1341 N NH2  . ARG B 2 10  ? -13.639 7.736   15.311  1.00 48.19 ? 12  ARG B NH2  1 
ATOM   1342 N N    . LEU B 2 11  ? -7.812  1.856   11.318  1.00 15.40 ? 13  LEU B N    1 
ATOM   1343 C CA   . LEU B 2 11  ? -7.024  0.642   11.157  1.00 20.81 ? 13  LEU B CA   1 
ATOM   1344 C C    . LEU B 2 11  ? -5.558  0.975   10.915  1.00 17.21 ? 13  LEU B C    1 
ATOM   1345 O O    . LEU B 2 11  ? -4.664  0.332   11.478  1.00 21.57 ? 13  LEU B O    1 
ATOM   1346 C CB   . LEU B 2 11  ? -7.582  -0.200  10.011  1.00 20.83 ? 13  LEU B CB   1 
ATOM   1347 C CG   . LEU B 2 11  ? -6.647  -1.323  9.559   1.00 34.45 ? 13  LEU B CG   1 
ATOM   1348 C CD1  . LEU B 2 11  ? -6.149  -2.100  10.765  1.00 36.49 ? 13  LEU B CD1  1 
ATOM   1349 C CD2  . LEU B 2 11  ? -7.343  -2.247  8.573   1.00 45.88 ? 13  LEU B CD2  1 
ATOM   1350 N N    . GLY B 2 12  ? -5.290  1.977   10.078  1.00 25.05 ? 14  GLY B N    1 
ATOM   1351 C CA   . GLY B 2 12  ? -3.914  2.379   9.847   1.00 20.53 ? 14  GLY B CA   1 
ATOM   1352 C C    . GLY B 2 12  ? -3.220  2.838   11.115  1.00 18.55 ? 14  GLY B C    1 
ATOM   1353 O O    . GLY B 2 12  ? -2.054  2.514   11.347  1.00 20.33 ? 14  GLY B O    1 
ATOM   1354 N N    . ASP B 2 13  ? -3.930  3.593   11.956  1.00 17.74 ? 15  ASP B N    1 
ATOM   1355 C CA   . ASP B 2 13  ? -3.338  4.047   13.211  1.00 16.39 ? 15  ASP B CA   1 
ATOM   1356 C C    . ASP B 2 13  ? -3.119  2.893   14.182  1.00 14.42 ? 15  ASP B C    1 
ATOM   1357 O O    . ASP B 2 13  ? -2.169  2.928   14.970  1.00 16.20 ? 15  ASP B O    1 
ATOM   1358 C CB   . ASP B 2 13  ? -4.210  5.128   13.851  1.00 11.68 ? 15  ASP B CB   1 
ATOM   1359 C CG   . ASP B 2 13  ? -4.165  6.440   13.087  1.00 23.82 ? 15  ASP B CG   1 
ATOM   1360 O OD1  . ASP B 2 13  ? -3.217  6.636   12.301  1.00 20.37 ? 15  ASP B OD1  1 
ATOM   1361 O OD2  . ASP B 2 13  ? -5.071  7.279   13.273  1.00 26.52 ? 15  ASP B OD2  1 
ATOM   1362 N N    . GLU B 2 14  ? -3.978  1.871   14.149  1.00 12.72 ? 16  GLU B N    1 
ATOM   1363 C CA   . GLU B 2 14  ? -3.747  0.687   14.971  1.00 18.25 ? 16  GLU B CA   1 
ATOM   1364 C C    . GLU B 2 14  ? -2.454  -0.006  14.567  1.00 21.57 ? 16  GLU B C    1 
ATOM   1365 O O    . GLU B 2 14  ? -1.637  -0.374  15.420  1.00 23.08 ? 16  GLU B O    1 
ATOM   1366 C CB   . GLU B 2 14  ? -4.928  -0.279  14.856  1.00 18.32 ? 16  GLU B CB   1 
ATOM   1367 C CG   . GLU B 2 14  ? -6.242  0.267   15.403  1.00 15.84 ? 16  GLU B CG   1 
ATOM   1368 C CD   . GLU B 2 14  ? -7.421  -0.630  15.076  1.00 16.54 ? 16  GLU B CD   1 
ATOM   1369 O OE1  . GLU B 2 14  ? -7.194  -1.795  14.683  1.00 19.78 ? 16  GLU B OE1  1 
ATOM   1370 O OE2  . GLU B 2 14  ? -8.574  -0.169  15.209  1.00 24.46 ? 16  GLU B OE2  1 
ATOM   1371 N N    . ILE B 2 15  ? -2.256  -0.195  13.262  1.00 23.03 ? 17  ILE B N    1 
ATOM   1372 C CA   A ILE B 2 15  ? -1.023  -0.806  12.773  0.66 22.34 ? 17  ILE B CA   1 
ATOM   1373 C CA   B ILE B 2 15  ? -1.023  -0.811  12.784  0.34 21.69 ? 17  ILE B CA   1 
ATOM   1374 C C    . ILE B 2 15  ? 0.180   0.035   13.173  1.00 21.21 ? 17  ILE B C    1 
ATOM   1375 O O    . ILE B 2 15  ? 1.202   -0.490  13.632  1.00 23.70 ? 17  ILE B O    1 
ATOM   1376 C CB   A ILE B 2 15  ? -1.092  -1.003  11.248  0.66 20.31 ? 17  ILE B CB   1 
ATOM   1377 C CB   B ILE B 2 15  ? -1.102  -1.040  11.265  0.34 20.38 ? 17  ILE B CB   1 
ATOM   1378 C CG1  A ILE B 2 15  ? -2.298  -1.870  10.873  0.66 21.57 ? 17  ILE B CG1  1 
ATOM   1379 C CG1  B ILE B 2 15  ? -2.084  -2.179  10.966  0.34 21.11 ? 17  ILE B CG1  1 
ATOM   1380 C CG2  A ILE B 2 15  ? 0.196   -1.621  10.725  0.66 20.43 ? 17  ILE B CG2  1 
ATOM   1381 C CG2  B ILE B 2 15  ? 0.277   -1.334  10.692  0.34 20.15 ? 17  ILE B CG2  1 
ATOM   1382 C CD1  A ILE B 2 15  ? -2.287  -3.242  11.510  0.66 18.74 ? 17  ILE B CD1  1 
ATOM   1383 C CD1  B ILE B 2 15  ? -2.683  -2.131  9.584   0.34 17.57 ? 17  ILE B CD1  1 
ATOM   1384 N N    . ASN B 2 16  ? 0.081   1.358   13.009  1.00 15.81 ? 18  ASN B N    1 
ATOM   1385 C CA   . ASN B 2 16  ? 1.204   2.218   13.362  1.00 20.40 ? 18  ASN B CA   1 
ATOM   1386 C C    . ASN B 2 16  ? 1.491   2.162   14.855  1.00 21.98 ? 18  ASN B C    1 
ATOM   1387 O O    . ASN B 2 16  ? 2.653   2.101   15.270  1.00 23.96 ? 18  ASN B O    1 
ATOM   1388 C CB   . ASN B 2 16  ? 0.933   3.654   12.917  1.00 15.08 ? 18  ASN B CB   1 
ATOM   1389 C CG   . ASN B 2 16  ? 2.193   4.497   12.872  1.00 22.00 ? 18  ASN B CG   1 
ATOM   1390 O OD1  . ASN B 2 16  ? 2.886   4.541   11.855  1.00 23.29 ? 18  ASN B OD1  1 
ATOM   1391 N ND2  . ASN B 2 16  ? 2.503   5.167   13.977  1.00 15.99 ? 18  ASN B ND2  1 
ATOM   1392 N N    . ALA B 2 17  ? 0.443   2.177   15.681  1.00 23.41 ? 19  ALA B N    1 
ATOM   1393 C CA   . ALA B 2 17  ? 0.648   2.136   17.123  1.00 24.46 ? 19  ALA B CA   1 
ATOM   1394 C C    . ALA B 2 17  ? 1.216   0.795   17.570  1.00 27.11 ? 19  ALA B C    1 
ATOM   1395 O O    . ALA B 2 17  ? 1.911   0.728   18.589  1.00 25.49 ? 19  ALA B O    1 
ATOM   1396 C CB   . ALA B 2 17  ? -0.661  2.439   17.852  1.00 15.40 ? 19  ALA B CB   1 
ATOM   1397 N N    . TYR B 2 18  ? 0.935   -0.277  16.831  1.00 19.09 ? 20  TYR B N    1 
ATOM   1398 C CA   . TYR B 2 18  ? 1.490   -1.578  17.185  1.00 27.22 ? 20  TYR B CA   1 
ATOM   1399 C C    . TYR B 2 18  ? 3.003   -1.584  17.016  1.00 33.88 ? 20  TYR B C    1 
ATOM   1400 O O    . TYR B 2 18  ? 3.747   -1.880  17.959  1.00 34.24 ? 20  TYR B O    1 
ATOM   1401 C CB   . TYR B 2 18  ? 0.848   -2.676  16.336  1.00 27.49 ? 20  TYR B CB   1 
ATOM   1402 C CG   . TYR B 2 18  ? 1.466   -4.043  16.543  1.00 38.72 ? 20  TYR B CG   1 
ATOM   1403 C CD1  . TYR B 2 18  ? 0.957   -4.920  17.490  1.00 40.55 ? 20  TYR B CD1  1 
ATOM   1404 C CD2  . TYR B 2 18  ? 2.563   -4.455  15.792  1.00 37.32 ? 20  TYR B CD2  1 
ATOM   1405 C CE1  . TYR B 2 18  ? 1.520   -6.170  17.684  1.00 44.00 ? 20  TYR B CE1  1 
ATOM   1406 C CE2  . TYR B 2 18  ? 3.134   -5.702  15.981  1.00 42.20 ? 20  TYR B CE2  1 
ATOM   1407 C CZ   . TYR B 2 18  ? 2.605   -6.556  16.929  1.00 52.09 ? 20  TYR B CZ   1 
ATOM   1408 O OH   . TYR B 2 18  ? 3.165   -7.801  17.124  1.00 63.41 ? 20  TYR B OH   1 
ATOM   1409 N N    . TYR B 2 19  ? 3.478   -1.259  15.810  1.00 30.12 ? 21  TYR B N    1 
ATOM   1410 C CA   . TYR B 2 19  ? 4.912   -1.253  15.551  1.00 32.03 ? 21  TYR B CA   1 
ATOM   1411 C C    . TYR B 2 19  ? 5.629   -0.152  16.310  1.00 31.32 ? 21  TYR B C    1 
ATOM   1412 O O    . TYR B 2 19  ? 6.837   -0.265  16.551  1.00 39.18 ? 21  TYR B O    1 
ATOM   1413 C CB   . TYR B 2 19  ? 5.181   -1.104  14.056  1.00 26.60 ? 21  TYR B CB   1 
ATOM   1414 C CG   . TYR B 2 19  ? 4.969   -2.380  13.281  1.00 31.30 ? 21  TYR B CG   1 
ATOM   1415 C CD1  . TYR B 2 19  ? 6.000   -3.299  13.130  1.00 28.79 ? 21  TYR B CD1  1 
ATOM   1416 C CD2  . TYR B 2 19  ? 3.741   -2.674  12.710  1.00 21.22 ? 21  TYR B CD2  1 
ATOM   1417 C CE1  . TYR B 2 19  ? 5.814   -4.473  12.426  1.00 26.52 ? 21  TYR B CE1  1 
ATOM   1418 C CE2  . TYR B 2 19  ? 3.543   -3.846  12.005  1.00 22.61 ? 21  TYR B CE2  1 
ATOM   1419 C CZ   . TYR B 2 19  ? 4.584   -4.741  11.865  1.00 22.54 ? 21  TYR B CZ   1 
ATOM   1420 O OH   . TYR B 2 19  ? 4.396   -5.909  11.164  1.00 37.07 ? 21  TYR B OH   1 
ATOM   1421 N N    . ALA B 2 20  ? 4.915   0.907   16.697  1.00 32.35 ? 22  ALA B N    1 
ATOM   1422 C CA   . ALA B 2 20  ? 5.536   2.004   17.425  1.00 30.19 ? 22  ALA B CA   1 
ATOM   1423 C C    . ALA B 2 20  ? 6.219   1.543   18.704  1.00 55.48 ? 22  ALA B C    1 
ATOM   1424 O O    . ALA B 2 20  ? 6.959   2.328   19.307  1.00 65.21 ? 22  ALA B O    1 
ATOM   1425 C CB   . ALA B 2 20  ? 4.498   3.076   17.753  1.00 29.58 ? 22  ALA B CB   1 
ATOM   1426 N N    . ARG B 2 21  ? 5.997   0.303   19.130  1.00 57.41 ? 23  ARG B N    1 
ATOM   1427 C CA   . ARG B 2 21  ? 6.686   -0.282  20.272  1.00 63.27 ? 23  ARG B CA   1 
ATOM   1428 C C    . ARG B 2 21  ? 7.413   -1.567  19.875  1.00 59.28 ? 23  ARG B C    1 
ATOM   1429 O O    . ARG B 2 21  ? 7.374   -2.567  20.593  1.00 69.55 ? 23  ARG B O    1 
ATOM   1430 C CB   . ARG B 2 21  ? 5.711   -0.541  21.421  1.00 66.94 ? 23  ARG B CB   1 
ATOM   1431 C CG   . ARG B 2 21  ? 6.385   -0.950  22.719  1.00 70.89 ? 23  ARG B CG   1 
ATOM   1432 C CD   . ARG B 2 21  ? 5.388   -1.074  23.864  1.00 83.99 ? 23  ARG B CD   1 
ATOM   1433 N NE   . ARG B 2 21  ? 6.029   -1.564  25.082  1.00 82.83 ? 23  ARG B NE   1 
ATOM   1434 C CZ   . ARG B 2 21  ? 5.415   -1.689  26.254  1.00 90.50 ? 23  ARG B CZ   1 
ATOM   1435 N NH1  . ARG B 2 21  ? 4.135   -1.357  26.376  1.00 73.03 ? 23  ARG B NH1  1 
ATOM   1436 N NH2  . ARG B 2 21  ? 6.082   -2.146  27.308  1.00 82.39 ? 23  ARG B NH2  1 
ATOM   1437 N N    . ARG B 2 22  ? 8.086   -1.557  18.725  1.00 50.16 ? 24  ARG B N    1 
ATOM   1438 C CA   . ARG B 2 22  ? 8.848   -2.722  18.278  1.00 52.01 ? 24  ARG B CA   1 
ATOM   1439 C C    . ARG B 2 22  ? 10.336  -2.404  18.144  1.00 52.24 ? 24  ARG B C    1 
ATOM   1440 O O    . ARG B 2 22  ? 11.104  -3.195  17.587  1.00 49.30 ? 24  ARG B O    1 
ATOM   1441 C CB   . ARG B 2 22  ? 8.309   -3.252  16.945  1.00 42.26 ? 24  ARG B CB   1 
ATOM   1442 C CG   . ARG B 2 22  ? 6.857   -3.705  17.011  1.00 51.41 ? 24  ARG B CG   1 
ATOM   1443 C CD   . ARG B 2 22  ? 6.648   -4.689  18.152  1.00 52.70 ? 24  ARG B CD   1 
ATOM   1444 N NE   . ARG B 2 22  ? 5.243   -4.803  18.537  1.00 62.26 ? 24  ARG B NE   1 
ATOM   1445 C CZ   . ARG B 2 22  ? 4.823   -5.404  19.646  1.00 65.63 ? 24  ARG B CZ   1 
ATOM   1446 N NH1  . ARG B 2 22  ? 5.704   -5.941  20.479  1.00 70.52 ? 24  ARG B NH1  1 
ATOM   1447 N NH2  . ARG B 2 22  ? 3.527   -5.465  19.927  1.00 69.18 ? 24  ARG B NH2  1 
HETATM 1448 N N    . NH2 B 2 23  ? 10.741  -1.250  18.661  1.00 34.96 ? 25  NH2 B N    1 
HETATM 1449 C C1   . ADM C 3 .   ? -8.873  2.685   5.652   1.00 29.99 ? 101 ADM B C1   1 
HETATM 1450 C C2   . ADM C 3 .   ? -7.556  1.974   5.349   1.00 37.40 ? 101 ADM B C2   1 
HETATM 1451 C C3   . ADM C 3 .   ? -7.332  1.883   3.846   1.00 30.02 ? 101 ADM B C3   1 
HETATM 1452 C C4   . ADM C 3 .   ? -7.311  3.287   3.255   1.00 40.96 ? 101 ADM B C4   1 
HETATM 1453 C C5   . ADM C 3 .   ? -8.636  3.981   3.528   1.00 34.29 ? 101 ADM B C5   1 
HETATM 1454 C C6   . ADM C 3 .   ? -9.743  3.161   2.882   1.00 29.01 ? 101 ADM B C6   1 
HETATM 1455 C C7   . ADM C 3 .   ? -9.786  1.771   3.500   1.00 35.16 ? 101 ADM B C7   1 
HETATM 1456 C C8   . ADM C 3 .   ? -10.010 1.899   5.003   1.00 32.12 ? 101 ADM B C8   1 
HETATM 1457 C C9   . ADM C 3 .   ? -8.844  4.079   5.037   1.00 25.37 ? 101 ADM B C9   1 
HETATM 1458 C C10  . ADM C 3 .   ? -8.461  1.071   3.231   1.00 33.86 ? 101 ADM B C10  1 
HETATM 1459 H H21  . ADM C 3 .   ? -7.575  0.969   5.778   1.00 44.89 ? 101 ADM B H21  1 
HETATM 1460 H H22  . ADM C 3 .   ? -6.731  2.521   5.810   1.00 44.89 ? 101 ADM B H22  1 
HETATM 1461 H H3   . ADM C 3 .   ? -6.372  1.386   3.647   1.00 36.03 ? 101 ADM B H3   1 
HETATM 1462 H H41  . ADM C 3 .   ? -6.496  3.861   3.700   1.00 49.15 ? 101 ADM B H41  1 
HETATM 1463 H H42  . ADM C 3 .   ? -7.140  3.231   2.178   1.00 49.15 ? 101 ADM B H42  1 
HETATM 1464 H H5   . ADM C 3 .   ? -8.621  4.989   3.092   1.00 41.15 ? 101 ADM B H5   1 
HETATM 1465 H H61  . ADM C 3 .   ? -9.562  3.081   1.808   1.00 34.81 ? 101 ADM B H61  1 
HETATM 1466 H H62  . ADM C 3 .   ? -10.704 3.658   3.029   1.00 34.81 ? 101 ADM B H62  1 
HETATM 1467 H H7   . ADM C 3 .   ? -10.607 1.194   3.052   1.00 42.19 ? 101 ADM B H7   1 
HETATM 1468 H H81  . ADM C 3 .   ? -10.959 2.407   5.189   1.00 38.54 ? 101 ADM B H81  1 
HETATM 1469 H H82  . ADM C 3 .   ? -10.067 0.904   5.449   1.00 38.54 ? 101 ADM B H82  1 
HETATM 1470 H H91  . ADM C 3 .   ? -8.035  4.661   5.483   1.00 30.45 ? 101 ADM B H91  1 
HETATM 1471 H H92  . ADM C 3 .   ? -9.786  4.593   5.246   1.00 30.45 ? 101 ADM B H92  1 
HETATM 1472 H H101 . ADM C 3 .   ? -8.477  0.069   3.665   1.00 40.63 ? 101 ADM B H101 1 
HETATM 1473 H H102 . ADM C 3 .   ? -8.305  0.975   2.154   1.00 40.63 ? 101 ADM B H102 1 
HETATM 1474 O O    . HOH D 4 .   ? 3.630   13.515  -9.608  1.00 44.25 ? 401 HOH A O    1 
HETATM 1475 O O    . HOH D 4 .   ? -5.621  12.849  2.164   1.00 33.61 ? 402 HOH A O    1 
HETATM 1476 O O    . HOH D 4 .   ? 12.520  -2.195  -12.142 1.00 33.11 ? 403 HOH A O    1 
HETATM 1477 O O    . HOH D 4 .   ? 4.120   -12.566 0.537   1.00 33.62 ? 404 HOH A O    1 
HETATM 1478 O O    . HOH D 4 .   ? 10.053  14.070  -5.638  1.00 37.59 ? 405 HOH A O    1 
HETATM 1479 O O    . HOH D 4 .   ? 15.177  8.452   -11.545 1.00 35.35 ? 406 HOH A O    1 
HETATM 1480 O O    . HOH D 4 .   ? 3.905   -11.270 -1.810  1.00 35.98 ? 407 HOH A O    1 
HETATM 1481 O O    . HOH D 4 .   ? 4.944   12.543  -11.002 1.00 43.49 ? 408 HOH A O    1 
HETATM 1482 O O    . HOH D 4 .   ? -2.528  -4.661  -14.920 1.00 26.88 ? 409 HOH A O    1 
HETATM 1483 O O    . HOH D 4 .   ? -8.287  -1.803  -17.991 1.00 47.49 ? 410 HOH A O    1 
HETATM 1484 O O    . HOH D 4 .   ? -17.039 1.669   -6.635  1.00 44.60 ? 411 HOH A O    1 
HETATM 1485 O O    . HOH D 4 .   ? 14.920  0.741   -7.753  1.00 48.25 ? 412 HOH A O    1 
HETATM 1486 O O    . HOH D 4 .   ? 5.948   -8.316  -8.874  1.00 21.87 ? 413 HOH A O    1 
HETATM 1487 O O    . HOH D 4 .   ? -7.612  -10.155 -16.646 1.00 42.00 ? 414 HOH A O    1 
HETATM 1488 O O    . HOH D 4 .   ? -9.266  -10.022 -2.514  1.00 35.02 ? 415 HOH A O    1 
HETATM 1489 O O    . HOH D 4 .   ? 4.643   -10.583 -10.048 1.00 24.56 ? 416 HOH A O    1 
HETATM 1490 O O    . HOH D 4 .   ? 13.156  6.601   -1.092  1.00 28.83 ? 417 HOH A O    1 
HETATM 1491 O O    . HOH D 4 .   ? -12.318 -10.929 -2.107  1.00 45.99 ? 418 HOH A O    1 
HETATM 1492 O O    . HOH D 4 .   ? 11.956  -3.514  7.773   1.00 25.63 ? 419 HOH A O    1 
HETATM 1493 O O    . HOH D 4 .   ? 17.872  -1.340  16.523  1.00 24.09 ? 420 HOH A O    1 
HETATM 1494 O O    . HOH D 4 .   ? 14.320  -4.677  8.561   1.00 39.57 ? 421 HOH A O    1 
HETATM 1495 O O    . HOH D 4 .   ? 2.877   16.391  -2.452  1.00 32.34 ? 422 HOH A O    1 
HETATM 1496 O O    . HOH D 4 .   ? 10.348  -8.525  -7.361  1.00 30.25 ? 423 HOH A O    1 
HETATM 1497 O O    . HOH D 4 .   ? 18.336  -1.354  9.719   1.00 32.76 ? 424 HOH A O    1 
HETATM 1498 O O    . HOH D 4 .   ? -0.769  -14.200 -3.670  1.00 46.14 ? 425 HOH A O    1 
HETATM 1499 O O    . HOH D 4 .   ? 7.720   -9.147  -7.467  1.00 27.88 ? 426 HOH A O    1 
HETATM 1500 O O    . HOH D 4 .   ? 9.396   -14.167 -12.299 1.00 22.50 ? 427 HOH A O    1 
HETATM 1501 O O    . HOH D 4 .   ? -3.485  14.130  0.605   1.00 43.75 ? 428 HOH A O    1 
HETATM 1502 O O    . HOH D 4 .   ? 14.902  -15.531 -12.589 1.00 41.91 ? 429 HOH A O    1 
HETATM 1503 O O    . HOH D 4 .   ? 1.770   -3.557  -15.092 1.00 47.44 ? 430 HOH A O    1 
HETATM 1504 O O    . HOH D 4 .   ? 8.674   -16.393 -9.740  1.00 28.07 ? 431 HOH A O    1 
HETATM 1505 O O    . HOH D 4 .   ? -10.401 -10.154 10.018  1.00 49.28 ? 432 HOH A O    1 
HETATM 1506 O O    . HOH D 4 .   ? 7.069   -16.520 -6.235  1.00 36.33 ? 433 HOH A O    1 
HETATM 1507 O O    . HOH D 4 .   ? 1.347   -6.726  9.810   1.00 30.46 ? 434 HOH A O    1 
HETATM 1508 O O    . HOH D 4 .   ? 10.230  7.283   9.104   1.00 22.14 ? 435 HOH A O    1 
HETATM 1509 O O    . HOH D 4 .   ? 16.845  1.147   4.600   1.00 26.16 ? 436 HOH A O    1 
HETATM 1510 O O    . HOH D 4 .   ? -4.368  5.222   -12.567 1.00 43.28 ? 437 HOH A O    1 
HETATM 1511 O O    . HOH D 4 .   ? 12.129  -9.385  -4.603  1.00 40.24 ? 438 HOH A O    1 
HETATM 1512 O O    . HOH D 4 .   ? 17.031  -6.623  -6.562  1.00 46.75 ? 439 HOH A O    1 
HETATM 1513 O O    . HOH D 4 .   ? 12.544  -6.878  10.892  1.00 38.04 ? 440 HOH A O    1 
HETATM 1514 O O    . HOH D 4 .   ? 0.519   9.246   13.748  1.00 22.02 ? 441 HOH A O    1 
HETATM 1515 O O    . HOH D 4 .   ? 3.557   16.184  2.412   1.00 39.24 ? 442 HOH A O    1 
HETATM 1516 O O    . HOH D 4 .   ? 3.843   13.356  10.846  1.00 39.17 ? 443 HOH A O    1 
HETATM 1517 O O    . HOH D 4 .   ? 18.750  -4.801  -5.516  1.00 46.94 ? 444 HOH A O    1 
HETATM 1518 O O    . HOH D 4 .   ? 0.907   -18.707 -8.989  1.00 45.34 ? 445 HOH A O    1 
HETATM 1519 O O    . HOH D 4 .   ? 12.396  -8.113  -2.465  1.00 37.74 ? 446 HOH A O    1 
HETATM 1520 O O    . HOH D 4 .   ? 4.107   16.964  -4.955  1.00 37.18 ? 447 HOH A O    1 
HETATM 1521 O O    . HOH D 4 .   ? 14.485  -7.330  26.103  1.00 46.83 ? 448 HOH A O    1 
HETATM 1522 O O    . HOH D 4 .   ? 2.936   -13.888 -3.765  1.00 44.50 ? 449 HOH A O    1 
HETATM 1523 O O    . HOH D 4 .   ? 1.290   13.191  11.324  1.00 36.58 ? 450 HOH A O    1 
HETATM 1524 O O    . HOH D 4 .   ? -10.600 -7.614  10.251  1.00 44.53 ? 451 HOH A O    1 
HETATM 1525 O O    . HOH D 4 .   ? -0.471  -6.701  11.281  1.00 34.46 ? 452 HOH A O    1 
HETATM 1526 O O    . HOH D 4 .   ? 18.144  -4.171  15.789  1.00 33.47 ? 453 HOH A O    1 
HETATM 1527 O O    . HOH D 4 .   ? -8.556  8.826   13.255  1.00 41.29 ? 454 HOH A O    1 
HETATM 1528 O O    . HOH D 4 .   ? -8.163  18.550  9.619   1.00 43.88 ? 455 HOH A O    1 
HETATM 1529 O O    . HOH D 4 .   ? -0.737  -6.870  -14.123 1.00 39.95 ? 456 HOH A O    1 
HETATM 1530 O O    . HOH D 4 .   ? -0.037  12.933  14.074  1.00 44.84 ? 457 HOH A O    1 
HETATM 1531 O O    . HOH E 4 .   ? -14.423 3.665   14.190  1.00 37.26 ? 201 HOH B O    1 
HETATM 1532 O O    . HOH E 4 .   ? -7.189  6.907   14.691  1.00 31.25 ? 202 HOH B O    1 
HETATM 1533 O O    . HOH E 4 .   ? 4.784   6.077   10.942  1.00 22.40 ? 203 HOH B O    1 
HETATM 1534 O O    . HOH E 4 .   ? 6.547   -7.517  11.378  1.00 38.78 ? 204 HOH B O    1 
HETATM 1535 O O    . HOH E 4 .   ? 1.190   5.527   16.538  1.00 34.34 ? 205 HOH B O    1 
HETATM 1536 O O    . HOH E 4 .   ? -9.579  10.026  11.697  1.00 35.46 ? 206 HOH B O    1 
HETATM 1537 O O    . HOH E 4 .   ? 4.987   6.835   13.835  1.00 36.92 ? 207 HOH B O    1 
HETATM 1538 O O    . HOH E 4 .   ? -15.397 8.552   7.604   1.00 23.74 ? 208 HOH B O    1 
HETATM 1539 O O    . HOH E 4 .   ? -3.919  9.585   14.954  1.00 33.86 ? 209 HOH B O    1 
HETATM 1540 O O    . HOH E 4 .   ? -1.300  5.597   16.360  1.00 35.98 ? 210 HOH B O    1 
# 
